data_5QXV
# 
_entry.id   5QXV 
# 
_audit_conform.dict_name       mmcif_pdbx.dic 
_audit_conform.dict_version    5.387 
_audit_conform.dict_location   http://mmcif.pdb.org/dictionaries/ascii/mmcif_pdbx.dic 
# 
loop_
_database_2.database_id 
_database_2.database_code 
_database_2.pdbx_database_accession 
_database_2.pdbx_DOI 
PDB   5QXV         pdb_00005qxv 10.2210/pdb5qxv/pdb 
WWPDB D_1001402460 ?            ?                   
# 
loop_
_pdbx_audit_revision_history.ordinal 
_pdbx_audit_revision_history.data_content_type 
_pdbx_audit_revision_history.major_revision 
_pdbx_audit_revision_history.minor_revision 
_pdbx_audit_revision_history.revision_date 
1 'Structure model' 1 0 2020-04-08 
2 'Structure model' 1 1 2024-03-06 
# 
_pdbx_audit_revision_details.ordinal             1 
_pdbx_audit_revision_details.revision_ordinal    1 
_pdbx_audit_revision_details.data_content_type   'Structure model' 
_pdbx_audit_revision_details.provider            repository 
_pdbx_audit_revision_details.type                'Initial release' 
_pdbx_audit_revision_details.description         ? 
_pdbx_audit_revision_details.details             ? 
# 
loop_
_pdbx_audit_revision_group.ordinal 
_pdbx_audit_revision_group.revision_ordinal 
_pdbx_audit_revision_group.data_content_type 
_pdbx_audit_revision_group.group 
1 2 'Structure model' 'Data collection'     
2 2 'Structure model' 'Database references' 
# 
loop_
_pdbx_audit_revision_category.ordinal 
_pdbx_audit_revision_category.revision_ordinal 
_pdbx_audit_revision_category.data_content_type 
_pdbx_audit_revision_category.category 
1 2 'Structure model' chem_comp_atom 
2 2 'Structure model' chem_comp_bond 
3 2 'Structure model' database_2     
# 
loop_
_pdbx_audit_revision_item.ordinal 
_pdbx_audit_revision_item.revision_ordinal 
_pdbx_audit_revision_item.data_content_type 
_pdbx_audit_revision_item.item 
1 2 'Structure model' '_database_2.pdbx_DOI'                
2 2 'Structure model' '_database_2.pdbx_database_accession' 
# 
_pdbx_database_status.entry_id                        5QXV 
_pdbx_database_status.status_code                     REL 
_pdbx_database_status.status_code_sf                  REL 
_pdbx_database_status.status_code_mr                  ? 
_pdbx_database_status.status_code_cs                  ? 
_pdbx_database_status.recvd_initial_deposition_date   2020-02-11 
_pdbx_database_status.deposit_site                    RCSB 
_pdbx_database_status.process_site                    RCSB 
_pdbx_database_status.SG_entry                        ? 
_pdbx_database_status.pdb_format_compatible           Y 
_pdbx_database_status.methods_development_category    ? 
_pdbx_database_status.status_code_nmr_data            ? 
# 
loop_
_audit_author.name 
_audit_author.pdbx_ordinal 
'Snee, M.'         1 
'Talon, R.'        2 
'Fowley, D.'       3 
'Collins, P.'      4 
'Nelson, A.'       5 
'Arrowsmith, C.H.' 6 
'Bountra, C.'      7 
'Edwards, A.'      8 
'Von-Delft, F.'    9 
# 
_citation.id                        primary 
_citation.title                     'PanDDA analysis group deposition - Bromodomain of human ATAD2 fragment screening' 
_citation.journal_abbrev            'To Be Published' 
_citation.journal_volume            ? 
_citation.page_first                ? 
_citation.page_last                 ? 
_citation.year                      ? 
_citation.journal_id_ASTM           ? 
_citation.country                   ? 
_citation.journal_id_ISSN           ? 
_citation.journal_id_CSD            0353 
_citation.book_publisher            ? 
_citation.pdbx_database_id_PubMed   ? 
_citation.pdbx_database_id_DOI      ? 
# 
loop_
_citation_author.citation_id 
_citation_author.name 
_citation_author.identifier_ORCID 
_citation_author.ordinal 
primary 'Snee, M.'         ? 1 
primary 'Talon, R.'        ? 2 
primary 'Fowley, D.'       ? 3 
primary 'Collins, P.'      ? 4 
primary 'Nelson, A.'       ? 5 
primary 'Arrowsmith, C.H.' ? 6 
primary 'Bountra, C.'      ? 7 
primary 'Edwards, A.'      ? 8 
primary 'Von-Delft, F.'    ? 9 
# 
loop_
_entity.id 
_entity.type 
_entity.src_method 
_entity.pdbx_description 
_entity.formula_weight 
_entity.pdbx_number_of_molecules 
_entity.pdbx_ec 
_entity.pdbx_mutation 
_entity.pdbx_fragment 
_entity.details 
1 polymer     man 'ATPase family AAA domain-containing protein 2' 15512.562 1   3.6.1.3 ? ? ? 
2 non-polymer syn 
"(3aR,10R,10aR,11aR)-1,2,3,5,10,10a,11,11a-octahydro-3a,10-ethanopyrrolo[3',4':4,5]pyrrolo[1,2-b]isoquinolin-13-one" 254.327   1   
?       ? ? ? 
3 non-polymer syn 'SULFATE ION' 96.063    2   ?       ? ? ? 
4 non-polymer syn 1,2-ETHANEDIOL 62.068    3   ?       ? ? ? 
5 water       nat water 18.015    221 ?       ? ? ? 
# 
_entity_name_com.entity_id   1 
_entity_name_com.name        'AAA nuclear coregulator cancer-associated protein,ANCCA' 
# 
_entity_poly.entity_id                      1 
_entity_poly.type                           'polypeptide(L)' 
_entity_poly.nstd_linkage                   no 
_entity_poly.nstd_monomer                   no 
_entity_poly.pdbx_seq_one_letter_code       
;SMQEEDTFRELRIFLRNVTHRLAIDKRFRVFTKPVDPDEVPDYRTVIKEPMDLSSVISKIDLHKYLTVKDYLRDIDLICS
NALEYNPDRDPGDRLIRHRACALRDTAYAIIKEELDEDFEQLCEEIQESR
;
_entity_poly.pdbx_seq_one_letter_code_can   
;SMQEEDTFRELRIFLRNVTHRLAIDKRFRVFTKPVDPDEVPDYRTVIKEPMDLSSVISKIDLHKYLTVKDYLRDIDLICS
NALEYNPDRDPGDRLIRHRACALRDTAYAIIKEELDEDFEQLCEEIQESR
;
_entity_poly.pdbx_strand_id                 A 
_entity_poly.pdbx_target_identifier         ? 
# 
loop_
_pdbx_entity_nonpoly.entity_id 
_pdbx_entity_nonpoly.name 
_pdbx_entity_nonpoly.comp_id 
2 "(3aR,10R,10aR,11aR)-1,2,3,5,10,10a,11,11a-octahydro-3a,10-ethanopyrrolo[3',4':4,5]pyrrolo[1,2-b]isoquinolin-13-one" RJG 
3 'SULFATE ION'                                                                                                        SO4 
4 1,2-ETHANEDIOL                                                                                                       EDO 
5 water                                                                                                                HOH 
# 
loop_
_entity_poly_seq.entity_id 
_entity_poly_seq.num 
_entity_poly_seq.mon_id 
_entity_poly_seq.hetero 
1 1   SER n 
1 2   MET n 
1 3   GLN n 
1 4   GLU n 
1 5   GLU n 
1 6   ASP n 
1 7   THR n 
1 8   PHE n 
1 9   ARG n 
1 10  GLU n 
1 11  LEU n 
1 12  ARG n 
1 13  ILE n 
1 14  PHE n 
1 15  LEU n 
1 16  ARG n 
1 17  ASN n 
1 18  VAL n 
1 19  THR n 
1 20  HIS n 
1 21  ARG n 
1 22  LEU n 
1 23  ALA n 
1 24  ILE n 
1 25  ASP n 
1 26  LYS n 
1 27  ARG n 
1 28  PHE n 
1 29  ARG n 
1 30  VAL n 
1 31  PHE n 
1 32  THR n 
1 33  LYS n 
1 34  PRO n 
1 35  VAL n 
1 36  ASP n 
1 37  PRO n 
1 38  ASP n 
1 39  GLU n 
1 40  VAL n 
1 41  PRO n 
1 42  ASP n 
1 43  TYR n 
1 44  ARG n 
1 45  THR n 
1 46  VAL n 
1 47  ILE n 
1 48  LYS n 
1 49  GLU n 
1 50  PRO n 
1 51  MET n 
1 52  ASP n 
1 53  LEU n 
1 54  SER n 
1 55  SER n 
1 56  VAL n 
1 57  ILE n 
1 58  SER n 
1 59  LYS n 
1 60  ILE n 
1 61  ASP n 
1 62  LEU n 
1 63  HIS n 
1 64  LYS n 
1 65  TYR n 
1 66  LEU n 
1 67  THR n 
1 68  VAL n 
1 69  LYS n 
1 70  ASP n 
1 71  TYR n 
1 72  LEU n 
1 73  ARG n 
1 74  ASP n 
1 75  ILE n 
1 76  ASP n 
1 77  LEU n 
1 78  ILE n 
1 79  CYS n 
1 80  SER n 
1 81  ASN n 
1 82  ALA n 
1 83  LEU n 
1 84  GLU n 
1 85  TYR n 
1 86  ASN n 
1 87  PRO n 
1 88  ASP n 
1 89  ARG n 
1 90  ASP n 
1 91  PRO n 
1 92  GLY n 
1 93  ASP n 
1 94  ARG n 
1 95  LEU n 
1 96  ILE n 
1 97  ARG n 
1 98  HIS n 
1 99  ARG n 
1 100 ALA n 
1 101 CYS n 
1 102 ALA n 
1 103 LEU n 
1 104 ARG n 
1 105 ASP n 
1 106 THR n 
1 107 ALA n 
1 108 TYR n 
1 109 ALA n 
1 110 ILE n 
1 111 ILE n 
1 112 LYS n 
1 113 GLU n 
1 114 GLU n 
1 115 LEU n 
1 116 ASP n 
1 117 GLU n 
1 118 ASP n 
1 119 PHE n 
1 120 GLU n 
1 121 GLN n 
1 122 LEU n 
1 123 CYS n 
1 124 GLU n 
1 125 GLU n 
1 126 ILE n 
1 127 GLN n 
1 128 GLU n 
1 129 SER n 
1 130 ARG n 
# 
_entity_src_gen.entity_id                          1 
_entity_src_gen.pdbx_src_id                        1 
_entity_src_gen.pdbx_alt_source_flag               sample 
_entity_src_gen.pdbx_seq_type                      'Biological sequence' 
_entity_src_gen.pdbx_beg_seq_num                   1 
_entity_src_gen.pdbx_end_seq_num                   130 
_entity_src_gen.gene_src_common_name               Human 
_entity_src_gen.gene_src_genus                     ? 
_entity_src_gen.pdbx_gene_src_gene                 'ATAD2, L16, PRO2000' 
_entity_src_gen.gene_src_species                   ? 
_entity_src_gen.gene_src_strain                    ? 
_entity_src_gen.gene_src_tissue                    ? 
_entity_src_gen.gene_src_tissue_fraction           ? 
_entity_src_gen.gene_src_details                   ? 
_entity_src_gen.pdbx_gene_src_fragment             ? 
_entity_src_gen.pdbx_gene_src_scientific_name      'Homo sapiens' 
_entity_src_gen.pdbx_gene_src_ncbi_taxonomy_id     9606 
_entity_src_gen.pdbx_gene_src_variant              ? 
_entity_src_gen.pdbx_gene_src_cell_line            ? 
_entity_src_gen.pdbx_gene_src_atcc                 ? 
_entity_src_gen.pdbx_gene_src_organ                ? 
_entity_src_gen.pdbx_gene_src_organelle            ? 
_entity_src_gen.pdbx_gene_src_cell                 ? 
_entity_src_gen.pdbx_gene_src_cellular_location    ? 
_entity_src_gen.host_org_common_name               ? 
_entity_src_gen.pdbx_host_org_scientific_name      'Escherichia coli' 
_entity_src_gen.pdbx_host_org_ncbi_taxonomy_id     562 
_entity_src_gen.host_org_genus                     ? 
_entity_src_gen.pdbx_host_org_gene                 ? 
_entity_src_gen.pdbx_host_org_organ                ? 
_entity_src_gen.host_org_species                   ? 
_entity_src_gen.pdbx_host_org_tissue               ? 
_entity_src_gen.pdbx_host_org_tissue_fraction      ? 
_entity_src_gen.pdbx_host_org_strain               ? 
_entity_src_gen.pdbx_host_org_variant              ? 
_entity_src_gen.pdbx_host_org_cell_line            ? 
_entity_src_gen.pdbx_host_org_atcc                 ? 
_entity_src_gen.pdbx_host_org_culture_collection   ? 
_entity_src_gen.pdbx_host_org_cell                 ? 
_entity_src_gen.pdbx_host_org_organelle            ? 
_entity_src_gen.pdbx_host_org_cellular_location    ? 
_entity_src_gen.pdbx_host_org_vector_type          ? 
_entity_src_gen.pdbx_host_org_vector               ? 
_entity_src_gen.host_org_details                   ? 
_entity_src_gen.expression_system_id               ? 
_entity_src_gen.plasmid_name                       ? 
_entity_src_gen.plasmid_details                    ? 
_entity_src_gen.pdbx_description                   ? 
# 
loop_
_chem_comp.id 
_chem_comp.type 
_chem_comp.mon_nstd_flag 
_chem_comp.name 
_chem_comp.pdbx_synonyms 
_chem_comp.formula 
_chem_comp.formula_weight 
ALA 'L-peptide linking' y ALANINE ?                 'C3 H7 N O2'     89.093  
ARG 'L-peptide linking' y ARGININE ?                 'C6 H15 N4 O2 1' 175.209 
ASN 'L-peptide linking' y ASPARAGINE ?                 'C4 H8 N2 O3'    132.118 
ASP 'L-peptide linking' y 'ASPARTIC ACID' ?                 'C4 H7 N O4'     133.103 
CYS 'L-peptide linking' y CYSTEINE ?                 'C3 H7 N O2 S'   121.158 
EDO non-polymer         . 1,2-ETHANEDIOL 'ETHYLENE GLYCOL' 'C2 H6 O2'       62.068  
GLN 'L-peptide linking' y GLUTAMINE ?                 'C5 H10 N2 O3'   146.144 
GLU 'L-peptide linking' y 'GLUTAMIC ACID' ?                 'C5 H9 N O4'     147.129 
GLY 'peptide linking'   y GLYCINE ?                 'C2 H5 N O2'     75.067  
HIS 'L-peptide linking' y HISTIDINE ?                 'C6 H10 N3 O2 1' 156.162 
HOH non-polymer         . WATER ?                 'H2 O'           18.015  
ILE 'L-peptide linking' y ISOLEUCINE ?                 'C6 H13 N O2'    131.173 
LEU 'L-peptide linking' y LEUCINE ?                 'C6 H13 N O2'    131.173 
LYS 'L-peptide linking' y LYSINE ?                 'C6 H15 N2 O2 1' 147.195 
MET 'L-peptide linking' y METHIONINE ?                 'C5 H11 N O2 S'  149.211 
PHE 'L-peptide linking' y PHENYLALANINE ?                 'C9 H11 N O2'    165.189 
PRO 'L-peptide linking' y PROLINE ?                 'C5 H9 N O2'     115.130 
RJG non-polymer         . 
"(3aR,10R,10aR,11aR)-1,2,3,5,10,10a,11,11a-octahydro-3a,10-ethanopyrrolo[3',4':4,5]pyrrolo[1,2-b]isoquinolin-13-one" ? 
'C16 H18 N2 O'   254.327 
SER 'L-peptide linking' y SERINE ?                 'C3 H7 N O3'     105.093 
SO4 non-polymer         . 'SULFATE ION' ?                 'O4 S -2'        96.063  
THR 'L-peptide linking' y THREONINE ?                 'C4 H9 N O3'     119.119 
TYR 'L-peptide linking' y TYROSINE ?                 'C9 H11 N O3'    181.189 
VAL 'L-peptide linking' y VALINE ?                 'C5 H11 N O2'    117.146 
# 
loop_
_pdbx_poly_seq_scheme.asym_id 
_pdbx_poly_seq_scheme.entity_id 
_pdbx_poly_seq_scheme.seq_id 
_pdbx_poly_seq_scheme.mon_id 
_pdbx_poly_seq_scheme.ndb_seq_num 
_pdbx_poly_seq_scheme.pdb_seq_num 
_pdbx_poly_seq_scheme.auth_seq_num 
_pdbx_poly_seq_scheme.pdb_mon_id 
_pdbx_poly_seq_scheme.auth_mon_id 
_pdbx_poly_seq_scheme.pdb_strand_id 
_pdbx_poly_seq_scheme.pdb_ins_code 
_pdbx_poly_seq_scheme.hetero 
A 1 1   SER 1   979  979  SER SER A . n 
A 1 2   MET 2   980  980  MET MET A . n 
A 1 3   GLN 3   981  981  GLN GLN A . n 
A 1 4   GLU 4   982  982  GLU GLU A . n 
A 1 5   GLU 5   983  983  GLU GLU A . n 
A 1 6   ASP 6   984  984  ASP ASP A . n 
A 1 7   THR 7   985  985  THR THR A . n 
A 1 8   PHE 8   986  986  PHE PHE A . n 
A 1 9   ARG 9   987  987  ARG ARG A . n 
A 1 10  GLU 10  988  988  GLU GLU A . n 
A 1 11  LEU 11  989  989  LEU LEU A . n 
A 1 12  ARG 12  990  990  ARG ARG A . n 
A 1 13  ILE 13  991  991  ILE ILE A . n 
A 1 14  PHE 14  992  992  PHE PHE A . n 
A 1 15  LEU 15  993  993  LEU LEU A . n 
A 1 16  ARG 16  994  994  ARG ARG A . n 
A 1 17  ASN 17  995  995  ASN ASN A . n 
A 1 18  VAL 18  996  996  VAL VAL A . n 
A 1 19  THR 19  997  997  THR THR A . n 
A 1 20  HIS 20  998  998  HIS HIS A . n 
A 1 21  ARG 21  999  999  ARG ARG A . n 
A 1 22  LEU 22  1000 1000 LEU LEU A . n 
A 1 23  ALA 23  1001 1001 ALA ALA A . n 
A 1 24  ILE 24  1002 1002 ILE ILE A . n 
A 1 25  ASP 25  1003 1003 ASP ASP A . n 
A 1 26  LYS 26  1004 1004 LYS LYS A . n 
A 1 27  ARG 27  1005 1005 ARG ARG A . n 
A 1 28  PHE 28  1006 1006 PHE PHE A . n 
A 1 29  ARG 29  1007 1007 ARG ARG A . n 
A 1 30  VAL 30  1008 1008 VAL VAL A . n 
A 1 31  PHE 31  1009 1009 PHE PHE A . n 
A 1 32  THR 32  1010 1010 THR THR A . n 
A 1 33  LYS 33  1011 1011 LYS LYS A . n 
A 1 34  PRO 34  1012 1012 PRO PRO A . n 
A 1 35  VAL 35  1013 1013 VAL VAL A . n 
A 1 36  ASP 36  1014 1014 ASP ASP A . n 
A 1 37  PRO 37  1015 1015 PRO PRO A . n 
A 1 38  ASP 38  1016 1016 ASP ASP A . n 
A 1 39  GLU 39  1017 1017 GLU GLU A . n 
A 1 40  VAL 40  1018 1018 VAL VAL A . n 
A 1 41  PRO 41  1019 1019 PRO PRO A . n 
A 1 42  ASP 42  1020 1020 ASP ASP A . n 
A 1 43  TYR 43  1021 1021 TYR TYR A . n 
A 1 44  ARG 44  1022 1022 ARG ARG A . n 
A 1 45  THR 45  1023 1023 THR THR A . n 
A 1 46  VAL 46  1024 1024 VAL VAL A . n 
A 1 47  ILE 47  1025 1025 ILE ILE A . n 
A 1 48  LYS 48  1026 1026 LYS LYS A . n 
A 1 49  GLU 49  1027 1027 GLU GLU A . n 
A 1 50  PRO 50  1028 1028 PRO PRO A . n 
A 1 51  MET 51  1029 1029 MET MET A . n 
A 1 52  ASP 52  1030 1030 ASP ASP A . n 
A 1 53  LEU 53  1031 1031 LEU LEU A . n 
A 1 54  SER 54  1032 1032 SER SER A . n 
A 1 55  SER 55  1033 1033 SER SER A . n 
A 1 56  VAL 56  1034 1034 VAL VAL A . n 
A 1 57  ILE 57  1035 1035 ILE ILE A . n 
A 1 58  SER 58  1036 1036 SER SER A . n 
A 1 59  LYS 59  1037 1037 LYS LYS A . n 
A 1 60  ILE 60  1038 1038 ILE ILE A . n 
A 1 61  ASP 61  1039 1039 ASP ASP A . n 
A 1 62  LEU 62  1040 1040 LEU LEU A . n 
A 1 63  HIS 63  1041 1041 HIS HIS A . n 
A 1 64  LYS 64  1042 1042 LYS LYS A . n 
A 1 65  TYR 65  1043 1043 TYR TYR A . n 
A 1 66  LEU 66  1044 1044 LEU LEU A . n 
A 1 67  THR 67  1045 1045 THR THR A . n 
A 1 68  VAL 68  1046 1046 VAL VAL A . n 
A 1 69  LYS 69  1047 1047 LYS LYS A . n 
A 1 70  ASP 70  1048 1048 ASP ASP A . n 
A 1 71  TYR 71  1049 1049 TYR TYR A . n 
A 1 72  LEU 72  1050 1050 LEU LEU A . n 
A 1 73  ARG 73  1051 1051 ARG ARG A . n 
A 1 74  ASP 74  1052 1052 ASP ASP A . n 
A 1 75  ILE 75  1053 1053 ILE ILE A . n 
A 1 76  ASP 76  1054 1054 ASP ASP A . n 
A 1 77  LEU 77  1055 1055 LEU LEU A . n 
A 1 78  ILE 78  1056 1056 ILE ILE A . n 
A 1 79  CYS 79  1057 1057 CYS CYS A . n 
A 1 80  SER 80  1058 1058 SER SER A . n 
A 1 81  ASN 81  1059 1059 ASN ASN A . n 
A 1 82  ALA 82  1060 1060 ALA ALA A . n 
A 1 83  LEU 83  1061 1061 LEU LEU A . n 
A 1 84  GLU 84  1062 1062 GLU GLU A . n 
A 1 85  TYR 85  1063 1063 TYR TYR A . n 
A 1 86  ASN 86  1064 1064 ASN ASN A . n 
A 1 87  PRO 87  1065 1065 PRO PRO A . n 
A 1 88  ASP 88  1066 1066 ASP ASP A . n 
A 1 89  ARG 89  1067 1067 ARG ARG A . n 
A 1 90  ASP 90  1068 1068 ASP ASP A . n 
A 1 91  PRO 91  1069 1069 PRO PRO A . n 
A 1 92  GLY 92  1070 1070 GLY GLY A . n 
A 1 93  ASP 93  1071 1071 ASP ASP A . n 
A 1 94  ARG 94  1072 1072 ARG ARG A . n 
A 1 95  LEU 95  1073 1073 LEU LEU A . n 
A 1 96  ILE 96  1074 1074 ILE ILE A . n 
A 1 97  ARG 97  1075 1075 ARG ARG A . n 
A 1 98  HIS 98  1076 1076 HIS HIS A . n 
A 1 99  ARG 99  1077 1077 ARG ARG A . n 
A 1 100 ALA 100 1078 1078 ALA ALA A . n 
A 1 101 CYS 101 1079 1079 CYS CYS A . n 
A 1 102 ALA 102 1080 1080 ALA ALA A . n 
A 1 103 LEU 103 1081 1081 LEU LEU A . n 
A 1 104 ARG 104 1082 1082 ARG ARG A . n 
A 1 105 ASP 105 1083 1083 ASP ASP A . n 
A 1 106 THR 106 1084 1084 THR THR A . n 
A 1 107 ALA 107 1085 1085 ALA ALA A . n 
A 1 108 TYR 108 1086 1086 TYR TYR A . n 
A 1 109 ALA 109 1087 1087 ALA ALA A . n 
A 1 110 ILE 110 1088 1088 ILE ILE A . n 
A 1 111 ILE 111 1089 1089 ILE ILE A . n 
A 1 112 LYS 112 1090 1090 LYS LYS A . n 
A 1 113 GLU 113 1091 1091 GLU GLU A . n 
A 1 114 GLU 114 1092 1092 GLU GLU A . n 
A 1 115 LEU 115 1093 1093 LEU LEU A . n 
A 1 116 ASP 116 1094 1094 ASP ASP A . n 
A 1 117 GLU 117 1095 1095 GLU GLU A . n 
A 1 118 ASP 118 1096 1096 ASP ASP A . n 
A 1 119 PHE 119 1097 1097 PHE PHE A . n 
A 1 120 GLU 120 1098 1098 GLU GLU A . n 
A 1 121 GLN 121 1099 1099 GLN GLN A . n 
A 1 122 LEU 122 1100 1100 LEU LEU A . n 
A 1 123 CYS 123 1101 1101 CYS CYS A . n 
A 1 124 GLU 124 1102 1102 GLU GLU A . n 
A 1 125 GLU 125 1103 1103 GLU GLU A . n 
A 1 126 ILE 126 1104 1104 ILE ILE A . n 
A 1 127 GLN 127 1105 1105 GLN GLN A . n 
A 1 128 GLU 128 1106 1106 GLU GLU A . n 
A 1 129 SER 129 1107 1107 SER SER A . n 
A 1 130 ARG 130 1108 1108 ARG ARG A . n 
# 
loop_
_pdbx_nonpoly_scheme.asym_id 
_pdbx_nonpoly_scheme.entity_id 
_pdbx_nonpoly_scheme.mon_id 
_pdbx_nonpoly_scheme.ndb_seq_num 
_pdbx_nonpoly_scheme.pdb_seq_num 
_pdbx_nonpoly_scheme.auth_seq_num 
_pdbx_nonpoly_scheme.pdb_mon_id 
_pdbx_nonpoly_scheme.auth_mon_id 
_pdbx_nonpoly_scheme.pdb_strand_id 
_pdbx_nonpoly_scheme.pdb_ins_code 
B 2 RJG 1   1201 1201 RJG LIG A . 
C 3 SO4 1   1202 1    SO4 SO4 A . 
D 3 SO4 1   1203 2    SO4 SO4 A . 
E 4 EDO 1   1204 3    EDO EDO A . 
F 4 EDO 1   1205 6    EDO EDO A . 
G 4 EDO 1   1206 7    EDO EDO A . 
H 5 HOH 1   1301 107  HOH HOH A . 
H 5 HOH 2   1302 161  HOH HOH A . 
H 5 HOH 3   1303 111  HOH HOH A . 
H 5 HOH 4   1304 79   HOH HOH A . 
H 5 HOH 5   1305 118  HOH HOH A . 
H 5 HOH 6   1306 128  HOH HOH A . 
H 5 HOH 7   1307 32   HOH HOH A . 
H 5 HOH 8   1308 129  HOH HOH A . 
H 5 HOH 9   1309 191  HOH HOH A . 
H 5 HOH 10  1310 134  HOH HOH A . 
H 5 HOH 11  1311 259  HOH HOH A . 
H 5 HOH 12  1312 59   HOH HOH A . 
H 5 HOH 13  1313 158  HOH HOH A . 
H 5 HOH 14  1314 98   HOH HOH A . 
H 5 HOH 15  1315 256  HOH HOH A . 
H 5 HOH 16  1316 28   HOH HOH A . 
H 5 HOH 17  1317 88   HOH HOH A . 
H 5 HOH 18  1318 200  HOH HOH A . 
H 5 HOH 19  1319 27   HOH HOH A . 
H 5 HOH 20  1320 61   HOH HOH A . 
H 5 HOH 21  1321 87   HOH HOH A . 
H 5 HOH 22  1322 171  HOH HOH A . 
H 5 HOH 23  1323 20   HOH HOH A . 
H 5 HOH 24  1324 5    HOH HOH A . 
H 5 HOH 25  1325 68   HOH HOH A . 
H 5 HOH 26  1326 13   HOH HOH A . 
H 5 HOH 27  1327 184  HOH HOH A . 
H 5 HOH 28  1328 162  HOH HOH A . 
H 5 HOH 29  1329 144  HOH HOH A . 
H 5 HOH 30  1330 50   HOH HOH A . 
H 5 HOH 31  1331 109  HOH HOH A . 
H 5 HOH 32  1332 203  HOH HOH A . 
H 5 HOH 33  1333 131  HOH HOH A . 
H 5 HOH 34  1334 252  HOH HOH A . 
H 5 HOH 35  1335 77   HOH HOH A . 
H 5 HOH 36  1336 25   HOH HOH A . 
H 5 HOH 37  1337 56   HOH HOH A . 
H 5 HOH 38  1338 33   HOH HOH A . 
H 5 HOH 39  1339 189  HOH HOH A . 
H 5 HOH 40  1340 47   HOH HOH A . 
H 5 HOH 41  1341 258  HOH HOH A . 
H 5 HOH 42  1342 17   HOH HOH A . 
H 5 HOH 43  1343 201  HOH HOH A . 
H 5 HOH 44  1344 176  HOH HOH A . 
H 5 HOH 45  1345 172  HOH HOH A . 
H 5 HOH 46  1346 23   HOH HOH A . 
H 5 HOH 47  1347 31   HOH HOH A . 
H 5 HOH 48  1348 1    HOH HOH A . 
H 5 HOH 49  1349 19   HOH HOH A . 
H 5 HOH 50  1350 16   HOH HOH A . 
H 5 HOH 51  1351 34   HOH HOH A . 
H 5 HOH 52  1352 236  HOH HOH A . 
H 5 HOH 53  1353 197  HOH HOH A . 
H 5 HOH 54  1354 21   HOH HOH A . 
H 5 HOH 55  1355 43   HOH HOH A . 
H 5 HOH 56  1356 75   HOH HOH A . 
H 5 HOH 57  1357 80   HOH HOH A . 
H 5 HOH 58  1358 141  HOH HOH A . 
H 5 HOH 59  1359 58   HOH HOH A . 
H 5 HOH 60  1360 94   HOH HOH A . 
H 5 HOH 61  1361 46   HOH HOH A . 
H 5 HOH 62  1362 99   HOH HOH A . 
H 5 HOH 63  1363 7    HOH HOH A . 
H 5 HOH 64  1364 14   HOH HOH A . 
H 5 HOH 65  1365 70   HOH HOH A . 
H 5 HOH 66  1366 221  HOH HOH A . 
H 5 HOH 67  1367 142  HOH HOH A . 
H 5 HOH 68  1368 55   HOH HOH A . 
H 5 HOH 69  1369 165  HOH HOH A . 
H 5 HOH 70  1370 62   HOH HOH A . 
H 5 HOH 71  1371 177  HOH HOH A . 
H 5 HOH 72  1372 29   HOH HOH A . 
H 5 HOH 73  1373 22   HOH HOH A . 
H 5 HOH 74  1374 92   HOH HOH A . 
H 5 HOH 75  1375 64   HOH HOH A . 
H 5 HOH 76  1376 24   HOH HOH A . 
H 5 HOH 77  1377 40   HOH HOH A . 
H 5 HOH 78  1378 190  HOH HOH A . 
H 5 HOH 79  1379 104  HOH HOH A . 
H 5 HOH 80  1380 45   HOH HOH A . 
H 5 HOH 81  1381 73   HOH HOH A . 
H 5 HOH 82  1382 132  HOH HOH A . 
H 5 HOH 83  1383 51   HOH HOH A . 
H 5 HOH 84  1384 30   HOH HOH A . 
H 5 HOH 85  1385 54   HOH HOH A . 
H 5 HOH 86  1386 113  HOH HOH A . 
H 5 HOH 87  1387 2    HOH HOH A . 
H 5 HOH 88  1388 105  HOH HOH A . 
H 5 HOH 89  1389 102  HOH HOH A . 
H 5 HOH 90  1390 6    HOH HOH A . 
H 5 HOH 91  1391 42   HOH HOH A . 
H 5 HOH 92  1392 100  HOH HOH A . 
H 5 HOH 93  1393 12   HOH HOH A . 
H 5 HOH 94  1394 140  HOH HOH A . 
H 5 HOH 95  1395 163  HOH HOH A . 
H 5 HOH 96  1396 76   HOH HOH A . 
H 5 HOH 97  1397 49   HOH HOH A . 
H 5 HOH 98  1398 15   HOH HOH A . 
H 5 HOH 99  1399 48   HOH HOH A . 
H 5 HOH 100 1400 36   HOH HOH A . 
H 5 HOH 101 1401 154  HOH HOH A . 
H 5 HOH 102 1402 10   HOH HOH A . 
H 5 HOH 103 1403 83   HOH HOH A . 
H 5 HOH 104 1404 95   HOH HOH A . 
H 5 HOH 105 1405 89   HOH HOH A . 
H 5 HOH 106 1406 85   HOH HOH A . 
H 5 HOH 107 1407 3    HOH HOH A . 
H 5 HOH 108 1408 4    HOH HOH A . 
H 5 HOH 109 1409 86   HOH HOH A . 
H 5 HOH 110 1410 82   HOH HOH A . 
H 5 HOH 111 1411 53   HOH HOH A . 
H 5 HOH 112 1412 139  HOH HOH A . 
H 5 HOH 113 1413 124  HOH HOH A . 
H 5 HOH 114 1414 9    HOH HOH A . 
H 5 HOH 115 1415 18   HOH HOH A . 
H 5 HOH 116 1416 101  HOH HOH A . 
H 5 HOH 117 1417 78   HOH HOH A . 
H 5 HOH 118 1418 120  HOH HOH A . 
H 5 HOH 119 1419 155  HOH HOH A . 
H 5 HOH 120 1420 216  HOH HOH A . 
H 5 HOH 121 1421 116  HOH HOH A . 
H 5 HOH 122 1422 253  HOH HOH A . 
H 5 HOH 123 1423 90   HOH HOH A . 
H 5 HOH 124 1424 72   HOH HOH A . 
H 5 HOH 125 1425 206  HOH HOH A . 
H 5 HOH 126 1426 11   HOH HOH A . 
H 5 HOH 127 1427 147  HOH HOH A . 
H 5 HOH 128 1428 122  HOH HOH A . 
H 5 HOH 129 1429 97   HOH HOH A . 
H 5 HOH 130 1430 67   HOH HOH A . 
H 5 HOH 131 1431 254  HOH HOH A . 
H 5 HOH 132 1432 26   HOH HOH A . 
H 5 HOH 133 1433 234  HOH HOH A . 
H 5 HOH 134 1434 130  HOH HOH A . 
H 5 HOH 135 1435 39   HOH HOH A . 
H 5 HOH 136 1436 145  HOH HOH A . 
H 5 HOH 137 1437 209  HOH HOH A . 
H 5 HOH 138 1438 115  HOH HOH A . 
H 5 HOH 139 1439 180  HOH HOH A . 
H 5 HOH 140 1440 175  HOH HOH A . 
H 5 HOH 141 1441 160  HOH HOH A . 
H 5 HOH 142 1442 196  HOH HOH A . 
H 5 HOH 143 1443 123  HOH HOH A . 
H 5 HOH 144 1444 178  HOH HOH A . 
H 5 HOH 145 1445 179  HOH HOH A . 
H 5 HOH 146 1446 237  HOH HOH A . 
H 5 HOH 147 1447 207  HOH HOH A . 
H 5 HOH 148 1448 52   HOH HOH A . 
H 5 HOH 149 1449 181  HOH HOH A . 
H 5 HOH 150 1450 199  HOH HOH A . 
H 5 HOH 151 1451 96   HOH HOH A . 
H 5 HOH 152 1452 93   HOH HOH A . 
H 5 HOH 153 1453 240  HOH HOH A . 
H 5 HOH 154 1454 247  HOH HOH A . 
H 5 HOH 155 1455 230  HOH HOH A . 
H 5 HOH 156 1456 188  HOH HOH A . 
H 5 HOH 157 1457 69   HOH HOH A . 
H 5 HOH 158 1458 246  HOH HOH A . 
H 5 HOH 159 1459 57   HOH HOH A . 
H 5 HOH 160 1460 152  HOH HOH A . 
H 5 HOH 161 1461 38   HOH HOH A . 
H 5 HOH 162 1462 41   HOH HOH A . 
H 5 HOH 163 1463 114  HOH HOH A . 
H 5 HOH 164 1464 243  HOH HOH A . 
H 5 HOH 165 1465 194  HOH HOH A . 
H 5 HOH 166 1466 81   HOH HOH A . 
H 5 HOH 167 1467 106  HOH HOH A . 
H 5 HOH 168 1468 186  HOH HOH A . 
H 5 HOH 169 1469 91   HOH HOH A . 
H 5 HOH 170 1470 150  HOH HOH A . 
H 5 HOH 171 1471 225  HOH HOH A . 
H 5 HOH 172 1472 60   HOH HOH A . 
H 5 HOH 173 1473 164  HOH HOH A . 
H 5 HOH 174 1474 167  HOH HOH A . 
H 5 HOH 175 1475 215  HOH HOH A . 
H 5 HOH 176 1476 110  HOH HOH A . 
H 5 HOH 177 1477 250  HOH HOH A . 
H 5 HOH 178 1478 135  HOH HOH A . 
H 5 HOH 179 1479 66   HOH HOH A . 
H 5 HOH 180 1480 112  HOH HOH A . 
H 5 HOH 181 1481 220  HOH HOH A . 
H 5 HOH 182 1482 37   HOH HOH A . 
H 5 HOH 183 1483 151  HOH HOH A . 
H 5 HOH 184 1484 244  HOH HOH A . 
H 5 HOH 185 1485 159  HOH HOH A . 
H 5 HOH 186 1486 157  HOH HOH A . 
H 5 HOH 187 1487 224  HOH HOH A . 
H 5 HOH 188 1488 84   HOH HOH A . 
H 5 HOH 189 1489 233  HOH HOH A . 
H 5 HOH 190 1490 210  HOH HOH A . 
H 5 HOH 191 1491 146  HOH HOH A . 
H 5 HOH 192 1492 174  HOH HOH A . 
H 5 HOH 193 1493 8    HOH HOH A . 
H 5 HOH 194 1494 185  HOH HOH A . 
H 5 HOH 195 1495 71   HOH HOH A . 
H 5 HOH 196 1496 125  HOH HOH A . 
H 5 HOH 197 1497 103  HOH HOH A . 
H 5 HOH 198 1498 74   HOH HOH A . 
H 5 HOH 199 1499 44   HOH HOH A . 
H 5 HOH 200 1500 119  HOH HOH A . 
H 5 HOH 201 1501 205  HOH HOH A . 
H 5 HOH 202 1502 251  HOH HOH A . 
H 5 HOH 203 1503 168  HOH HOH A . 
H 5 HOH 204 1504 117  HOH HOH A . 
H 5 HOH 205 1505 248  HOH HOH A . 
H 5 HOH 206 1506 137  HOH HOH A . 
H 5 HOH 207 1507 255  HOH HOH A . 
H 5 HOH 208 1508 148  HOH HOH A . 
H 5 HOH 209 1509 127  HOH HOH A . 
H 5 HOH 210 1510 35   HOH HOH A . 
H 5 HOH 211 1511 149  HOH HOH A . 
H 5 HOH 212 1512 63   HOH HOH A . 
H 5 HOH 213 1513 257  HOH HOH A . 
H 5 HOH 214 1514 183  HOH HOH A . 
H 5 HOH 215 1515 249  HOH HOH A . 
H 5 HOH 216 1516 219  HOH HOH A . 
H 5 HOH 217 1517 202  HOH HOH A . 
H 5 HOH 218 1518 213  HOH HOH A . 
H 5 HOH 219 1519 121  HOH HOH A . 
H 5 HOH 220 1520 136  HOH HOH A . 
H 5 HOH 221 1521 214  HOH HOH A . 
# 
loop_
_pdbx_unobs_or_zero_occ_atoms.id 
_pdbx_unobs_or_zero_occ_atoms.PDB_model_num 
_pdbx_unobs_or_zero_occ_atoms.polymer_flag 
_pdbx_unobs_or_zero_occ_atoms.occupancy_flag 
_pdbx_unobs_or_zero_occ_atoms.auth_asym_id 
_pdbx_unobs_or_zero_occ_atoms.auth_comp_id 
_pdbx_unobs_or_zero_occ_atoms.auth_seq_id 
_pdbx_unobs_or_zero_occ_atoms.PDB_ins_code 
_pdbx_unobs_or_zero_occ_atoms.auth_atom_id 
_pdbx_unobs_or_zero_occ_atoms.label_alt_id 
_pdbx_unobs_or_zero_occ_atoms.label_asym_id 
_pdbx_unobs_or_zero_occ_atoms.label_comp_id 
_pdbx_unobs_or_zero_occ_atoms.label_seq_id 
_pdbx_unobs_or_zero_occ_atoms.label_atom_id 
1 1 Y 1 A LYS 1004 ? CG ? A LYS 26 CG 
2 1 Y 1 A LYS 1004 ? CD ? A LYS 26 CD 
3 1 Y 1 A LYS 1004 ? CE ? A LYS 26 CE 
4 1 Y 1 A LYS 1004 ? NZ ? A LYS 26 NZ 
# 
loop_
_software.pdbx_ordinal 
_software.name 
_software.version 
_software.date 
_software.type 
_software.contact_author 
_software.contact_author_email 
_software.classification 
_software.location 
_software.language 
_software.citation_id 
1 REFMAC      5.8.0238 ?               program 'Garib N. Murshudov' garib@ysbl.york.ac.uk    refinement        
http://www.ccp4.ac.uk/dist/html/refmac5.html        Fortran_77 ? 
2 Aimless     0.5.23   02/02/16        program 'Phil Evans'         ?                        'data scaling'    
http://www.mrc-lmb.cam.ac.uk/harry/pre/aimless.html ?          ? 
3 PDB_EXTRACT 3.23     'SEP. 23, 2016' package PDB                  deposit@deposit.rcsb.org 'data extraction' 
http://sw-tools.pdb.org/apps/PDB_EXTRACT/           C++        ? 
4 XDS         .        ?               program ?                    ?                        'data reduction'  ? ?          ? 
5 REFMAC      .        ?               program ?                    ?                        phasing           ? ?          ? 
# 
_cell.entry_id           5QXV 
_cell.length_a           81.262 
_cell.length_b           81.262 
_cell.length_c           140.550 
_cell.angle_alpha        90.000 
_cell.angle_beta         90.000 
_cell.angle_gamma        120.000 
_cell.Z_PDB              12 
_cell.pdbx_unique_axis   ? 
# 
_symmetry.entry_id                         5QXV 
_symmetry.Int_Tables_number                179 
_symmetry.space_group_name_H-M             'P 65 2 2' 
_symmetry.pdbx_full_space_group_name_H-M   ? 
_symmetry.cell_setting                     ? 
# 
_exptl.crystals_number   1 
_exptl.entry_id          5QXV 
_exptl.method            'X-RAY DIFFRACTION' 
# 
_exptl_crystal.id                    1 
_exptl_crystal.pdbx_mosaicity        0.100 
_exptl_crystal.pdbx_mosaicity_esd    ? 
_exptl_crystal.density_Matthews      4.2 
_exptl_crystal.density_diffrn        ? 
_exptl_crystal.density_meas          ? 
_exptl_crystal.density_meas_temp     ? 
_exptl_crystal.density_percent_sol   70.7 
_exptl_crystal.size_max              ? 
_exptl_crystal.size_mid              ? 
_exptl_crystal.size_min              ? 
_exptl_crystal.size_rad              ? 
_exptl_crystal.description           ? 
# 
_exptl_crystal_grow.crystal_id      1 
_exptl_crystal_grow.method          'VAPOR DIFFUSION, SITTING DROP' 
_exptl_crystal_grow.pH              5.5 
_exptl_crystal_grow.temp            277 
_exptl_crystal_grow.pdbx_details    '1.6M Ammonium Sulfate, 0.1M bis-tris pH 5.5' 
_exptl_crystal_grow.temp_details    ? 
_exptl_crystal_grow.pdbx_pH_range   ? 
# 
_diffrn.id                     1 
_diffrn.ambient_temp           100 
_diffrn.crystal_id             1 
_diffrn.ambient_temp_details   ? 
# 
_diffrn_detector.detector               PIXEL 
_diffrn_detector.type                   'DECTRIS PILATUS 6M' 
_diffrn_detector.pdbx_collection_date   2016-04-26 
_diffrn_detector.diffrn_id              1 
_diffrn_detector.details                ? 
# 
_diffrn_radiation.diffrn_id                        1 
_diffrn_radiation.wavelength_id                    1 
_diffrn_radiation.pdbx_diffrn_protocol             'SINGLE WAVELENGTH' 
_diffrn_radiation.pdbx_monochromatic_or_laue_m_l   ? 
_diffrn_radiation.monochromator                    ? 
_diffrn_radiation.pdbx_scattering_type             x-ray 
# 
_diffrn_radiation_wavelength.id           1 
_diffrn_radiation_wavelength.wavelength   0.92819 
_diffrn_radiation_wavelength.wt           1.0 
# 
_diffrn_source.diffrn_id                   1 
_diffrn_source.source                      SYNCHROTRON 
_diffrn_source.type                        'DIAMOND BEAMLINE I04-1' 
_diffrn_source.pdbx_wavelength_list        0.92819 
_diffrn_source.pdbx_synchrotron_site       Diamond 
_diffrn_source.pdbx_synchrotron_beamline   I04-1 
_diffrn_source.pdbx_wavelength             ? 
# 
_reflns.entry_id                     5QXV 
_reflns.pdbx_diffrn_id               1 
_reflns.pdbx_ordinal                 1 
_reflns.observed_criterion_sigma_I   ? 
_reflns.observed_criterion_sigma_F   ? 
_reflns.d_resolution_low             140.550 
_reflns.d_resolution_high            1.740 
_reflns.number_obs                   29009 
_reflns.number_all                   ? 
_reflns.percent_possible_obs         100.000 
_reflns.pdbx_Rmerge_I_obs            0.126 
_reflns.pdbx_Rsym_value              ? 
_reflns.pdbx_netI_over_sigmaI        16.900 
_reflns.B_iso_Wilson_estimate        ? 
_reflns.pdbx_redundancy              19.100 
_reflns.pdbx_Rrim_I_all              0.130 
_reflns.pdbx_Rpim_I_all              0.030 
_reflns.pdbx_CC_half                 0.999 
_reflns.pdbx_netI_over_av_sigmaI     ? 
_reflns.pdbx_number_measured_all     552967 
_reflns.pdbx_scaling_rejects         0 
_reflns.pdbx_chi_squared             ? 
_reflns.Rmerge_F_all                 ? 
_reflns.Rmerge_F_obs                 ? 
_reflns.observed_criterion_F_max     ? 
_reflns.observed_criterion_F_min     ? 
_reflns.observed_criterion_I_max     ? 
_reflns.observed_criterion_I_min     ? 
_reflns.pdbx_d_res_high_opt          ? 
_reflns.pdbx_d_res_low_opt           ? 
_reflns.details                      ? 
# 
loop_
_reflns_shell.pdbx_diffrn_id 
_reflns_shell.pdbx_ordinal 
_reflns_shell.d_res_high 
_reflns_shell.d_res_low 
_reflns_shell.number_measured_obs 
_reflns_shell.number_measured_all 
_reflns_shell.number_unique_obs 
_reflns_shell.pdbx_rejects 
_reflns_shell.Rmerge_I_obs 
_reflns_shell.meanI_over_sigI_obs 
_reflns_shell.pdbx_Rsym_value 
_reflns_shell.pdbx_chi_squared 
_reflns_shell.pdbx_redundancy 
_reflns_shell.percent_possible_obs 
_reflns_shell.pdbx_netI_over_sigmaI_obs 
_reflns_shell.number_possible 
_reflns_shell.number_unique_all 
_reflns_shell.Rmerge_F_all 
_reflns_shell.Rmerge_F_obs 
_reflns_shell.Rmerge_I_all 
_reflns_shell.meanI_over_sigI_all 
_reflns_shell.percent_possible_all 
_reflns_shell.pdbx_Rrim_I_all 
_reflns_shell.pdbx_Rpim_I_all 
_reflns_shell.pdbx_CC_half 
1 1 1.740 1.830   ? 78502 ? ? 1.300 ? ? ? 19.100 ? 2.300  ? 4118 ? ? ? ? 100.000 1.336 0.304 0.902 
1 2 5.500 140.550 ? 17704 ? ? 0.044 ? ? ? 16.300 ? 46.300 ? 1088 ? ? ? ? 99.900  0.046 0.011 1.000 
# 
_refine.entry_id                                 5QXV 
_refine.pdbx_refine_id                           'X-RAY DIFFRACTION' 
_refine.ls_d_res_high                            1.7400 
_refine.ls_d_res_low                             70.3700 
_refine.pdbx_ls_sigma_F                          0.000 
_refine.pdbx_data_cutoff_high_absF               ? 
_refine.pdbx_data_cutoff_low_absF                ? 
_refine.ls_percent_reflns_obs                    99.9400 
_refine.ls_number_reflns_obs                     27496 
_refine.ls_number_reflns_all                     ? 
_refine.pdbx_ls_cross_valid_method               THROUGHOUT 
_refine.ls_matrix_type                           ? 
_refine.pdbx_R_Free_selection_details            RANDOM 
_refine.details                                  
'HYDROGENS HAVE BEEN ADDED IN THE RIDING POSITIONS U VALUES      : REFINED INDIVIDUALLY' 
_refine.ls_R_factor_all                          ? 
_refine.ls_R_factor_obs                          0.1731 
_refine.ls_R_factor_R_work                       0.1718 
_refine.ls_wR_factor_R_work                      ? 
_refine.ls_R_factor_R_free                       0.1984 
_refine.ls_wR_factor_R_free                      ? 
_refine.ls_percent_reflns_R_free                 5.0000 
_refine.ls_number_reflns_R_free                  1442 
_refine.ls_number_reflns_R_work                  ? 
_refine.ls_R_factor_R_free_error                 ? 
_refine.B_iso_mean                               29.4720 
_refine.solvent_model_param_bsol                 ? 
_refine.solvent_model_param_ksol                 ? 
_refine.pdbx_isotropic_thermal_model             ? 
_refine.aniso_B[1][1]                            0.6100 
_refine.aniso_B[2][2]                            0.6100 
_refine.aniso_B[3][3]                            -1.9800 
_refine.aniso_B[1][2]                            0.3000 
_refine.aniso_B[1][3]                            0.0000 
_refine.aniso_B[2][3]                            -0.0000 
_refine.correlation_coeff_Fo_to_Fc               0.9650 
_refine.correlation_coeff_Fo_to_Fc_free          0.9560 
_refine.overall_SU_R_Cruickshank_DPI             ? 
_refine.pdbx_overall_SU_R_free_Cruickshank_DPI   ? 
_refine.pdbx_overall_SU_R_Blow_DPI               ? 
_refine.pdbx_overall_SU_R_free_Blow_DPI          ? 
_refine.overall_SU_R_free                        ? 
_refine.pdbx_overall_ESU_R                       0.0970 
_refine.pdbx_overall_ESU_R_Free                  0.0950 
_refine.overall_SU_ML                            0.0670 
_refine.overall_SU_B                             2.1690 
_refine.solvent_model_details                    MASK 
_refine.pdbx_solvent_vdw_probe_radii             1.2000 
_refine.pdbx_solvent_ion_probe_radii             0.8000 
_refine.pdbx_solvent_shrinkage_radii             0.8000 
_refine.ls_number_parameters                     ? 
_refine.ls_number_restraints                     ? 
_refine.pdbx_starting_model                      3DAI 
_refine.pdbx_method_to_determine_struct          'FOURIER SYNTHESIS' 
_refine.pdbx_stereochemistry_target_values       'MAXIMUM LIKELIHOOD' 
_refine.pdbx_stereochem_target_val_spec_case     ? 
_refine.overall_FOM_work_R_set                   ? 
_refine.B_iso_max                                120.610 
_refine.B_iso_min                                14.760 
_refine.pdbx_overall_phase_error                 ? 
_refine.occupancy_max                            ? 
_refine.occupancy_min                            ? 
_refine.pdbx_diffrn_id                           1 
_refine.pdbx_TLS_residual_ADP_flag               ? 
_refine.pdbx_ls_sigma_I                          ? 
_refine.pdbx_data_cutoff_high_rms_absF           ? 
_refine.ls_R_factor_R_free_error_details         ? 
# 
_refine_hist.cycle_id                         final 
_refine_hist.pdbx_refine_id                   'X-RAY DIFFRACTION' 
_refine_hist.d_res_high                       1.7400 
_refine_hist.d_res_low                        70.3700 
_refine_hist.pdbx_number_atoms_ligand         41 
_refine_hist.number_atoms_solvent             221 
_refine_hist.number_atoms_total               1346 
_refine_hist.pdbx_number_residues_total       130 
_refine_hist.pdbx_B_iso_mean_ligand           37.70 
_refine_hist.pdbx_B_iso_mean_solvent          43.47 
_refine_hist.pdbx_number_atoms_protein        1084 
_refine_hist.pdbx_number_atoms_nucleic_acid   0 
# 
loop_
_refine_ls_restr.pdbx_refine_id 
_refine_ls_restr.type 
_refine_ls_restr.number 
_refine_ls_restr.dev_ideal 
_refine_ls_restr.dev_ideal_target 
_refine_ls_restr.weight 
_refine_ls_restr.pdbx_restraint_function 
'X-RAY DIFFRACTION' r_bond_refined_d       2627 0.011  0.016  ? ? 
'X-RAY DIFFRACTION' r_bond_other_d         1566 0.001  0.017  ? ? 
'X-RAY DIFFRACTION' r_angle_refined_deg    2543 1.635  1.711  ? ? 
'X-RAY DIFFRACTION' r_angle_other_deg      3697 1.421  1.641  ? ? 
'X-RAY DIFFRACTION' r_dihedral_angle_1_deg 249  5.219  5.000  ? ? 
'X-RAY DIFFRACTION' r_dihedral_angle_2_deg 121  34.324 22.231 ? ? 
'X-RAY DIFFRACTION' r_dihedral_angle_3_deg 311  14.032 15.000 ? ? 
'X-RAY DIFFRACTION' r_dihedral_angle_4_deg 19   16.973 15.000 ? ? 
'X-RAY DIFFRACTION' r_chiral_restr         231  0.095  0.200  ? ? 
'X-RAY DIFFRACTION' r_gen_planes_refined   2403 0.008  0.020  ? ? 
'X-RAY DIFFRACTION' r_gen_planes_other     406  0.003  0.020  ? ? 
'X-RAY DIFFRACTION' r_mcbond_it            1198 1.974  2.518  ? ? 
'X-RAY DIFFRACTION' r_mcbond_other         1122 2.029  2.414  ? ? 
'X-RAY DIFFRACTION' r_mcangle_it           1127 3.242  3.630  ? ? 
# 
_refine_ls_shell.d_res_high                       1.7390 
_refine_ls_shell.d_res_low                        1.7840 
_refine_ls_shell.pdbx_total_number_of_bins_used   20 
_refine_ls_shell.percent_reflns_obs               99.9000 
_refine_ls_shell.number_reflns_R_work             1999 
_refine_ls_shell.R_factor_all                     ? 
_refine_ls_shell.R_factor_R_work                  0.2790 
_refine_ls_shell.R_factor_R_free                  0.2620 
_refine_ls_shell.percent_reflns_R_free            ? 
_refine_ls_shell.number_reflns_R_free             83 
_refine_ls_shell.R_factor_R_free_error            ? 
_refine_ls_shell.number_reflns_all                2082 
_refine_ls_shell.number_reflns_obs                ? 
_refine_ls_shell.pdbx_refine_id                   'X-RAY DIFFRACTION' 
# 
_struct.entry_id                  5QXV 
_struct.title                     'PanDDA analysis group deposition -- Crystal Structure of ATAD2 in complex with PC631' 
_struct.pdbx_model_details        ? 
_struct.pdbx_CASP_flag            ? 
_struct.pdbx_model_type_details   ? 
# 
_struct_keywords.entry_id        5QXV 
_struct_keywords.text            
'SGC - Diamond I04-1 fragment screening, PanDDA, XChemExplorer, HYDROLASE-HYDROLASE INHIBITOR complex' 
_struct_keywords.pdbx_keywords   'HYDROLASE/HYDROLASE INHIBITOR' 
# 
loop_
_struct_asym.id 
_struct_asym.pdbx_blank_PDB_chainid_flag 
_struct_asym.pdbx_modified 
_struct_asym.entity_id 
_struct_asym.details 
A N N 1 ? 
B N N 2 ? 
C N N 3 ? 
D N N 3 ? 
E N N 4 ? 
F N N 4 ? 
G N N 4 ? 
H N N 5 ? 
# 
_struct_ref.id                         1 
_struct_ref.db_name                    UNP 
_struct_ref.db_code                    ATAD2_HUMAN 
_struct_ref.pdbx_db_accession          Q6PL18 
_struct_ref.pdbx_db_isoform            ? 
_struct_ref.entity_id                  1 
_struct_ref.pdbx_seq_one_letter_code   
;QEEDTFRELRIFLRNVTHRLAIDKRFRVFTKPVDPDEVPDYVTVIKQPMDLSSVISKIDLHKYLTVKDYLRDIDLICSNA
LEYNPDRDPGDRLIRHRACALRDTAYAIIKEELDEDFEQLCEEIQESR
;
_struct_ref.pdbx_align_begin           981 
# 
_struct_ref_seq.align_id                      1 
_struct_ref_seq.ref_id                        1 
_struct_ref_seq.pdbx_PDB_id_code              5QXV 
_struct_ref_seq.pdbx_strand_id                A 
_struct_ref_seq.seq_align_beg                 3 
_struct_ref_seq.pdbx_seq_align_beg_ins_code   ? 
_struct_ref_seq.seq_align_end                 130 
_struct_ref_seq.pdbx_seq_align_end_ins_code   ? 
_struct_ref_seq.pdbx_db_accession             Q6PL18 
_struct_ref_seq.db_align_beg                  981 
_struct_ref_seq.pdbx_db_align_beg_ins_code    ? 
_struct_ref_seq.db_align_end                  1108 
_struct_ref_seq.pdbx_db_align_end_ins_code    ? 
_struct_ref_seq.pdbx_auth_seq_align_beg       981 
_struct_ref_seq.pdbx_auth_seq_align_end       1108 
# 
loop_
_struct_ref_seq_dif.align_id 
_struct_ref_seq_dif.pdbx_pdb_id_code 
_struct_ref_seq_dif.mon_id 
_struct_ref_seq_dif.pdbx_pdb_strand_id 
_struct_ref_seq_dif.seq_num 
_struct_ref_seq_dif.pdbx_pdb_ins_code 
_struct_ref_seq_dif.pdbx_seq_db_name 
_struct_ref_seq_dif.pdbx_seq_db_accession_code 
_struct_ref_seq_dif.db_mon_id 
_struct_ref_seq_dif.pdbx_seq_db_seq_num 
_struct_ref_seq_dif.details 
_struct_ref_seq_dif.pdbx_auth_seq_num 
_struct_ref_seq_dif.pdbx_ordinal 
1 5QXV SER A 1  ? UNP Q6PL18 ?   ?    'expression tag' 979  1 
1 5QXV MET A 2  ? UNP Q6PL18 ?   ?    'expression tag' 980  2 
1 5QXV ARG A 44 ? UNP Q6PL18 VAL 1022 conflict         1022 3 
1 5QXV GLU A 49 ? UNP Q6PL18 GLN 1027 conflict         1027 4 
# 
_pdbx_struct_assembly.id                   1 
_pdbx_struct_assembly.details              author_and_software_defined_assembly 
_pdbx_struct_assembly.method_details       PISA 
_pdbx_struct_assembly.oligomeric_details   monomeric 
_pdbx_struct_assembly.oligomeric_count     1 
# 
_pdbx_struct_assembly_gen.assembly_id       1 
_pdbx_struct_assembly_gen.oper_expression   1 
_pdbx_struct_assembly_gen.asym_id_list      A,B,C,D,E,F,G,H 
# 
_pdbx_struct_oper_list.id                   1 
_pdbx_struct_oper_list.type                 'identity operation' 
_pdbx_struct_oper_list.name                 1_555 
_pdbx_struct_oper_list.symmetry_operation   x,y,z 
_pdbx_struct_oper_list.matrix[1][1]         1.0000000000 
_pdbx_struct_oper_list.matrix[1][2]         0.0000000000 
_pdbx_struct_oper_list.matrix[1][3]         0.0000000000 
_pdbx_struct_oper_list.vector[1]            0.0000000000 
_pdbx_struct_oper_list.matrix[2][1]         0.0000000000 
_pdbx_struct_oper_list.matrix[2][2]         1.0000000000 
_pdbx_struct_oper_list.matrix[2][3]         0.0000000000 
_pdbx_struct_oper_list.vector[2]            0.0000000000 
_pdbx_struct_oper_list.matrix[3][1]         0.0000000000 
_pdbx_struct_oper_list.matrix[3][2]         0.0000000000 
_pdbx_struct_oper_list.matrix[3][3]         1.0000000000 
_pdbx_struct_oper_list.vector[3]            0.0000000000 
# 
loop_
_struct_conf.conf_type_id 
_struct_conf.id 
_struct_conf.pdbx_PDB_helix_id 
_struct_conf.beg_label_comp_id 
_struct_conf.beg_label_asym_id 
_struct_conf.beg_label_seq_id 
_struct_conf.pdbx_beg_PDB_ins_code 
_struct_conf.end_label_comp_id 
_struct_conf.end_label_asym_id 
_struct_conf.end_label_seq_id 
_struct_conf.pdbx_end_PDB_ins_code 
_struct_conf.beg_auth_comp_id 
_struct_conf.beg_auth_asym_id 
_struct_conf.beg_auth_seq_id 
_struct_conf.end_auth_comp_id 
_struct_conf.end_auth_asym_id 
_struct_conf.end_auth_seq_id 
_struct_conf.pdbx_PDB_helix_class 
_struct_conf.details 
_struct_conf.pdbx_PDB_helix_length 
HELX_P HELX_P1 AA1 SER A 1   ? ILE A 24  ? SER A 979  ILE A 1002 1 ? 24 
HELX_P HELX_P2 AA2 ASP A 25  ? THR A 32  ? ASP A 1003 THR A 1010 5 ? 8  
HELX_P HELX_P3 AA3 ASP A 42  ? ILE A 47  ? ASP A 1020 ILE A 1025 1 ? 6  
HELX_P HELX_P4 AA4 ASP A 52  ? LEU A 62  ? ASP A 1030 LEU A 1040 1 ? 11 
HELX_P HELX_P5 AA5 THR A 67  ? ASN A 86  ? THR A 1045 ASN A 1064 1 ? 20 
HELX_P HELX_P6 AA6 ASP A 90  ? LEU A 115 ? ASP A 1068 LEU A 1093 1 ? 26 
HELX_P HELX_P7 AA7 ASP A 116 ? SER A 129 ? ASP A 1094 SER A 1107 1 ? 14 
# 
_struct_conf_type.id          HELX_P 
_struct_conf_type.criteria    ? 
_struct_conf_type.reference   ? 
# 
loop_
_struct_site.id 
_struct_site.pdbx_evidence_code 
_struct_site.pdbx_auth_asym_id 
_struct_site.pdbx_auth_comp_id 
_struct_site.pdbx_auth_seq_id 
_struct_site.pdbx_auth_ins_code 
_struct_site.pdbx_num_residues 
_struct_site.details 
AC1 Software A RJG 1201 ? 8 'binding site for residue RJG A 1201' 
AC2 Software A SO4 1202 ? 8 'binding site for residue SO4 A 1202' 
AC3 Software A SO4 1203 ? 8 'binding site for residue SO4 A 1203' 
AC4 Software A EDO 1204 ? 4 'binding site for residue EDO A 1204' 
AC5 Software A EDO 1205 ? 6 'binding site for residue EDO A 1205' 
AC6 Software A EDO 1206 ? 5 'binding site for residue EDO A 1206' 
# 
loop_
_struct_site_gen.id 
_struct_site_gen.site_id 
_struct_site_gen.pdbx_num_res 
_struct_site_gen.label_comp_id 
_struct_site_gen.label_asym_id 
_struct_site_gen.label_seq_id 
_struct_site_gen.pdbx_auth_ins_code 
_struct_site_gen.auth_comp_id 
_struct_site_gen.auth_asym_id 
_struct_site_gen.auth_seq_id 
_struct_site_gen.label_atom_id 
_struct_site_gen.label_alt_id 
_struct_site_gen.symmetry 
_struct_site_gen.details 
1  AC1 8 HIS A 20  ? HIS A 998  . ? 10_665 ? 
2  AC1 8 GLU A 113 ? GLU A 1091 . ? 1_555  ? 
3  AC1 8 GLU A 114 ? GLU A 1092 . ? 1_555  ? 
4  AC1 8 LEU A 115 ? LEU A 1093 . ? 1_555  ? 
5  AC1 8 ASP A 116 ? ASP A 1094 . ? 1_555  ? 
6  AC1 8 EDO G .   ? EDO A 1206 . ? 1_555  ? 
7  AC1 8 HOH H .   ? HOH A 1302 . ? 10_665 ? 
8  AC1 8 HOH H .   ? HOH A 1311 . ? 1_555  ? 
9  AC2 8 ARG A 9   ? ARG A 987  . ? 6_654  ? 
10 AC2 8 ARG A 12  ? ARG A 990  . ? 6_654  ? 
11 AC2 8 ARG A 16  ? ARG A 994  . ? 6_654  ? 
12 AC2 8 ARG A 89  ? ARG A 1067 . ? 1_555  ? 
13 AC2 8 ARG A 94  ? ARG A 1072 . ? 1_555  ? 
14 AC2 8 HOH H .   ? HOH A 1315 . ? 1_555  ? 
15 AC2 8 HOH H .   ? HOH A 1425 . ? 1_555  ? 
16 AC2 8 HOH H .   ? HOH A 1434 . ? 1_555  ? 
17 AC3 8 LYS A 64  ? LYS A 1042 . ? 12_564 ? 
18 AC3 8 LYS A 64  ? LYS A 1042 . ? 1_555  ? 
19 AC3 8 HOH H .   ? HOH A 1351 . ? 1_555  ? 
20 AC3 8 HOH H .   ? HOH A 1351 . ? 12_564 ? 
21 AC3 8 HOH H .   ? HOH A 1367 . ? 12_564 ? 
22 AC3 8 HOH H .   ? HOH A 1367 . ? 1_555  ? 
23 AC3 8 HOH H .   ? HOH A 1382 . ? 12_564 ? 
24 AC3 8 HOH H .   ? HOH A 1382 . ? 1_555  ? 
25 AC4 4 GLU A 10  ? GLU A 988  . ? 1_555  ? 
26 AC4 4 LEU A 115 ? LEU A 1093 . ? 1_555  ? 
27 AC4 4 ASP A 116 ? ASP A 1094 . ? 1_555  ? 
28 AC4 4 HOH H .   ? HOH A 1387 . ? 1_555  ? 
29 AC5 6 PRO A 50  ? PRO A 1028 . ? 12_564 ? 
30 AC5 6 SER A 58  ? SER A 1036 . ? 1_555  ? 
31 AC5 6 LEU A 62  ? LEU A 1040 . ? 1_555  ? 
32 AC5 6 HOH H .   ? HOH A 1346 . ? 12_564 ? 
33 AC5 6 HOH H .   ? HOH A 1396 . ? 1_555  ? 
34 AC5 6 HOH H .   ? HOH A 1436 . ? 1_555  ? 
35 AC6 5 ASP A 90  ? ASP A 1068 . ? 8_565  ? 
36 AC6 5 PRO A 91  ? PRO A 1069 . ? 8_565  ? 
37 AC6 5 ASP A 116 ? ASP A 1094 . ? 1_555  ? 
38 AC6 5 RJG B .   ? RJG A 1201 . ? 1_555  ? 
39 AC6 5 HOH H .   ? HOH A 1467 . ? 10_665 ? 
# 
loop_
_pdbx_validate_close_contact.id 
_pdbx_validate_close_contact.PDB_model_num 
_pdbx_validate_close_contact.auth_atom_id_1 
_pdbx_validate_close_contact.auth_asym_id_1 
_pdbx_validate_close_contact.auth_comp_id_1 
_pdbx_validate_close_contact.auth_seq_id_1 
_pdbx_validate_close_contact.PDB_ins_code_1 
_pdbx_validate_close_contact.label_alt_id_1 
_pdbx_validate_close_contact.auth_atom_id_2 
_pdbx_validate_close_contact.auth_asym_id_2 
_pdbx_validate_close_contact.auth_comp_id_2 
_pdbx_validate_close_contact.auth_seq_id_2 
_pdbx_validate_close_contact.PDB_ins_code_2 
_pdbx_validate_close_contact.label_alt_id_2 
_pdbx_validate_close_contact.dist 
1 1 ND2 A ASN 995  ? ? O A HOH 1302 ? ? 1.88 
2 1 O   A HOH 1431 ? ? O A HOH 1507 ? ? 2.14 
3 1 O   A HOH 1443 ? ? O A HOH 1489 ? ? 2.15 
4 1 O   A HOH 1463 ? ? O A HOH 1518 ? ? 2.17 
5 1 O   A HOH 1495 ? ? O A HOH 1497 ? ? 2.18 
6 1 OD2 A ASP 984  ? ? O A HOH 1303 ? ? 2.19 
# 
_pdbx_validate_symm_contact.id                1 
_pdbx_validate_symm_contact.PDB_model_num     1 
_pdbx_validate_symm_contact.auth_atom_id_1    O 
_pdbx_validate_symm_contact.auth_asym_id_1    A 
_pdbx_validate_symm_contact.auth_comp_id_1    HOH 
_pdbx_validate_symm_contact.auth_seq_id_1     1320 
_pdbx_validate_symm_contact.PDB_ins_code_1    ? 
_pdbx_validate_symm_contact.label_alt_id_1    ? 
_pdbx_validate_symm_contact.site_symmetry_1   1_555 
_pdbx_validate_symm_contact.auth_atom_id_2    O 
_pdbx_validate_symm_contact.auth_asym_id_2    A 
_pdbx_validate_symm_contact.auth_comp_id_2    HOH 
_pdbx_validate_symm_contact.auth_seq_id_2     1449 
_pdbx_validate_symm_contact.PDB_ins_code_2    ? 
_pdbx_validate_symm_contact.label_alt_id_2    ? 
_pdbx_validate_symm_contact.site_symmetry_2   10_665 
_pdbx_validate_symm_contact.dist              2.14 
# 
loop_
_pdbx_validate_rmsd_bond.id 
_pdbx_validate_rmsd_bond.PDB_model_num 
_pdbx_validate_rmsd_bond.auth_atom_id_1 
_pdbx_validate_rmsd_bond.auth_asym_id_1 
_pdbx_validate_rmsd_bond.auth_comp_id_1 
_pdbx_validate_rmsd_bond.auth_seq_id_1 
_pdbx_validate_rmsd_bond.PDB_ins_code_1 
_pdbx_validate_rmsd_bond.label_alt_id_1 
_pdbx_validate_rmsd_bond.auth_atom_id_2 
_pdbx_validate_rmsd_bond.auth_asym_id_2 
_pdbx_validate_rmsd_bond.auth_comp_id_2 
_pdbx_validate_rmsd_bond.auth_seq_id_2 
_pdbx_validate_rmsd_bond.PDB_ins_code_2 
_pdbx_validate_rmsd_bond.label_alt_id_2 
_pdbx_validate_rmsd_bond.bond_value 
_pdbx_validate_rmsd_bond.bond_target_value 
_pdbx_validate_rmsd_bond.bond_deviation 
_pdbx_validate_rmsd_bond.bond_standard_deviation 
_pdbx_validate_rmsd_bond.linker_flag 
1 1 CD A GLU 1098 ? ? OE2 A GLU 1098 ? ? 1.327 1.252 0.075 0.011 N 
2 1 CD A GLU 1102 ? ? OE2 A GLU 1102 ? ? 1.335 1.252 0.083 0.011 N 
# 
loop_
_pdbx_validate_rmsd_angle.id 
_pdbx_validate_rmsd_angle.PDB_model_num 
_pdbx_validate_rmsd_angle.auth_atom_id_1 
_pdbx_validate_rmsd_angle.auth_asym_id_1 
_pdbx_validate_rmsd_angle.auth_comp_id_1 
_pdbx_validate_rmsd_angle.auth_seq_id_1 
_pdbx_validate_rmsd_angle.PDB_ins_code_1 
_pdbx_validate_rmsd_angle.label_alt_id_1 
_pdbx_validate_rmsd_angle.auth_atom_id_2 
_pdbx_validate_rmsd_angle.auth_asym_id_2 
_pdbx_validate_rmsd_angle.auth_comp_id_2 
_pdbx_validate_rmsd_angle.auth_seq_id_2 
_pdbx_validate_rmsd_angle.PDB_ins_code_2 
_pdbx_validate_rmsd_angle.label_alt_id_2 
_pdbx_validate_rmsd_angle.auth_atom_id_3 
_pdbx_validate_rmsd_angle.auth_asym_id_3 
_pdbx_validate_rmsd_angle.auth_comp_id_3 
_pdbx_validate_rmsd_angle.auth_seq_id_3 
_pdbx_validate_rmsd_angle.PDB_ins_code_3 
_pdbx_validate_rmsd_angle.label_alt_id_3 
_pdbx_validate_rmsd_angle.angle_value 
_pdbx_validate_rmsd_angle.angle_target_value 
_pdbx_validate_rmsd_angle.angle_deviation 
_pdbx_validate_rmsd_angle.angle_standard_deviation 
_pdbx_validate_rmsd_angle.linker_flag 
1 1 NE A ARG 987  ? B CZ A ARG 987  ? B NH1 A ARG 987  ? B 117.01 120.30 -3.29 0.50 N 
2 1 NE A ARG 994  ? ? CZ A ARG 994  ? ? NH1 A ARG 994  ? ? 123.40 120.30 3.10  0.50 N 
3 1 NE A ARG 994  ? ? CZ A ARG 994  ? ? NH2 A ARG 994  ? ? 116.92 120.30 -3.38 0.50 N 
4 1 NE A ARG 1067 ? ? CZ A ARG 1067 ? ? NH2 A ARG 1067 ? ? 116.04 120.30 -4.26 0.50 N 
# 
_pdbx_validate_torsion.id              1 
_pdbx_validate_torsion.PDB_model_num   1 
_pdbx_validate_torsion.auth_comp_id    ASP 
_pdbx_validate_torsion.auth_asym_id    A 
_pdbx_validate_torsion.auth_seq_id     1016 
_pdbx_validate_torsion.PDB_ins_code    ? 
_pdbx_validate_torsion.label_alt_id    ? 
_pdbx_validate_torsion.phi             -48.75 
_pdbx_validate_torsion.psi             -71.89 
# 
loop_
_pdbx_struct_special_symmetry.id 
_pdbx_struct_special_symmetry.PDB_model_num 
_pdbx_struct_special_symmetry.auth_asym_id 
_pdbx_struct_special_symmetry.auth_comp_id 
_pdbx_struct_special_symmetry.auth_seq_id 
_pdbx_struct_special_symmetry.PDB_ins_code 
_pdbx_struct_special_symmetry.label_asym_id 
_pdbx_struct_special_symmetry.label_comp_id 
_pdbx_struct_special_symmetry.label_seq_id 
1 1 A SO4 1203 ? D SO4 . 
2 1 A HOH 1375 ? H HOH . 
# 
_phasing.method   MR 
# 
_pdbx_entry_details.entry_id                 5QXV 
_pdbx_entry_details.has_ligand_of_interest   Y 
_pdbx_entry_details.compound_details         ? 
_pdbx_entry_details.source_details           ? 
_pdbx_entry_details.nonpolymer_details       ? 
_pdbx_entry_details.sequence_details         ? 
# 
loop_
_chem_comp_atom.comp_id 
_chem_comp_atom.atom_id 
_chem_comp_atom.type_symbol 
_chem_comp_atom.pdbx_aromatic_flag 
_chem_comp_atom.pdbx_stereo_config 
_chem_comp_atom.pdbx_ordinal 
ALA N    N N N 1   
ALA CA   C N S 2   
ALA C    C N N 3   
ALA O    O N N 4   
ALA CB   C N N 5   
ALA OXT  O N N 6   
ALA H    H N N 7   
ALA H2   H N N 8   
ALA HA   H N N 9   
ALA HB1  H N N 10  
ALA HB2  H N N 11  
ALA HB3  H N N 12  
ALA HXT  H N N 13  
ARG N    N N N 14  
ARG CA   C N S 15  
ARG C    C N N 16  
ARG O    O N N 17  
ARG CB   C N N 18  
ARG CG   C N N 19  
ARG CD   C N N 20  
ARG NE   N N N 21  
ARG CZ   C N N 22  
ARG NH1  N N N 23  
ARG NH2  N N N 24  
ARG OXT  O N N 25  
ARG H    H N N 26  
ARG H2   H N N 27  
ARG HA   H N N 28  
ARG HB2  H N N 29  
ARG HB3  H N N 30  
ARG HG2  H N N 31  
ARG HG3  H N N 32  
ARG HD2  H N N 33  
ARG HD3  H N N 34  
ARG HE   H N N 35  
ARG HH11 H N N 36  
ARG HH12 H N N 37  
ARG HH21 H N N 38  
ARG HH22 H N N 39  
ARG HXT  H N N 40  
ASN N    N N N 41  
ASN CA   C N S 42  
ASN C    C N N 43  
ASN O    O N N 44  
ASN CB   C N N 45  
ASN CG   C N N 46  
ASN OD1  O N N 47  
ASN ND2  N N N 48  
ASN OXT  O N N 49  
ASN H    H N N 50  
ASN H2   H N N 51  
ASN HA   H N N 52  
ASN HB2  H N N 53  
ASN HB3  H N N 54  
ASN HD21 H N N 55  
ASN HD22 H N N 56  
ASN HXT  H N N 57  
ASP N    N N N 58  
ASP CA   C N S 59  
ASP C    C N N 60  
ASP O    O N N 61  
ASP CB   C N N 62  
ASP CG   C N N 63  
ASP OD1  O N N 64  
ASP OD2  O N N 65  
ASP OXT  O N N 66  
ASP H    H N N 67  
ASP H2   H N N 68  
ASP HA   H N N 69  
ASP HB2  H N N 70  
ASP HB3  H N N 71  
ASP HD2  H N N 72  
ASP HXT  H N N 73  
CYS N    N N N 74  
CYS CA   C N R 75  
CYS C    C N N 76  
CYS O    O N N 77  
CYS CB   C N N 78  
CYS SG   S N N 79  
CYS OXT  O N N 80  
CYS H    H N N 81  
CYS H2   H N N 82  
CYS HA   H N N 83  
CYS HB2  H N N 84  
CYS HB3  H N N 85  
CYS HG   H N N 86  
CYS HXT  H N N 87  
EDO C1   C N N 88  
EDO O1   O N N 89  
EDO C2   C N N 90  
EDO O2   O N N 91  
EDO H11  H N N 92  
EDO H12  H N N 93  
EDO HO1  H N N 94  
EDO H21  H N N 95  
EDO H22  H N N 96  
EDO HO2  H N N 97  
GLN N    N N N 98  
GLN CA   C N S 99  
GLN C    C N N 100 
GLN O    O N N 101 
GLN CB   C N N 102 
GLN CG   C N N 103 
GLN CD   C N N 104 
GLN OE1  O N N 105 
GLN NE2  N N N 106 
GLN OXT  O N N 107 
GLN H    H N N 108 
GLN H2   H N N 109 
GLN HA   H N N 110 
GLN HB2  H N N 111 
GLN HB3  H N N 112 
GLN HG2  H N N 113 
GLN HG3  H N N 114 
GLN HE21 H N N 115 
GLN HE22 H N N 116 
GLN HXT  H N N 117 
GLU N    N N N 118 
GLU CA   C N S 119 
GLU C    C N N 120 
GLU O    O N N 121 
GLU CB   C N N 122 
GLU CG   C N N 123 
GLU CD   C N N 124 
GLU OE1  O N N 125 
GLU OE2  O N N 126 
GLU OXT  O N N 127 
GLU H    H N N 128 
GLU H2   H N N 129 
GLU HA   H N N 130 
GLU HB2  H N N 131 
GLU HB3  H N N 132 
GLU HG2  H N N 133 
GLU HG3  H N N 134 
GLU HE2  H N N 135 
GLU HXT  H N N 136 
GLY N    N N N 137 
GLY CA   C N N 138 
GLY C    C N N 139 
GLY O    O N N 140 
GLY OXT  O N N 141 
GLY H    H N N 142 
GLY H2   H N N 143 
GLY HA2  H N N 144 
GLY HA3  H N N 145 
GLY HXT  H N N 146 
HIS N    N N N 147 
HIS CA   C N S 148 
HIS C    C N N 149 
HIS O    O N N 150 
HIS CB   C N N 151 
HIS CG   C Y N 152 
HIS ND1  N Y N 153 
HIS CD2  C Y N 154 
HIS CE1  C Y N 155 
HIS NE2  N Y N 156 
HIS OXT  O N N 157 
HIS H    H N N 158 
HIS H2   H N N 159 
HIS HA   H N N 160 
HIS HB2  H N N 161 
HIS HB3  H N N 162 
HIS HD1  H N N 163 
HIS HD2  H N N 164 
HIS HE1  H N N 165 
HIS HE2  H N N 166 
HIS HXT  H N N 167 
HOH O    O N N 168 
HOH H1   H N N 169 
HOH H2   H N N 170 
ILE N    N N N 171 
ILE CA   C N S 172 
ILE C    C N N 173 
ILE O    O N N 174 
ILE CB   C N S 175 
ILE CG1  C N N 176 
ILE CG2  C N N 177 
ILE CD1  C N N 178 
ILE OXT  O N N 179 
ILE H    H N N 180 
ILE H2   H N N 181 
ILE HA   H N N 182 
ILE HB   H N N 183 
ILE HG12 H N N 184 
ILE HG13 H N N 185 
ILE HG21 H N N 186 
ILE HG22 H N N 187 
ILE HG23 H N N 188 
ILE HD11 H N N 189 
ILE HD12 H N N 190 
ILE HD13 H N N 191 
ILE HXT  H N N 192 
LEU N    N N N 193 
LEU CA   C N S 194 
LEU C    C N N 195 
LEU O    O N N 196 
LEU CB   C N N 197 
LEU CG   C N N 198 
LEU CD1  C N N 199 
LEU CD2  C N N 200 
LEU OXT  O N N 201 
LEU H    H N N 202 
LEU H2   H N N 203 
LEU HA   H N N 204 
LEU HB2  H N N 205 
LEU HB3  H N N 206 
LEU HG   H N N 207 
LEU HD11 H N N 208 
LEU HD12 H N N 209 
LEU HD13 H N N 210 
LEU HD21 H N N 211 
LEU HD22 H N N 212 
LEU HD23 H N N 213 
LEU HXT  H N N 214 
LYS N    N N N 215 
LYS CA   C N S 216 
LYS C    C N N 217 
LYS O    O N N 218 
LYS CB   C N N 219 
LYS CG   C N N 220 
LYS CD   C N N 221 
LYS CE   C N N 222 
LYS NZ   N N N 223 
LYS OXT  O N N 224 
LYS H    H N N 225 
LYS H2   H N N 226 
LYS HA   H N N 227 
LYS HB2  H N N 228 
LYS HB3  H N N 229 
LYS HG2  H N N 230 
LYS HG3  H N N 231 
LYS HD2  H N N 232 
LYS HD3  H N N 233 
LYS HE2  H N N 234 
LYS HE3  H N N 235 
LYS HZ1  H N N 236 
LYS HZ2  H N N 237 
LYS HZ3  H N N 238 
LYS HXT  H N N 239 
MET N    N N N 240 
MET CA   C N S 241 
MET C    C N N 242 
MET O    O N N 243 
MET CB   C N N 244 
MET CG   C N N 245 
MET SD   S N N 246 
MET CE   C N N 247 
MET OXT  O N N 248 
MET H    H N N 249 
MET H2   H N N 250 
MET HA   H N N 251 
MET HB2  H N N 252 
MET HB3  H N N 253 
MET HG2  H N N 254 
MET HG3  H N N 255 
MET HE1  H N N 256 
MET HE2  H N N 257 
MET HE3  H N N 258 
MET HXT  H N N 259 
PHE N    N N N 260 
PHE CA   C N S 261 
PHE C    C N N 262 
PHE O    O N N 263 
PHE CB   C N N 264 
PHE CG   C Y N 265 
PHE CD1  C Y N 266 
PHE CD2  C Y N 267 
PHE CE1  C Y N 268 
PHE CE2  C Y N 269 
PHE CZ   C Y N 270 
PHE OXT  O N N 271 
PHE H    H N N 272 
PHE H2   H N N 273 
PHE HA   H N N 274 
PHE HB2  H N N 275 
PHE HB3  H N N 276 
PHE HD1  H N N 277 
PHE HD2  H N N 278 
PHE HE1  H N N 279 
PHE HE2  H N N 280 
PHE HZ   H N N 281 
PHE HXT  H N N 282 
PRO N    N N N 283 
PRO CA   C N S 284 
PRO C    C N N 285 
PRO O    O N N 286 
PRO CB   C N N 287 
PRO CG   C N N 288 
PRO CD   C N N 289 
PRO OXT  O N N 290 
PRO H    H N N 291 
PRO HA   H N N 292 
PRO HB2  H N N 293 
PRO HB3  H N N 294 
PRO HG2  H N N 295 
PRO HG3  H N N 296 
PRO HD2  H N N 297 
PRO HD3  H N N 298 
PRO HXT  H N N 299 
RJG N1   N N S 300 
RJG C4   C N N 301 
RJG C5   C N R 302 
RJG C6   C N N 303 
RJG C7   C N N 304 
RJG C8   C N R 305 
RJG C10  C Y N 306 
RJG C13  C Y N 307 
RJG C15  C Y N 308 
RJG N    N N N 309 
RJG C    C N N 310 
RJG O    O N N 311 
RJG C1   C N N 312 
RJG C11  C Y N 313 
RJG C12  C Y N 314 
RJG C14  C Y N 315 
RJG C2   C N R 316 
RJG C3   C N R 317 
RJG C9   C N N 318 
RJG H2   H N N 319 
RJG H3   H N N 320 
RJG H4   H N N 321 
RJG H5   H N N 322 
RJG H6   H N N 323 
RJG H7   H N N 324 
RJG H8   H N N 325 
RJG H9   H N N 326 
RJG H10  H N N 327 
RJG H12  H N N 328 
RJG H13  H N N 329 
RJG H14  H N N 330 
RJG H15  H N N 331 
RJG H16  H N N 332 
RJG H17  H N N 333 
RJG H18  H N N 334 
RJG H19  H N N 335 
RJG H20  H N N 336 
SER N    N N N 337 
SER CA   C N S 338 
SER C    C N N 339 
SER O    O N N 340 
SER CB   C N N 341 
SER OG   O N N 342 
SER OXT  O N N 343 
SER H    H N N 344 
SER H2   H N N 345 
SER HA   H N N 346 
SER HB2  H N N 347 
SER HB3  H N N 348 
SER HG   H N N 349 
SER HXT  H N N 350 
SO4 S    S N N 351 
SO4 O1   O N N 352 
SO4 O2   O N N 353 
SO4 O3   O N N 354 
SO4 O4   O N N 355 
THR N    N N N 356 
THR CA   C N S 357 
THR C    C N N 358 
THR O    O N N 359 
THR CB   C N R 360 
THR OG1  O N N 361 
THR CG2  C N N 362 
THR OXT  O N N 363 
THR H    H N N 364 
THR H2   H N N 365 
THR HA   H N N 366 
THR HB   H N N 367 
THR HG1  H N N 368 
THR HG21 H N N 369 
THR HG22 H N N 370 
THR HG23 H N N 371 
THR HXT  H N N 372 
TYR N    N N N 373 
TYR CA   C N S 374 
TYR C    C N N 375 
TYR O    O N N 376 
TYR CB   C N N 377 
TYR CG   C Y N 378 
TYR CD1  C Y N 379 
TYR CD2  C Y N 380 
TYR CE1  C Y N 381 
TYR CE2  C Y N 382 
TYR CZ   C Y N 383 
TYR OH   O N N 384 
TYR OXT  O N N 385 
TYR H    H N N 386 
TYR H2   H N N 387 
TYR HA   H N N 388 
TYR HB2  H N N 389 
TYR HB3  H N N 390 
TYR HD1  H N N 391 
TYR HD2  H N N 392 
TYR HE1  H N N 393 
TYR HE2  H N N 394 
TYR HH   H N N 395 
TYR HXT  H N N 396 
VAL N    N N N 397 
VAL CA   C N S 398 
VAL C    C N N 399 
VAL O    O N N 400 
VAL CB   C N N 401 
VAL CG1  C N N 402 
VAL CG2  C N N 403 
VAL OXT  O N N 404 
VAL H    H N N 405 
VAL H2   H N N 406 
VAL HA   H N N 407 
VAL HB   H N N 408 
VAL HG11 H N N 409 
VAL HG12 H N N 410 
VAL HG13 H N N 411 
VAL HG21 H N N 412 
VAL HG22 H N N 413 
VAL HG23 H N N 414 
VAL HXT  H N N 415 
# 
loop_
_chem_comp_bond.comp_id 
_chem_comp_bond.atom_id_1 
_chem_comp_bond.atom_id_2 
_chem_comp_bond.value_order 
_chem_comp_bond.pdbx_aromatic_flag 
_chem_comp_bond.pdbx_stereo_config 
_chem_comp_bond.pdbx_ordinal 
ALA N   CA   sing N N 1   
ALA N   H    sing N N 2   
ALA N   H2   sing N N 3   
ALA CA  C    sing N N 4   
ALA CA  CB   sing N N 5   
ALA CA  HA   sing N N 6   
ALA C   O    doub N N 7   
ALA C   OXT  sing N N 8   
ALA CB  HB1  sing N N 9   
ALA CB  HB2  sing N N 10  
ALA CB  HB3  sing N N 11  
ALA OXT HXT  sing N N 12  
ARG N   CA   sing N N 13  
ARG N   H    sing N N 14  
ARG N   H2   sing N N 15  
ARG CA  C    sing N N 16  
ARG CA  CB   sing N N 17  
ARG CA  HA   sing N N 18  
ARG C   O    doub N N 19  
ARG C   OXT  sing N N 20  
ARG CB  CG   sing N N 21  
ARG CB  HB2  sing N N 22  
ARG CB  HB3  sing N N 23  
ARG CG  CD   sing N N 24  
ARG CG  HG2  sing N N 25  
ARG CG  HG3  sing N N 26  
ARG CD  NE   sing N N 27  
ARG CD  HD2  sing N N 28  
ARG CD  HD3  sing N N 29  
ARG NE  CZ   sing N N 30  
ARG NE  HE   sing N N 31  
ARG CZ  NH1  sing N N 32  
ARG CZ  NH2  doub N N 33  
ARG NH1 HH11 sing N N 34  
ARG NH1 HH12 sing N N 35  
ARG NH2 HH21 sing N N 36  
ARG NH2 HH22 sing N N 37  
ARG OXT HXT  sing N N 38  
ASN N   CA   sing N N 39  
ASN N   H    sing N N 40  
ASN N   H2   sing N N 41  
ASN CA  C    sing N N 42  
ASN CA  CB   sing N N 43  
ASN CA  HA   sing N N 44  
ASN C   O    doub N N 45  
ASN C   OXT  sing N N 46  
ASN CB  CG   sing N N 47  
ASN CB  HB2  sing N N 48  
ASN CB  HB3  sing N N 49  
ASN CG  OD1  doub N N 50  
ASN CG  ND2  sing N N 51  
ASN ND2 HD21 sing N N 52  
ASN ND2 HD22 sing N N 53  
ASN OXT HXT  sing N N 54  
ASP N   CA   sing N N 55  
ASP N   H    sing N N 56  
ASP N   H2   sing N N 57  
ASP CA  C    sing N N 58  
ASP CA  CB   sing N N 59  
ASP CA  HA   sing N N 60  
ASP C   O    doub N N 61  
ASP C   OXT  sing N N 62  
ASP CB  CG   sing N N 63  
ASP CB  HB2  sing N N 64  
ASP CB  HB3  sing N N 65  
ASP CG  OD1  doub N N 66  
ASP CG  OD2  sing N N 67  
ASP OD2 HD2  sing N N 68  
ASP OXT HXT  sing N N 69  
CYS N   CA   sing N N 70  
CYS N   H    sing N N 71  
CYS N   H2   sing N N 72  
CYS CA  C    sing N N 73  
CYS CA  CB   sing N N 74  
CYS CA  HA   sing N N 75  
CYS C   O    doub N N 76  
CYS C   OXT  sing N N 77  
CYS CB  SG   sing N N 78  
CYS CB  HB2  sing N N 79  
CYS CB  HB3  sing N N 80  
CYS SG  HG   sing N N 81  
CYS OXT HXT  sing N N 82  
EDO C1  O1   sing N N 83  
EDO C1  C2   sing N N 84  
EDO C1  H11  sing N N 85  
EDO C1  H12  sing N N 86  
EDO O1  HO1  sing N N 87  
EDO C2  O2   sing N N 88  
EDO C2  H21  sing N N 89  
EDO C2  H22  sing N N 90  
EDO O2  HO2  sing N N 91  
GLN N   CA   sing N N 92  
GLN N   H    sing N N 93  
GLN N   H2   sing N N 94  
GLN CA  C    sing N N 95  
GLN CA  CB   sing N N 96  
GLN CA  HA   sing N N 97  
GLN C   O    doub N N 98  
GLN C   OXT  sing N N 99  
GLN CB  CG   sing N N 100 
GLN CB  HB2  sing N N 101 
GLN CB  HB3  sing N N 102 
GLN CG  CD   sing N N 103 
GLN CG  HG2  sing N N 104 
GLN CG  HG3  sing N N 105 
GLN CD  OE1  doub N N 106 
GLN CD  NE2  sing N N 107 
GLN NE2 HE21 sing N N 108 
GLN NE2 HE22 sing N N 109 
GLN OXT HXT  sing N N 110 
GLU N   CA   sing N N 111 
GLU N   H    sing N N 112 
GLU N   H2   sing N N 113 
GLU CA  C    sing N N 114 
GLU CA  CB   sing N N 115 
GLU CA  HA   sing N N 116 
GLU C   O    doub N N 117 
GLU C   OXT  sing N N 118 
GLU CB  CG   sing N N 119 
GLU CB  HB2  sing N N 120 
GLU CB  HB3  sing N N 121 
GLU CG  CD   sing N N 122 
GLU CG  HG2  sing N N 123 
GLU CG  HG3  sing N N 124 
GLU CD  OE1  doub N N 125 
GLU CD  OE2  sing N N 126 
GLU OE2 HE2  sing N N 127 
GLU OXT HXT  sing N N 128 
GLY N   CA   sing N N 129 
GLY N   H    sing N N 130 
GLY N   H2   sing N N 131 
GLY CA  C    sing N N 132 
GLY CA  HA2  sing N N 133 
GLY CA  HA3  sing N N 134 
GLY C   O    doub N N 135 
GLY C   OXT  sing N N 136 
GLY OXT HXT  sing N N 137 
HIS N   CA   sing N N 138 
HIS N   H    sing N N 139 
HIS N   H2   sing N N 140 
HIS CA  C    sing N N 141 
HIS CA  CB   sing N N 142 
HIS CA  HA   sing N N 143 
HIS C   O    doub N N 144 
HIS C   OXT  sing N N 145 
HIS CB  CG   sing N N 146 
HIS CB  HB2  sing N N 147 
HIS CB  HB3  sing N N 148 
HIS CG  ND1  sing Y N 149 
HIS CG  CD2  doub Y N 150 
HIS ND1 CE1  doub Y N 151 
HIS ND1 HD1  sing N N 152 
HIS CD2 NE2  sing Y N 153 
HIS CD2 HD2  sing N N 154 
HIS CE1 NE2  sing Y N 155 
HIS CE1 HE1  sing N N 156 
HIS NE2 HE2  sing N N 157 
HIS OXT HXT  sing N N 158 
HOH O   H1   sing N N 159 
HOH O   H2   sing N N 160 
ILE N   CA   sing N N 161 
ILE N   H    sing N N 162 
ILE N   H2   sing N N 163 
ILE CA  C    sing N N 164 
ILE CA  CB   sing N N 165 
ILE CA  HA   sing N N 166 
ILE C   O    doub N N 167 
ILE C   OXT  sing N N 168 
ILE CB  CG1  sing N N 169 
ILE CB  CG2  sing N N 170 
ILE CB  HB   sing N N 171 
ILE CG1 CD1  sing N N 172 
ILE CG1 HG12 sing N N 173 
ILE CG1 HG13 sing N N 174 
ILE CG2 HG21 sing N N 175 
ILE CG2 HG22 sing N N 176 
ILE CG2 HG23 sing N N 177 
ILE CD1 HD11 sing N N 178 
ILE CD1 HD12 sing N N 179 
ILE CD1 HD13 sing N N 180 
ILE OXT HXT  sing N N 181 
LEU N   CA   sing N N 182 
LEU N   H    sing N N 183 
LEU N   H2   sing N N 184 
LEU CA  C    sing N N 185 
LEU CA  CB   sing N N 186 
LEU CA  HA   sing N N 187 
LEU C   O    doub N N 188 
LEU C   OXT  sing N N 189 
LEU CB  CG   sing N N 190 
LEU CB  HB2  sing N N 191 
LEU CB  HB3  sing N N 192 
LEU CG  CD1  sing N N 193 
LEU CG  CD2  sing N N 194 
LEU CG  HG   sing N N 195 
LEU CD1 HD11 sing N N 196 
LEU CD1 HD12 sing N N 197 
LEU CD1 HD13 sing N N 198 
LEU CD2 HD21 sing N N 199 
LEU CD2 HD22 sing N N 200 
LEU CD2 HD23 sing N N 201 
LEU OXT HXT  sing N N 202 
LYS N   CA   sing N N 203 
LYS N   H    sing N N 204 
LYS N   H2   sing N N 205 
LYS CA  C    sing N N 206 
LYS CA  CB   sing N N 207 
LYS CA  HA   sing N N 208 
LYS C   O    doub N N 209 
LYS C   OXT  sing N N 210 
LYS CB  CG   sing N N 211 
LYS CB  HB2  sing N N 212 
LYS CB  HB3  sing N N 213 
LYS CG  CD   sing N N 214 
LYS CG  HG2  sing N N 215 
LYS CG  HG3  sing N N 216 
LYS CD  CE   sing N N 217 
LYS CD  HD2  sing N N 218 
LYS CD  HD3  sing N N 219 
LYS CE  NZ   sing N N 220 
LYS CE  HE2  sing N N 221 
LYS CE  HE3  sing N N 222 
LYS NZ  HZ1  sing N N 223 
LYS NZ  HZ2  sing N N 224 
LYS NZ  HZ3  sing N N 225 
LYS OXT HXT  sing N N 226 
MET N   CA   sing N N 227 
MET N   H    sing N N 228 
MET N   H2   sing N N 229 
MET CA  C    sing N N 230 
MET CA  CB   sing N N 231 
MET CA  HA   sing N N 232 
MET C   O    doub N N 233 
MET C   OXT  sing N N 234 
MET CB  CG   sing N N 235 
MET CB  HB2  sing N N 236 
MET CB  HB3  sing N N 237 
MET CG  SD   sing N N 238 
MET CG  HG2  sing N N 239 
MET CG  HG3  sing N N 240 
MET SD  CE   sing N N 241 
MET CE  HE1  sing N N 242 
MET CE  HE2  sing N N 243 
MET CE  HE3  sing N N 244 
MET OXT HXT  sing N N 245 
PHE N   CA   sing N N 246 
PHE N   H    sing N N 247 
PHE N   H2   sing N N 248 
PHE CA  C    sing N N 249 
PHE CA  CB   sing N N 250 
PHE CA  HA   sing N N 251 
PHE C   O    doub N N 252 
PHE C   OXT  sing N N 253 
PHE CB  CG   sing N N 254 
PHE CB  HB2  sing N N 255 
PHE CB  HB3  sing N N 256 
PHE CG  CD1  doub Y N 257 
PHE CG  CD2  sing Y N 258 
PHE CD1 CE1  sing Y N 259 
PHE CD1 HD1  sing N N 260 
PHE CD2 CE2  doub Y N 261 
PHE CD2 HD2  sing N N 262 
PHE CE1 CZ   doub Y N 263 
PHE CE1 HE1  sing N N 264 
PHE CE2 CZ   sing Y N 265 
PHE CE2 HE2  sing N N 266 
PHE CZ  HZ   sing N N 267 
PHE OXT HXT  sing N N 268 
PRO N   CA   sing N N 269 
PRO N   CD   sing N N 270 
PRO N   H    sing N N 271 
PRO CA  C    sing N N 272 
PRO CA  CB   sing N N 273 
PRO CA  HA   sing N N 274 
PRO C   O    doub N N 275 
PRO C   OXT  sing N N 276 
PRO CB  CG   sing N N 277 
PRO CB  HB2  sing N N 278 
PRO CB  HB3  sing N N 279 
PRO CG  CD   sing N N 280 
PRO CG  HG2  sing N N 281 
PRO CG  HG3  sing N N 282 
PRO CD  HD2  sing N N 283 
PRO CD  HD3  sing N N 284 
PRO OXT HXT  sing N N 285 
RJG O   C    doub N N 286 
RJG C   C1   sing N N 287 
RJG C   C8   sing N N 288 
RJG C7  C8   sing N N 289 
RJG C7  N    sing N N 290 
RJG C1  C2   sing N N 291 
RJG C8  C5   sing N N 292 
RJG C8  N1   sing N N 293 
RJG N   C6   sing N N 294 
RJG C5  C6   sing N N 295 
RJG C5  C4   sing N N 296 
RJG C14 C13  doub Y N 297 
RJG C14 C15  sing Y N 298 
RJG C13 C12  sing Y N 299 
RJG C12 C11  doub Y N 300 
RJG C15 C10  doub Y N 301 
RJG C15 C2   sing N N 302 
RJG C11 C10  sing Y N 303 
RJG C10 C9   sing N N 304 
RJG C2  C3   sing N N 305 
RJG C9  N1   sing N N 306 
RJG N1  C3   sing N N 307 
RJG C3  C4   sing N N 308 
RJG C4  H2   sing N N 309 
RJG C4  H3   sing N N 310 
RJG C5  H4   sing N N 311 
RJG C6  H5   sing N N 312 
RJG C6  H6   sing N N 313 
RJG C7  H7   sing N N 314 
RJG C7  H8   sing N N 315 
RJG C13 H9   sing N N 316 
RJG N   H10  sing N N 317 
RJG C1  H12  sing N N 318 
RJG C1  H13  sing N N 319 
RJG C11 H14  sing N N 320 
RJG C12 H15  sing N N 321 
RJG C14 H16  sing N N 322 
RJG C2  H17  sing N N 323 
RJG C3  H18  sing N N 324 
RJG C9  H19  sing N N 325 
RJG C9  H20  sing N N 326 
SER N   CA   sing N N 327 
SER N   H    sing N N 328 
SER N   H2   sing N N 329 
SER CA  C    sing N N 330 
SER CA  CB   sing N N 331 
SER CA  HA   sing N N 332 
SER C   O    doub N N 333 
SER C   OXT  sing N N 334 
SER CB  OG   sing N N 335 
SER CB  HB2  sing N N 336 
SER CB  HB3  sing N N 337 
SER OG  HG   sing N N 338 
SER OXT HXT  sing N N 339 
SO4 S   O1   doub N N 340 
SO4 S   O2   doub N N 341 
SO4 S   O3   sing N N 342 
SO4 S   O4   sing N N 343 
THR N   CA   sing N N 344 
THR N   H    sing N N 345 
THR N   H2   sing N N 346 
THR CA  C    sing N N 347 
THR CA  CB   sing N N 348 
THR CA  HA   sing N N 349 
THR C   O    doub N N 350 
THR C   OXT  sing N N 351 
THR CB  OG1  sing N N 352 
THR CB  CG2  sing N N 353 
THR CB  HB   sing N N 354 
THR OG1 HG1  sing N N 355 
THR CG2 HG21 sing N N 356 
THR CG2 HG22 sing N N 357 
THR CG2 HG23 sing N N 358 
THR OXT HXT  sing N N 359 
TYR N   CA   sing N N 360 
TYR N   H    sing N N 361 
TYR N   H2   sing N N 362 
TYR CA  C    sing N N 363 
TYR CA  CB   sing N N 364 
TYR CA  HA   sing N N 365 
TYR C   O    doub N N 366 
TYR C   OXT  sing N N 367 
TYR CB  CG   sing N N 368 
TYR CB  HB2  sing N N 369 
TYR CB  HB3  sing N N 370 
TYR CG  CD1  doub Y N 371 
TYR CG  CD2  sing Y N 372 
TYR CD1 CE1  sing Y N 373 
TYR CD1 HD1  sing N N 374 
TYR CD2 CE2  doub Y N 375 
TYR CD2 HD2  sing N N 376 
TYR CE1 CZ   doub Y N 377 
TYR CE1 HE1  sing N N 378 
TYR CE2 CZ   sing Y N 379 
TYR CE2 HE2  sing N N 380 
TYR CZ  OH   sing N N 381 
TYR OH  HH   sing N N 382 
TYR OXT HXT  sing N N 383 
VAL N   CA   sing N N 384 
VAL N   H    sing N N 385 
VAL N   H2   sing N N 386 
VAL CA  C    sing N N 387 
VAL CA  CB   sing N N 388 
VAL CA  HA   sing N N 389 
VAL C   O    doub N N 390 
VAL C   OXT  sing N N 391 
VAL CB  CG1  sing N N 392 
VAL CB  CG2  sing N N 393 
VAL CB  HB   sing N N 394 
VAL CG1 HG11 sing N N 395 
VAL CG1 HG12 sing N N 396 
VAL CG1 HG13 sing N N 397 
VAL CG2 HG21 sing N N 398 
VAL CG2 HG22 sing N N 399 
VAL CG2 HG23 sing N N 400 
VAL OXT HXT  sing N N 401 
# 
_pdbx_deposit_group.group_id            G_1002118 
_pdbx_deposit_group.group_description   
;Bromodomain of human ATAD2 screened against the Leeds 3D Fragment Library by X-ray Crystallography at the XChem
facility of Diamond Light Source beamline I04-1
;
_pdbx_deposit_group.group_title         'PanDDA analysis group deposition - Bromodomain of human ATAD2 fragment screening' 
_pdbx_deposit_group.group_type          'changed state' 
# 
_pdbx_entity_instance_feature.ordinal        1 
_pdbx_entity_instance_feature.comp_id        RJG 
_pdbx_entity_instance_feature.asym_id        ? 
_pdbx_entity_instance_feature.seq_num        ? 
_pdbx_entity_instance_feature.auth_comp_id   RJG 
_pdbx_entity_instance_feature.auth_asym_id   ? 
_pdbx_entity_instance_feature.auth_seq_num   ? 
_pdbx_entity_instance_feature.feature_type   'SUBJECT OF INVESTIGATION' 
_pdbx_entity_instance_feature.details        ? 
# 
_atom_sites.entry_id                    5QXV 
_atom_sites.fract_transf_matrix[1][1]   0.01178968 
_atom_sites.fract_transf_matrix[1][2]   -0.00432419 
_atom_sites.fract_transf_matrix[1][3]   -0.00665008 
_atom_sites.fract_transf_matrix[2][1]   0.01266201 
_atom_sites.fract_transf_matrix[2][2]   0.00509757 
_atom_sites.fract_transf_matrix[2][3]   0.00395125 
_atom_sites.fract_transf_matrix[3][1]   0.00068410 
_atom_sites.fract_transf_matrix[3][2]   -0.00532144 
_atom_sites.fract_transf_matrix[3][3]   0.00467306 
_atom_sites.fract_transf_vector[1]      0.444797 
_atom_sites.fract_transf_vector[2]      0.598491 
_atom_sites.fract_transf_vector[3]      -0.026014 
# 
loop_
_atom_type.symbol 
C 
N 
O 
S 
# 
loop_
_atom_site.group_PDB 
_atom_site.id 
_atom_site.type_symbol 
_atom_site.label_atom_id 
_atom_site.label_alt_id 
_atom_site.label_comp_id 
_atom_site.label_asym_id 
_atom_site.label_entity_id 
_atom_site.label_seq_id 
_atom_site.pdbx_PDB_ins_code 
_atom_site.Cartn_x 
_atom_site.Cartn_y 
_atom_site.Cartn_z 
_atom_site.occupancy 
_atom_site.B_iso_or_equiv 
_atom_site.pdbx_formal_charge 
_atom_site.auth_seq_id 
_atom_site.auth_comp_id 
_atom_site.auth_asym_id 
_atom_site.auth_atom_id 
_atom_site.pdbx_PDB_model_num 
ATOM   1    N N   . SER A 1 1   ? -6.311  10.467  23.867  1.00 38.79  ? 979  SER A N   1 
ATOM   2    C CA  . SER A 1 1   ? -6.146  9.628   25.091  1.00 46.14  ? 979  SER A CA  1 
ATOM   3    C C   . SER A 1 1   ? -5.094  8.521   24.870  1.00 51.47  ? 979  SER A C   1 
ATOM   4    O O   . SER A 1 1   ? -4.640  8.302   23.688  1.00 40.55  ? 979  SER A O   1 
ATOM   5    C CB  . SER A 1 1   ? -7.450  9.024   25.460  1.00 52.18  ? 979  SER A CB  1 
ATOM   6    O OG  . SER A 1 1   ? -7.836  8.059   24.495  1.00 48.32  ? 979  SER A OG  1 
ATOM   7    N N   . MET A 1 2   ? -4.703  7.861   25.956  1.00 49.69  ? 980  MET A N   1 
ATOM   8    C CA  . MET A 1 2   ? -3.791  6.682   25.945  1.00 55.82  ? 980  MET A CA  1 
ATOM   9    C C   . MET A 1 2   ? -4.453  5.537   25.170  1.00 43.27  ? 980  MET A C   1 
ATOM   10   O O   . MET A 1 2   ? -3.768  4.819   24.447  1.00 41.21  ? 980  MET A O   1 
ATOM   11   C CB  . MET A 1 2   ? -3.498  6.178   27.365  1.00 63.97  ? 980  MET A CB  1 
ATOM   12   C CG  . MET A 1 2   ? -2.410  5.101   27.415  1.00 75.28  ? 980  MET A CG  1 
ATOM   13   S SD  . MET A 1 2   ? -0.779  5.734   26.896  1.00 99.11  ? 980  MET A SD  1 
ATOM   14   C CE  . MET A 1 2   ? -0.623  5.077   25.234  1.00 88.89  ? 980  MET A CE  1 
ATOM   15   N N   . GLN A 1 3   ? -5.745  5.363   25.341  1.00 40.17  ? 981  GLN A N   1 
ATOM   16   C CA  . GLN A 1 3   ? -6.503  4.304   24.652  1.00 45.82  ? 981  GLN A CA  1 
ATOM   17   C C   . GLN A 1 3   ? -6.326  4.561   23.155  1.00 37.69  ? 981  GLN A C   1 
ATOM   18   O O   . GLN A 1 3   ? -6.199  3.570   22.416  1.00 35.93  ? 981  GLN A O   1 
ATOM   19   C CB  . GLN A 1 3   ? -7.979  4.268   25.068  1.00 51.50  ? 981  GLN A CB  1 
ATOM   20   C CG  . GLN A 1 3   ? -8.195  4.106   26.581  1.00 70.70  ? 981  GLN A CG  1 
ATOM   21   C CD  . GLN A 1 3   ? -8.213  5.431   27.321  1.00 80.36  ? 981  GLN A CD  1 
ATOM   22   O OE1 . GLN A 1 3   ? -7.202  5.896   27.860  1.00 75.88  ? 981  GLN A OE1 1 
ATOM   23   N NE2 . GLN A 1 3   ? -9.365  6.090   27.300  1.00 87.72  ? 981  GLN A NE2 1 
ATOM   24   N N   . GLU A 1 4   ? -6.378  5.824   22.725  1.00 32.96  ? 982  GLU A N   1 
ATOM   25   C CA  . GLU A 1 4   ? -6.346  6.164   21.277  1.00 27.28  ? 982  GLU A CA  1 
ATOM   26   C C   . GLU A 1 4   ? -4.930  5.901   20.738  1.00 25.37  ? 982  GLU A C   1 
ATOM   27   O O   . GLU A 1 4   ? -4.836  5.350   19.592  1.00 23.07  ? 982  GLU A O   1 
ATOM   28   C CB  . GLU A 1 4   ? -6.830  7.604   21.011  1.00 28.51  ? 982  GLU A CB  1 
ATOM   29   C CG  . GLU A 1 4   ? -8.352  7.763   21.200  1.00 30.49  ? 982  GLU A CG  1 
ATOM   30   C CD  . GLU A 1 4   ? -8.888  9.192   21.196  1.00 38.16  ? 982  GLU A CD  1 
ATOM   31   O OE1 . GLU A 1 4   ? -8.032  10.095  21.237  1.00 35.11  ? 982  GLU A OE1 1 
ATOM   32   O OE2 . GLU A 1 4   ? -10.166 9.393   21.062  1.00 33.46  ? 982  GLU A OE2 1 
ATOM   33   N N   . GLU A 1 5   ? -3.881  6.239   21.476  1.00 25.23  ? 983  GLU A N   1 
ATOM   34   C CA  . GLU A 1 5   ? -2.494  5.988   21.025  1.00 27.80  ? 983  GLU A CA  1 
ATOM   35   C C   . GLU A 1 5   ? -2.232  4.462   20.938  1.00 27.29  ? 983  GLU A C   1 
ATOM   36   O O   . GLU A 1 5   ? -1.514  4.049   20.035  1.00 23.76  ? 983  GLU A O   1 
ATOM   37   C CB  . GLU A 1 5   ? -1.506  6.723   21.922  1.00 32.59  ? 983  GLU A CB  1 
ATOM   38   C CG  . GLU A 1 5   ? -1.573  8.272   21.750  1.00 42.91  ? 983  GLU A CG  1 
ATOM   39   C CD  . GLU A 1 5   ? -1.736  8.868   20.337  1.00 53.91  ? 983  GLU A CD  1 
ATOM   40   O OE1 . GLU A 1 5   ? -0.826  8.648   19.492  1.00 62.20  ? 983  GLU A OE1 1 
ATOM   41   O OE2 . GLU A 1 5   ? -2.808  9.538   20.034  1.00 60.87  ? 983  GLU A OE2 1 
ATOM   42   N N   . ASP A 1 6   ? -2.820  3.672   21.818  1.00 25.49  ? 984  ASP A N   1 
ATOM   43   C CA  . ASP A 1 6   ? -2.736  2.187   21.771  1.00 25.96  ? 984  ASP A CA  1 
ATOM   44   C C   . ASP A 1 6   ? -3.443  1.655   20.493  1.00 23.08  ? 984  ASP A C   1 
ATOM   45   O O   . ASP A 1 6   ? -2.885  0.701   19.823  1.00 20.09  ? 984  ASP A O   1 
ATOM   46   C CB  . ASP A 1 6   ? -3.361  1.563   23.013  1.00 28.33  ? 984  ASP A CB  1 
ATOM   47   C CG  . ASP A 1 6   ? -2.524  1.637   24.303  1.00 36.10  ? 984  ASP A CG  1 
ATOM   48   O OD1 . ASP A 1 6   ? -1.322  1.963   24.258  1.00 38.78  ? 984  ASP A OD1 1 
ATOM   49   O OD2 . ASP A 1 6   ? -3.118  1.362   25.325  1.00 45.91  ? 984  ASP A OD2 1 
ATOM   50   N N   . THR A 1 7   ? -4.590  2.229   20.123  1.00 21.69  ? 985  THR A N   1 
ATOM   51   C CA  . THR A 1 7   ? -5.326  1.881   18.894  1.00 19.75  ? 985  THR A CA  1 
ATOM   52   C C   . THR A 1 7   ? -4.377  2.114   17.709  1.00 20.19  ? 985  THR A C   1 
ATOM   53   O O   . THR A 1 7   ? -4.235  1.177   16.831  1.00 18.33  ? 985  THR A O   1 
ATOM   54   C CB  . THR A 1 7   ? -6.641  2.640   18.750  1.00 20.81  ? 985  THR A CB  1 
ATOM   55   O OG1 . THR A 1 7   ? -7.426  2.392   19.949  1.00 23.52  ? 985  THR A OG1 1 
ATOM   56   C CG2 . THR A 1 7   ? -7.358  2.265   17.478  1.00 22.12  ? 985  THR A CG2 1 
ATOM   57   N N   . PHE A 1 8   ? -3.794  3.295   17.590  1.00 19.42  ? 986  PHE A N   1 
ATOM   58   C CA  . PHE A 1 8   ? -2.917  3.544   16.411  1.00 18.93  ? 986  PHE A CA  1 
ATOM   59   C C   . PHE A 1 8   ? -1.655  2.658   16.387  1.00 19.76  ? 986  PHE A C   1 
ATOM   60   O O   . PHE A 1 8   ? -1.183  2.323   15.310  1.00 20.25  ? 986  PHE A O   1 
ATOM   61   C CB  . PHE A 1 8   ? -2.619  5.030   16.202  1.00 19.13  ? 986  PHE A CB  1 
ATOM   62   C CG  . PHE A 1 8   ? -3.825  5.892   15.930  1.00 22.73  ? 986  PHE A CG  1 
ATOM   63   C CD1 . PHE A 1 8   ? -4.690  5.593   14.889  1.00 22.03  ? 986  PHE A CD1 1 
ATOM   64   C CD2 . PHE A 1 8   ? -4.051  7.047   16.675  1.00 24.64  ? 986  PHE A CD2 1 
ATOM   65   C CE1 . PHE A 1 8   ? -5.795  6.389   14.626  1.00 24.88  ? 986  PHE A CE1 1 
ATOM   66   C CE2 . PHE A 1 8   ? -5.135  7.858   16.386  1.00 24.77  ? 986  PHE A CE2 1 
ATOM   67   C CZ  . PHE A 1 8   ? -5.991  7.541   15.351  1.00 23.89  ? 986  PHE A CZ  1 
ATOM   68   N N   A ARG A 1 9   ? -1.106  2.304   17.553  0.23 20.13  ? 987  ARG A N   1 
ATOM   69   N N   B ARG A 1 9   ? -1.106  2.339   17.556  0.23 20.18  ? 987  ARG A N   1 
ATOM   70   N N   C ARG A 1 9   ? -1.110  2.291   17.552  0.04 18.35  ? 987  ARG A N   1 
ATOM   71   C CA  A ARG A 1 9   ? 0.087   1.418   17.642  0.23 21.10  ? 987  ARG A CA  1 
ATOM   72   C CA  B ARG A 1 9   ? 0.047   1.416   17.658  0.23 21.15  ? 987  ARG A CA  1 
ATOM   73   C CA  C ARG A 1 9   ? 0.092   1.412   17.630  0.04 17.65  ? 987  ARG A CA  1 
ATOM   74   C C   A ARG A 1 9   ? -0.316  0.013   17.152  0.23 19.51  ? 987  ARG A C   1 
ATOM   75   C C   B ARG A 1 9   ? -0.366  0.062   17.066  0.23 19.58  ? 987  ARG A C   1 
ATOM   76   C C   C ARG A 1 9   ? -0.292  -0.008  17.189  0.04 17.70  ? 987  ARG A C   1 
ATOM   77   O O   A ARG A 1 9   ? 0.485   -0.618  16.447  0.23 18.94  ? 987  ARG A O   1 
ATOM   78   O O   B ARG A 1 9   ? 0.373   -0.468  16.209  0.23 19.45  ? 987  ARG A O   1 
ATOM   79   O O   C ARG A 1 9   ? 0.559   -0.676  16.574  0.04 17.61  ? 987  ARG A O   1 
ATOM   80   C CB  A ARG A 1 9   ? 0.655   1.405   19.067  0.23 24.23  ? 987  ARG A CB  1 
ATOM   81   C CB  B ARG A 1 9   ? 0.478   1.231   19.111  0.23 24.15  ? 987  ARG A CB  1 
ATOM   82   C CB  C ARG A 1 9   ? 0.719   1.410   19.029  0.04 17.03  ? 987  ARG A CB  1 
ATOM   83   C CG  A ARG A 1 9   ? 2.144   1.100   19.148  0.23 25.09  ? 987  ARG A CG  1 
ATOM   84   C CG  B ARG A 1 9   ? 1.755   0.425   19.242  0.23 25.17  ? 987  ARG A CG  1 
ATOM   85   C CG  C ARG A 1 9   ? 2.109   0.789   19.081  0.04 16.26  ? 987  ARG A CG  1 
ATOM   86   C CD  A ARG A 1 9   ? 2.710   1.232   20.550  0.23 27.11  ? 987  ARG A CD  1 
ATOM   87   C CD  B ARG A 1 9   ? 2.435   0.694   20.556  0.23 26.48  ? 987  ARG A CD  1 
ATOM   88   C CD  C ARG A 1 9   ? 2.998   1.503   20.078  0.04 15.51  ? 987  ARG A CD  1 
ATOM   89   N NE  A ARG A 1 9   ? 2.585   2.582   21.067  0.23 31.40  ? 987  ARG A NE  1 
ATOM   90   N NE  B ARG A 1 9   ? 3.814   0.246   20.523  0.23 28.69  ? 987  ARG A NE  1 
ATOM   91   N NE  C ARG A 1 9   ? 4.305   0.918   20.378  0.04 15.13  ? 987  ARG A NE  1 
ATOM   92   C CZ  A ARG A 1 9   ? 1.769   2.956   22.054  0.23 28.65  ? 987  ARG A CZ  1 
ATOM   93   C CZ  B ARG A 1 9   ? 4.235   -0.947  20.930  0.23 26.10  ? 987  ARG A CZ  1 
ATOM   94   C CZ  C ARG A 1 9   ? 4.688   -0.346  20.190  0.04 14.31  ? 987  ARG A CZ  1 
ATOM   95   N NH1 A ARG A 1 9   ? 1.005   2.080   22.672  0.23 28.25  ? 987  ARG A NH1 1 
ATOM   96   N NH1 B ARG A 1 9   ? 5.541   -1.172  20.888  0.23 25.49  ? 987  ARG A NH1 1 
ATOM   97   N NH1 C ARG A 1 9   ? 5.909   -0.697  20.550  0.04 13.57  ? 987  ARG A NH1 1 
ATOM   98   N NH2 A ARG A 1 9   ? 1.732   4.217   22.411  0.23 26.22  ? 987  ARG A NH2 1 
ATOM   99   N NH2 B ARG A 1 9   ? 3.365   -1.858  21.384  0.23 23.09  ? 987  ARG A NH2 1 
ATOM   100  N NH2 C ARG A 1 9   ? 3.891   -1.245  19.636  0.04 13.83  ? 987  ARG A NH2 1 
ATOM   101  N N   . GLU A 1 10  ? -1.517  -0.452  17.494  1.00 18.00  ? 988  GLU A N   1 
ATOM   102  C CA  . GLU A 1 10  ? -2.023  -1.769  16.992  1.00 16.77  ? 988  GLU A CA  1 
ATOM   103  C C   . GLU A 1 10  ? -2.153  -1.665  15.451  1.00 17.27  ? 988  GLU A C   1 
ATOM   104  O O   . GLU A 1 10  ? -1.752  -2.635  14.742  1.00 14.97  ? 988  GLU A O   1 
ATOM   105  C CB  . GLU A 1 10  ? -3.318  -2.206  17.625  1.00 17.86  ? 988  GLU A CB  1 
ATOM   106  C CG  . GLU A 1 10  ? -3.861  -3.511  17.091  1.00 18.44  ? 988  GLU A CG  1 
ATOM   107  C CD  . GLU A 1 10  ? -4.856  -4.274  17.940  1.00 23.24  ? 988  GLU A CD  1 
ATOM   108  O OE1 . GLU A 1 10  ? -5.401  -5.279  17.427  1.00 21.76  ? 988  GLU A OE1 1 
ATOM   109  O OE2 . GLU A 1 10  ? -5.058  -3.848  19.104  1.00 21.42  ? 988  GLU A OE2 1 
ATOM   110  N N   . LEU A 1 11  ? -2.691  -0.560  14.939  1.00 17.30  ? 989  LEU A N   1 
ATOM   111  C CA  . LEU A 1 11  ? -2.860  -0.396  13.473  1.00 17.70  ? 989  LEU A CA  1 
ATOM   112  C C   . LEU A 1 11  ? -1.480  -0.493  12.811  1.00 15.44  ? 989  LEU A C   1 
ATOM   113  O O   . LEU A 1 11  ? -1.362  -1.237  11.812  1.00 17.37  ? 989  LEU A O   1 
ATOM   114  C CB  . LEU A 1 11  ? -3.503  0.961   13.156  1.00 18.21  ? 989  LEU A CB  1 
ATOM   115  C CG  . LEU A 1 11  ? -3.544  1.295   11.661  1.00 17.51  ? 989  LEU A CG  1 
ATOM   116  C CD1 . LEU A 1 11  ? -4.480  0.354   10.918  1.00 20.50  ? 989  LEU A CD1 1 
ATOM   117  C CD2 . LEU A 1 11  ? -3.954  2.731   11.410  1.00 20.90  ? 989  LEU A CD2 1 
ATOM   118  N N   . ARG A 1 12  ? -0.445  0.188   13.322  1.00 16.25  ? 990  ARG A N   1 
ATOM   119  C CA  . ARG A 1 12  ? 0.901   0.123   12.726  1.00 14.85  ? 990  ARG A CA  1 
ATOM   120  C C   . ARG A 1 12  ? 1.433   -1.324  12.730  1.00 15.46  ? 990  ARG A C   1 
ATOM   121  O O   . ARG A 1 12  ? 2.037   -1.729  11.695  1.00 15.84  ? 990  ARG A O   1 
ATOM   122  C CB  . ARG A 1 12  ? 1.903   1.103   13.367  1.00 16.24  ? 990  ARG A CB  1 
ATOM   123  C CG  . ARG A 1 12  ? 1.516   2.559   13.168  1.00 17.19  ? 990  ARG A CG  1 
ATOM   124  C CD  . ARG A 1 12  ? 2.582   3.531   13.626  1.00 18.55  ? 990  ARG A CD  1 
ATOM   125  N NE  . ARG A 1 12  ? 2.836   3.497   15.050  1.00 20.17  ? 990  ARG A NE  1 
ATOM   126  C CZ  . ARG A 1 12  ? 2.191   4.233   15.977  1.00 20.58  ? 990  ARG A CZ  1 
ATOM   127  N NH1 . ARG A 1 12  ? 2.575   4.136   17.220  1.00 24.89  ? 990  ARG A NH1 1 
ATOM   128  N NH2 . ARG A 1 12  ? 1.197   5.023   15.673  1.00 21.23  ? 990  ARG A NH2 1 
ATOM   129  N N   . ILE A 1 13  ? 1.306   -2.063  13.845  1.00 16.54  ? 991  ILE A N   1 
ATOM   130  C CA  . ILE A 1 13  ? 1.742   -3.496  13.937  1.00 15.99  ? 991  ILE A CA  1 
ATOM   131  C C   . ILE A 1 13  ? 1.029   -4.315  12.847  1.00 14.76  ? 991  ILE A C   1 
ATOM   132  O O   . ILE A 1 13  ? 1.755   -5.063  12.078  1.00 16.44  ? 991  ILE A O   1 
ATOM   133  C CB  . ILE A 1 13  ? 1.542   -4.086  15.352  1.00 19.41  ? 991  ILE A CB  1 
ATOM   134  C CG1 . ILE A 1 13  ? 2.444   -3.343  16.345  1.00 22.42  ? 991  ILE A CG1 1 
ATOM   135  C CG2 . ILE A 1 13  ? 1.778   -5.583  15.359  1.00 22.13  ? 991  ILE A CG2 1 
ATOM   136  C CD1 . ILE A 1 13  ? 1.896   -3.476  17.751  1.00 25.26  ? 991  ILE A CD1 1 
ATOM   137  N N   . PHE A 1 14  ? -0.270  -4.127  12.700  1.00 15.56  ? 992  PHE A N   1 
ATOM   138  C CA  . PHE A 1 14  ? -1.059  -4.887  11.688  1.00 16.33  ? 992  PHE A CA  1 
ATOM   139  C C   . PHE A 1 14  ? -0.499  -4.541  10.282  1.00 16.60  ? 992  PHE A C   1 
ATOM   140  O O   . PHE A 1 14  ? -0.277  -5.449  9.423   1.00 15.27  ? 992  PHE A O   1 
ATOM   141  C CB  . PHE A 1 14  ? -2.530  -4.522  11.820  1.00 16.95  ? 992  PHE A CB  1 
ATOM   142  C CG  . PHE A 1 14  ? -3.424  -5.141  10.771  1.00 16.27  ? 992  PHE A CG  1 
ATOM   143  C CD1 . PHE A 1 14  ? -3.694  -6.498  10.749  1.00 19.14  ? 992  PHE A CD1 1 
ATOM   144  C CD2 . PHE A 1 14  ? -3.946  -4.329  9.771   1.00 19.52  ? 992  PHE A CD2 1 
ATOM   145  C CE1 . PHE A 1 14  ? -4.532  -7.024  9.750   1.00 19.88  ? 992  PHE A CE1 1 
ATOM   146  C CE2 . PHE A 1 14  ? -4.761  -4.859  8.772   1.00 19.55  ? 992  PHE A CE2 1 
ATOM   147  C CZ  . PHE A 1 14  ? -5.027  -6.218  8.762   1.00 19.01  ? 992  PHE A CZ  1 
ATOM   148  N N   . LEU A 1 15  ? -0.306  -3.248  9.967   1.00 15.58  ? 993  LEU A N   1 
ATOM   149  C CA  . LEU A 1 15  ? 0.081   -2.812  8.592   1.00 15.29  ? 993  LEU A CA  1 
ATOM   150  C C   . LEU A 1 15  ? 1.505   -3.267  8.272   1.00 15.28  ? 993  LEU A C   1 
ATOM   151  O O   . LEU A 1 15  ? 1.788   -3.666  7.111   1.00 16.06  ? 993  LEU A O   1 
ATOM   152  C CB  . LEU A 1 15  ? -0.035  -1.293  8.481   1.00 16.08  ? 993  LEU A CB  1 
ATOM   153  C CG  . LEU A 1 15  ? -1.454  -0.735  8.555   1.00 17.84  ? 993  LEU A CG  1 
ATOM   154  C CD1 . LEU A 1 15  ? -1.426  0.781   8.370   1.00 19.73  ? 993  LEU A CD1 1 
ATOM   155  C CD2 . LEU A 1 15  ? -2.389  -1.409  7.557   1.00 17.02  ? 993  LEU A CD2 1 
ATOM   156  N N   . ARG A 1 16  ? 2.413   -3.242  9.240   1.00 16.40  ? 994  ARG A N   1 
ATOM   157  C CA  . ARG A 1 16  ? 3.783   -3.720  8.994   1.00 16.05  ? 994  ARG A CA  1 
ATOM   158  C C   . ARG A 1 16  ? 3.766   -5.221  8.665   1.00 17.94  ? 994  ARG A C   1 
ATOM   159  O O   . ARG A 1 16  ? 4.487   -5.646  7.720   1.00 17.07  ? 994  ARG A O   1 
ATOM   160  C CB  . ARG A 1 16  ? 4.757   -3.551  10.182  1.00 17.97  ? 994  ARG A CB  1 
ATOM   161  C CG  . ARG A 1 16  ? 5.117   -2.148  10.578  1.00 21.04  ? 994  ARG A CG  1 
ATOM   162  C CD  . ARG A 1 16  ? 6.277   -2.112  11.626  1.00 21.49  ? 994  ARG A CD  1 
ATOM   163  N NE  . ARG A 1 16  ? 6.298   -0.797  12.201  1.00 21.33  ? 994  ARG A NE  1 
ATOM   164  C CZ  . ARG A 1 16  ? 5.659   -0.376  13.262  1.00 22.16  ? 994  ARG A CZ  1 
ATOM   165  N NH1 . ARG A 1 16  ? 5.059   -1.186  14.123  1.00 20.95  ? 994  ARG A NH1 1 
ATOM   166  N NH2 . ARG A 1 16  ? 5.709   0.918   13.514  1.00 25.71  ? 994  ARG A NH2 1 
ATOM   167  N N   . ASN A 1 17  ? 2.932   -6.006  9.333   1.00 15.22  ? 995  ASN A N   1 
ATOM   168  C CA  . ASN A 1 17  ? 2.842   -7.467  9.111   1.00 16.18  ? 995  ASN A CA  1 
ATOM   169  C C   . ASN A 1 17  ? 2.260   -7.732  7.692   1.00 15.37  ? 995  ASN A C   1 
ATOM   170  O O   . ASN A 1 17  ? 2.879   -8.571  6.915   1.00 16.12  ? 995  ASN A O   1 
ATOM   171  C CB  . ASN A 1 17  ? 2.037   -8.173  10.197  1.00 16.94  ? 995  ASN A CB  1 
ATOM   172  C CG  . ASN A 1 17  ? 1.838   -9.649  9.905   1.00 19.94  ? 995  ASN A CG  1 
ATOM   173  O OD1 . ASN A 1 17  ? 0.804   -9.986  9.367   1.00 18.40  ? 995  ASN A OD1 1 
ATOM   174  N ND2 . ASN A 1 17  ? 2.865   -10.472 10.172  1.00 21.34  ? 995  ASN A ND2 1 
ATOM   175  N N   . VAL A 1 18  ? 1.187   -7.062  7.327   1.00 14.80  ? 996  VAL A N   1 
ATOM   176  C CA  . VAL A 1 18  ? 0.620   -7.254  5.949   1.00 17.59  ? 996  VAL A CA  1 
ATOM   177  C C   . VAL A 1 18  ? 1.685   -6.886  4.900   1.00 17.71  ? 996  VAL A C   1 
ATOM   178  O O   . VAL A 1 18  ? 1.883   -7.643  3.910   1.00 17.73  ? 996  VAL A O   1 
ATOM   179  C CB  . VAL A 1 18  ? -0.681  -6.473  5.754   1.00 16.70  ? 996  VAL A CB  1 
ATOM   180  C CG1 . VAL A 1 18  ? -1.186  -6.511  4.305   1.00 17.78  ? 996  VAL A CG1 1 
ATOM   181  C CG2 . VAL A 1 18  ? -1.740  -6.934  6.725   1.00 19.78  ? 996  VAL A CG2 1 
ATOM   182  N N   . THR A 1 19  ? 2.342   -5.734  5.048   1.00 17.00  ? 997  THR A N   1 
ATOM   183  C CA  . THR A 1 19  ? 3.309   -5.202  4.059   1.00 15.76  ? 997  THR A CA  1 
ATOM   184  C C   . THR A 1 19  ? 4.496   -6.174  3.863   1.00 17.23  ? 997  THR A C   1 
ATOM   185  O O   . THR A 1 19  ? 4.925   -6.421  2.695   1.00 18.85  ? 997  THR A O   1 
ATOM   186  C CB  . THR A 1 19  ? 3.782   -3.791  4.434   1.00 15.73  ? 997  THR A CB  1 
ATOM   187  O OG1 . THR A 1 19  ? 2.590   -2.985  4.595   1.00 16.51  ? 997  THR A OG1 1 
ATOM   188  C CG2 . THR A 1 19  ? 4.619   -3.159  3.340   1.00 19.21  ? 997  THR A CG2 1 
ATOM   189  N N   . HIS A 1 20  ? 5.021   -6.740  4.945   0.51 17.34  ? 998  HIS A N   1 
ATOM   190  C CA  . HIS A 1 20  ? 6.168   -7.683  4.860   0.51 18.45  ? 998  HIS A CA  1 
ATOM   191  C C   . HIS A 1 20  ? 5.716   -8.997  4.191   0.51 17.78  ? 998  HIS A C   1 
ATOM   192  O O   . HIS A 1 20  ? 6.537   -9.588  3.457   0.51 17.91  ? 998  HIS A O   1 
ATOM   193  C CB  . HIS A 1 20  ? 6.826   -7.823  6.234   0.51 19.43  ? 998  HIS A CB  1 
ATOM   194  C CG  . HIS A 1 20  ? 7.730   -6.688  6.606   0.51 20.22  ? 998  HIS A CG  1 
ATOM   195  N ND1 . HIS A 1 20  ? 7.623   -6.011  7.819   0.51 22.78  ? 998  HIS A ND1 1 
ATOM   196  C CD2 . HIS A 1 20  ? 8.776   -6.126  5.958   0.51 20.08  ? 998  HIS A CD2 1 
ATOM   197  C CE1 . HIS A 1 20  ? 8.559   -5.079  7.885   0.51 20.77  ? 998  HIS A CE1 1 
ATOM   198  N NE2 . HIS A 1 20  ? 9.280   -5.134  6.762   0.51 21.75  ? 998  HIS A NE2 1 
ATOM   199  N N   . ARG A 1 21  ? 4.466   -9.435  4.389   1.00 17.39  ? 999  ARG A N   1 
ATOM   200  C CA  . ARG A 1 21  ? 3.967   -10.643 3.706   1.00 18.25  ? 999  ARG A CA  1 
ATOM   201  C C   . ARG A 1 21  ? 3.879   -10.372 2.180   1.00 21.30  ? 999  ARG A C   1 
ATOM   202  O O   . ARG A 1 21  ? 4.146   -11.319 1.380   1.00 19.89  ? 999  ARG A O   1 
ATOM   203  C CB  . ARG A 1 21  ? 2.672   -11.129 4.311   1.00 19.35  ? 999  ARG A CB  1 
ATOM   204  C CG  . ARG A 1 21  ? 2.902   -11.761 5.685   1.00 20.29  ? 999  ARG A CG  1 
ATOM   205  C CD  . ARG A 1 21  ? 1.654   -11.722 6.588   1.00 19.22  ? 999  ARG A CD  1 
ATOM   206  N NE  . ARG A 1 21  ? 0.564   -12.499 6.054   1.00 20.83  ? 999  ARG A NE  1 
ATOM   207  C CZ  . ARG A 1 21  ? -0.658  -12.458 6.565   1.00 18.63  ? 999  ARG A CZ  1 
ATOM   208  N NH1 . ARG A 1 21  ? -1.609  -13.199 6.050   1.00 18.83  ? 999  ARG A NH1 1 
ATOM   209  N NH2 . ARG A 1 21  ? -0.908  -11.686 7.605   1.00 20.16  ? 999  ARG A NH2 1 
ATOM   210  N N   . LEU A 1 22  ? 3.471   -9.166  1.766   1.00 17.53  ? 1000 LEU A N   1 
ATOM   211  C CA  . LEU A 1 22  ? 3.441   -8.811  0.311   1.00 17.46  ? 1000 LEU A CA  1 
ATOM   212  C C   . LEU A 1 22  ? 4.868   -8.781  -0.202  1.00 19.13  ? 1000 LEU A C   1 
ATOM   213  O O   . LEU A 1 22  ? 5.135   -9.286  -1.328  1.00 20.57  ? 1000 LEU A O   1 
ATOM   214  C CB  . LEU A 1 22  ? 2.688   -7.488  0.102   1.00 17.16  ? 1000 LEU A CB  1 
ATOM   215  C CG  . LEU A 1 22  ? 1.224   -7.504  0.533   1.00 17.48  ? 1000 LEU A CG  1 
ATOM   216  C CD1 . LEU A 1 22  ? 0.702   -6.079  0.511   1.00 18.38  ? 1000 LEU A CD1 1 
ATOM   217  C CD2 . LEU A 1 22  ? 0.324   -8.405  -0.296  1.00 19.43  ? 1000 LEU A CD2 1 
ATOM   218  N N   . ALA A 1 23  ? 5.791   -8.198  0.547   1.00 18.90  ? 1001 ALA A N   1 
ATOM   219  C CA  . ALA A 1 23  ? 7.118   -7.839  0.044   1.00 18.93  ? 1001 ALA A CA  1 
ATOM   220  C C   . ALA A 1 23  ? 7.974   -9.107  -0.151  1.00 21.52  ? 1001 ALA A C   1 
ATOM   221  O O   . ALA A 1 23  ? 8.951   -9.018  -0.972  1.00 21.40  ? 1001 ALA A O   1 
ATOM   222  C CB  . ALA A 1 23  ? 7.797   -6.852  0.935   1.00 21.23  ? 1001 ALA A CB  1 
ATOM   223  N N   . ILE A 1 24  ? 7.701   -10.213 0.570   1.00 21.27  ? 1002 ILE A N   1 
ATOM   224  C CA  . ILE A 1 24  ? 8.512   -11.458 0.383   1.00 22.78  ? 1002 ILE A CA  1 
ATOM   225  C C   . ILE A 1 24  ? 7.970   -12.318 -0.766  1.00 24.28  ? 1002 ILE A C   1 
ATOM   226  O O   . ILE A 1 24  ? 8.612   -13.350 -1.076  1.00 24.28  ? 1002 ILE A O   1 
ATOM   227  C CB  . ILE A 1 24  ? 8.632   -12.269 1.687   1.00 25.15  ? 1002 ILE A CB  1 
ATOM   228  C CG1 . ILE A 1 24  ? 7.267   -12.741 2.145   1.00 26.61  ? 1002 ILE A CG1 1 
ATOM   229  C CG2 . ILE A 1 24  ? 9.379   -11.460 2.740   1.00 31.23  ? 1002 ILE A CG2 1 
ATOM   230  C CD1 . ILE A 1 24  ? 7.319   -13.560 3.407   1.00 37.20  ? 1002 ILE A CD1 1 
ATOM   231  N N   . ASP A 1 25  ? 6.810   -12.041 -1.332  1.00 21.76  ? 1003 ASP A N   1 
ATOM   232  C CA  . ASP A 1 25  ? 6.234   -12.877 -2.423  1.00 24.07  ? 1003 ASP A CA  1 
ATOM   233  C C   . ASP A 1 25  ? 7.030   -12.612 -3.713  1.00 26.41  ? 1003 ASP A C   1 
ATOM   234  O O   . ASP A 1 25  ? 7.161   -11.445 -4.104  1.00 22.41  ? 1003 ASP A O   1 
ATOM   235  C CB  . ASP A 1 25  ? 4.767   -12.583 -2.563  1.00 22.68  ? 1003 ASP A CB  1 
ATOM   236  C CG  . ASP A 1 25  ? 4.016   -13.479 -3.534  1.00 27.68  ? 1003 ASP A CG  1 
ATOM   237  O OD1 . ASP A 1 25  ? 4.446   -13.600 -4.710  1.00 25.43  ? 1003 ASP A OD1 1 
ATOM   238  O OD2 . ASP A 1 25  ? 2.948   -13.946 -3.139  1.00 26.38  ? 1003 ASP A OD2 1 
ATOM   239  N N   . LYS A 1 26  ? 7.615   -13.653 -4.322  1.00 23.90  ? 1004 LYS A N   1 
ATOM   240  C CA  . LYS A 1 26  ? 8.508   -13.499 -5.506  1.00 23.86  ? 1004 LYS A CA  1 
ATOM   241  C C   . LYS A 1 26  ? 7.786   -12.769 -6.641  1.00 20.38  ? 1004 LYS A C   1 
ATOM   242  O O   . LYS A 1 26  ? 8.474   -12.056 -7.392  1.00 23.53  ? 1004 LYS A O   1 
ATOM   243  C CB  . LYS A 1 26  ? 8.964   -14.886 -6.048  1.00 27.63  ? 1004 LYS A CB  1 
ATOM   244  N N   . ARG A 1 27  ? 6.477   -12.862 -6.772  1.00 22.04  ? 1005 ARG A N   1 
ATOM   245  C CA  . ARG A 1 27  ? 5.735   -12.204 -7.892  1.00 21.66  ? 1005 ARG A CA  1 
ATOM   246  C C   . ARG A 1 27  ? 5.857   -10.676 -7.763  1.00 23.81  ? 1005 ARG A C   1 
ATOM   247  O O   . ARG A 1 27  ? 5.702   -9.976  -8.772  1.00 23.10  ? 1005 ARG A O   1 
ATOM   248  C CB  . ARG A 1 27  ? 4.253   -12.558 -7.891  1.00 22.64  ? 1005 ARG A CB  1 
ATOM   249  C CG  . ARG A 1 27  ? 3.939   -14.026 -8.221  1.00 23.27  ? 1005 ARG A CG  1 
ATOM   250  C CD  . ARG A 1 27  ? 2.468   -14.343 -8.085  1.00 25.07  ? 1005 ARG A CD  1 
ATOM   251  N NE  . ARG A 1 27  ? 2.078   -14.303 -6.676  1.00 24.44  ? 1005 ARG A NE  1 
ATOM   252  C CZ  . ARG A 1 27  ? 0.854   -14.298 -6.206  1.00 22.06  ? 1005 ARG A CZ  1 
ATOM   253  N NH1 . ARG A 1 27  ? -0.210  -14.388 -7.000  1.00 26.88  ? 1005 ARG A NH1 1 
ATOM   254  N NH2 . ARG A 1 27  ? 0.679   -14.280 -4.897  1.00 26.96  ? 1005 ARG A NH2 1 
ATOM   255  N N   . PHE A 1 28  ? 6.092   -10.170 -6.534  1.00 20.35  ? 1006 PHE A N   1 
ATOM   256  C CA  . PHE A 1 28  ? 5.909   -8.716  -6.253  1.00 20.97  ? 1006 PHE A CA  1 
ATOM   257  C C   . PHE A 1 28  ? 7.253   -8.025  -6.097  1.00 22.24  ? 1006 PHE A C   1 
ATOM   258  O O   . PHE A 1 28  ? 7.272   -6.807  -5.687  1.00 21.15  ? 1006 PHE A O   1 
ATOM   259  C CB  . PHE A 1 28  ? 4.976   -8.529  -5.042  1.00 19.12  ? 1006 PHE A CB  1 
ATOM   260  C CG  . PHE A 1 28  ? 3.639   -9.235  -5.112  1.00 19.85  ? 1006 PHE A CG  1 
ATOM   261  C CD1 . PHE A 1 28  ? 2.978   -9.434  -6.339  1.00 20.67  ? 1006 PHE A CD1 1 
ATOM   262  C CD2 . PHE A 1 28  ? 3.032   -9.720  -3.970  1.00 19.27  ? 1006 PHE A CD2 1 
ATOM   263  C CE1 . PHE A 1 28  ? 1.755   -10.071 -6.383  1.00 20.68  ? 1006 PHE A CE1 1 
ATOM   264  C CE2 . PHE A 1 28  ? 1.815   -10.346 -4.008  1.00 19.10  ? 1006 PHE A CE2 1 
ATOM   265  C CZ  . PHE A 1 28  ? 1.164   -10.535 -5.221  1.00 22.79  ? 1006 PHE A CZ  1 
ATOM   266  N N   . ARG A 1 29  ? 8.368   -8.684  -6.453  1.00 22.10  ? 1007 ARG A N   1 
ATOM   267  C CA  . ARG A 1 29  ? 9.733   -8.106  -6.308  1.00 23.42  ? 1007 ARG A CA  1 
ATOM   268  C C   . ARG A 1 29  ? 9.821   -6.741  -6.992  1.00 21.85  ? 1007 ARG A C   1 
ATOM   269  O O   . ARG A 1 29  ? 10.481  -5.824  -6.442  1.00 24.71  ? 1007 ARG A O   1 
ATOM   270  C CB  . ARG A 1 29  ? 10.765  -9.067  -6.901  1.00 28.49  ? 1007 ARG A CB  1 
ATOM   271  C CG  . ARG A 1 29  ? 12.194  -8.707  -6.551  1.00 36.62  ? 1007 ARG A CG  1 
ATOM   272  C CD  . ARG A 1 29  ? 13.192  -9.652  -7.232  1.00 54.35  ? 1007 ARG A CD  1 
ATOM   273  N NE  . ARG A 1 29  ? 14.576  -9.318  -6.878  1.00 71.43  ? 1007 ARG A NE  1 
ATOM   274  C CZ  . ARG A 1 29  ? 15.286  -8.297  -7.387  1.00 85.84  ? 1007 ARG A CZ  1 
ATOM   275  N NH1 . ARG A 1 29  ? 16.529  -8.088  -6.983  1.00 89.95  ? 1007 ARG A NH1 1 
ATOM   276  N NH2 . ARG A 1 29  ? 14.760  -7.478  -8.289  1.00 94.91  ? 1007 ARG A NH2 1 
ATOM   277  N N   . VAL A 1 30  ? 9.253   -6.587  -8.184  1.00 21.54  ? 1008 VAL A N   1 
ATOM   278  C CA  . VAL A 1 30  ? 9.395   -5.292  -8.935  1.00 23.08  ? 1008 VAL A CA  1 
ATOM   279  C C   . VAL A 1 30  ? 8.712   -4.133  -8.168  1.00 25.39  ? 1008 VAL A C   1 
ATOM   280  O O   . VAL A 1 30  ? 9.073   -2.972  -8.394  1.00 25.95  ? 1008 VAL A O   1 
ATOM   281  C CB  . VAL A 1 30  ? 8.844   -5.387  -10.372 1.00 28.60  ? 1008 VAL A CB  1 
ATOM   282  C CG1 . VAL A 1 30  ? 7.333   -5.498  -10.428 1.00 32.72  ? 1008 VAL A CG1 1 
ATOM   283  C CG2 . VAL A 1 30  ? 9.313   -4.212  -11.205 1.00 34.40  ? 1008 VAL A CG2 1 
ATOM   284  N N   . PHE A 1 31  ? 7.795   -4.416  -7.238  1.00 22.45  ? 1009 PHE A N   1 
ATOM   285  C CA  . PHE A 1 31  ? 7.084   -3.365  -6.444  1.00 21.01  ? 1009 PHE A CA  1 
ATOM   286  C C   . PHE A 1 31  ? 7.773   -3.101  -5.088  1.00 22.64  ? 1009 PHE A C   1 
ATOM   287  O O   . PHE A 1 31  ? 7.244   -2.270  -4.300  1.00 22.13  ? 1009 PHE A O   1 
ATOM   288  C CB  . PHE A 1 31  ? 5.619   -3.789  -6.301  1.00 19.83  ? 1009 PHE A CB  1 
ATOM   289  C CG  . PHE A 1 31  ? 4.925   -4.214  -7.569  1.00 19.07  ? 1009 PHE A CG  1 
ATOM   290  C CD1 . PHE A 1 31  ? 4.795   -3.332  -8.639  1.00 19.42  ? 1009 PHE A CD1 1 
ATOM   291  C CD2 . PHE A 1 31  ? 4.363   -5.489  -7.693  1.00 21.23  ? 1009 PHE A CD2 1 
ATOM   292  C CE1 . PHE A 1 31  ? 4.177   -3.743  -9.825  1.00 20.83  ? 1009 PHE A CE1 1 
ATOM   293  C CE2 . PHE A 1 31  ? 3.754   -5.899  -8.881  1.00 22.36  ? 1009 PHE A CE2 1 
ATOM   294  C CZ  . PHE A 1 31  ? 3.672   -5.026  -9.950  1.00 21.36  ? 1009 PHE A CZ  1 
ATOM   295  N N   . THR A 1 32  ? 8.942   -3.699  -4.789  1.00 20.73  ? 1010 THR A N   1 
ATOM   296  C CA  . THR A 1 32  ? 9.559   -3.599  -3.427  1.00 22.94  ? 1010 THR A CA  1 
ATOM   297  C C   . THR A 1 32  ? 10.448  -2.357  -3.229  1.00 24.29  ? 1010 THR A C   1 
ATOM   298  O O   . THR A 1 32  ? 10.643  -2.001  -2.072  1.00 28.40  ? 1010 THR A O   1 
ATOM   299  C CB  . THR A 1 32  ? 10.323  -4.867  -3.053  1.00 23.78  ? 1010 THR A CB  1 
ATOM   300  O OG1 . THR A 1 32  ? 11.368  -5.057  -4.013  1.00 22.93  ? 1010 THR A OG1 1 
ATOM   301  C CG2 . THR A 1 32  ? 9.334   -5.992  -2.897  1.00 23.65  ? 1010 THR A CG2 1 
ATOM   302  N N   . LYS A 1 33  ? 10.860  -1.715  -4.309  1.00 23.24  ? 1011 LYS A N   1 
ATOM   303  C CA  . LYS A 1 33  ? 11.835  -0.602  -4.300  1.00 29.92  ? 1011 LYS A CA  1 
ATOM   304  C C   . LYS A 1 33  ? 11.398  0.434   -5.317  1.00 27.26  ? 1011 LYS A C   1 
ATOM   305  O O   . LYS A 1 33  ? 10.788  0.106   -6.335  1.00 26.64  ? 1011 LYS A O   1 
ATOM   306  C CB  . LYS A 1 33  ? 13.266  -1.081  -4.591  1.00 36.66  ? 1011 LYS A CB  1 
ATOM   307  C CG  . LYS A 1 33  ? 13.925  -1.803  -3.415  1.00 47.06  ? 1011 LYS A CG  1 
ATOM   308  C CD  . LYS A 1 33  ? 15.431  -2.053  -3.566  1.00 69.44  ? 1011 LYS A CD  1 
ATOM   309  C CE  . LYS A 1 33  ? 15.788  -2.986  -4.714  1.00 80.59  ? 1011 LYS A CE  1 
ATOM   310  N NZ  . LYS A 1 33  ? 17.256  -3.142  -4.881  1.00 85.64  ? 1011 LYS A NZ  1 
ATOM   311  N N   . PRO A 1 34  ? 11.739  1.721   -5.045  1.00 29.63  ? 1012 PRO A N   1 
ATOM   312  C CA  . PRO A 1 34  ? 11.488  2.797   -6.006  1.00 32.59  ? 1012 PRO A CA  1 
ATOM   313  C C   . PRO A 1 34  ? 12.156  2.423   -7.341  1.00 32.19  ? 1012 PRO A C   1 
ATOM   314  O O   . PRO A 1 34  ? 13.190  1.781   -7.318  1.00 35.31  ? 1012 PRO A O   1 
ATOM   315  C CB  . PRO A 1 34  ? 12.123  4.056   -5.366  1.00 31.93  ? 1012 PRO A CB  1 
ATOM   316  C CG  . PRO A 1 34  ? 12.262  3.737   -3.875  1.00 34.38  ? 1012 PRO A CG  1 
ATOM   317  C CD  . PRO A 1 34  ? 12.379  2.208   -3.809  1.00 30.80  ? 1012 PRO A CD  1 
ATOM   318  N N   . VAL A 1 35  ? 11.567  2.835   -8.454  1.00 37.40  ? 1013 VAL A N   1 
ATOM   319  C CA  . VAL A 1 35  ? 12.176  2.737   -9.810  1.00 45.90  ? 1013 VAL A CA  1 
ATOM   320  C C   . VAL A 1 35  ? 13.470  3.573   -9.828  1.00 51.82  ? 1013 VAL A C   1 
ATOM   321  O O   . VAL A 1 35  ? 13.445  4.754   -9.412  1.00 46.53  ? 1013 VAL A O   1 
ATOM   322  C CB  . VAL A 1 35  ? 11.196  3.211   -10.889 1.00 41.09  ? 1013 VAL A CB  1 
ATOM   323  C CG1 . VAL A 1 35  ? 11.900  3.432   -12.214 1.00 48.51  ? 1013 VAL A CG1 1 
ATOM   324  C CG2 . VAL A 1 35  ? 10.032  2.268   -11.041 1.00 41.42  ? 1013 VAL A CG2 1 
ATOM   325  N N   . ASP A 1 36  ? 14.562  2.990   -10.324 1.00 58.18  ? 1014 ASP A N   1 
ATOM   326  C CA  . ASP A 1 36  ? 15.878  3.672   -10.420 1.00 65.52  ? 1014 ASP A CA  1 
ATOM   327  C C   . ASP A 1 36  ? 15.779  4.713   -11.532 1.00 62.59  ? 1014 ASP A C   1 
ATOM   328  O O   . ASP A 1 36  ? 15.544  4.348   -12.683 1.00 55.95  ? 1014 ASP A O   1 
ATOM   329  C CB  . ASP A 1 36  ? 17.007  2.673   -10.690 1.00 68.11  ? 1014 ASP A CB  1 
ATOM   330  C CG  . ASP A 1 36  ? 18.380  3.194   -10.300 1.00 74.10  ? 1014 ASP A CG  1 
ATOM   331  O OD1 . ASP A 1 36  ? 18.648  4.401   -10.498 1.00 76.93  ? 1014 ASP A OD1 1 
ATOM   332  O OD2 . ASP A 1 36  ? 19.159  2.395   -9.783  1.00 78.49  ? 1014 ASP A OD2 1 
ATOM   333  N N   . PRO A 1 37  ? 15.947  6.021   -11.227 1.00 66.53  ? 1015 PRO A N   1 
ATOM   334  C CA  . PRO A 1 37  ? 15.964  7.059   -12.263 1.00 79.10  ? 1015 PRO A CA  1 
ATOM   335  C C   . PRO A 1 37  ? 16.916  6.726   -13.425 1.00 87.77  ? 1015 PRO A C   1 
ATOM   336  O O   . PRO A 1 37  ? 16.536  6.881   -14.575 1.00 93.19  ? 1015 PRO A O   1 
ATOM   337  C CB  . PRO A 1 37  ? 16.468  8.307   -11.529 1.00 72.64  ? 1015 PRO A CB  1 
ATOM   338  C CG  . PRO A 1 37  ? 16.094  8.060   -10.084 1.00 75.37  ? 1015 PRO A CG  1 
ATOM   339  C CD  . PRO A 1 37  ? 16.187  6.561   -9.880  1.00 68.84  ? 1015 PRO A CD  1 
ATOM   340  N N   . ASP A 1 38  ? 18.122  6.257   -13.095 1.00 89.33  ? 1016 ASP A N   1 
ATOM   341  C CA  . ASP A 1 38  ? 19.153  5.832   -14.077 1.00 89.97  ? 1016 ASP A CA  1 
ATOM   342  C C   . ASP A 1 38  ? 18.508  4.900   -15.100 1.00 91.57  ? 1016 ASP A C   1 
ATOM   343  O O   . ASP A 1 38  ? 18.298  5.334   -16.250 1.00 96.03  ? 1016 ASP A O   1 
ATOM   344  C CB  . ASP A 1 38  ? 20.329  5.146   -13.382 1.00 89.29  ? 1016 ASP A CB  1 
ATOM   345  C CG  . ASP A 1 38  ? 21.159  6.086   -12.527 1.00 86.41  ? 1016 ASP A CG  1 
ATOM   346  O OD1 . ASP A 1 38  ? 20.925  7.319   -12.589 1.00 80.15  ? 1016 ASP A OD1 1 
ATOM   347  O OD2 . ASP A 1 38  ? 22.032  5.576   -11.802 1.00 88.20  ? 1016 ASP A OD2 1 
ATOM   348  N N   . GLU A 1 39  ? 18.183  3.680   -14.679 1.00 88.62  ? 1017 GLU A N   1 
ATOM   349  C CA  . GLU A 1 39  ? 17.666  2.609   -15.568 1.00 83.77  ? 1017 GLU A CA  1 
ATOM   350  C C   . GLU A 1 39  ? 16.425  3.082   -16.335 1.00 80.15  ? 1017 GLU A C   1 
ATOM   351  O O   . GLU A 1 39  ? 16.227  2.577   -17.456 1.00 76.72  ? 1017 GLU A O   1 
ATOM   352  C CB  . GLU A 1 39  ? 17.286  1.373   -14.760 1.00 93.27  ? 1017 GLU A CB  1 
ATOM   353  C CG  . GLU A 1 39  ? 18.423  0.806   -13.941 1.00 99.81  ? 1017 GLU A CG  1 
ATOM   354  C CD  . GLU A 1 39  ? 18.204  -0.652  -13.590 1.00 108.88 ? 1017 GLU A CD  1 
ATOM   355  O OE1 . GLU A 1 39  ? 18.799  -1.108  -12.597 1.00 120.61 ? 1017 GLU A OE1 1 
ATOM   356  O OE2 . GLU A 1 39  ? 17.435  -1.326  -14.314 1.00 100.73 ? 1017 GLU A OE2 1 
ATOM   357  N N   . VAL A 1 40  ? 15.580  3.941   -15.736 1.00 69.92  ? 1018 VAL A N   1 
ATOM   358  C CA  . VAL A 1 40  ? 14.281  4.373   -16.342 1.00 60.99  ? 1018 VAL A CA  1 
ATOM   359  C C   . VAL A 1 40  ? 14.111  5.884   -16.180 1.00 66.89  ? 1018 VAL A C   1 
ATOM   360  O O   . VAL A 1 40  ? 13.338  6.349   -15.342 1.00 49.71  ? 1018 VAL A O   1 
ATOM   361  C CB  . VAL A 1 40  ? 13.094  3.601   -15.733 1.00 59.96  ? 1018 VAL A CB  1 
ATOM   362  C CG1 . VAL A 1 40  ? 11.839  3.772   -16.569 1.00 57.23  ? 1018 VAL A CG1 1 
ATOM   363  C CG2 . VAL A 1 40  ? 13.391  2.116   -15.541 1.00 55.90  ? 1018 VAL A CG2 1 
ATOM   364  N N   . PRO A 1 41  ? 14.803  6.711   -16.999 1.00 68.40  ? 1019 PRO A N   1 
ATOM   365  C CA  . PRO A 1 41  ? 14.827  8.162   -16.781 1.00 60.98  ? 1019 PRO A CA  1 
ATOM   366  C C   . PRO A 1 41  ? 13.469  8.792   -17.131 1.00 47.69  ? 1019 PRO A C   1 
ATOM   367  O O   . PRO A 1 41  ? 13.071  9.835   -16.607 1.00 51.18  ? 1019 PRO A O   1 
ATOM   368  C CB  . PRO A 1 41  ? 15.960  8.630   -17.713 1.00 66.51  ? 1019 PRO A CB  1 
ATOM   369  C CG  . PRO A 1 41  ? 15.941  7.620   -18.850 1.00 71.27  ? 1019 PRO A CG  1 
ATOM   370  C CD  . PRO A 1 41  ? 15.548  6.302   -18.204 1.00 76.92  ? 1019 PRO A CD  1 
ATOM   371  N N   . ASP A 1 42  ? 12.751  8.114   -17.999 1.00 44.11  ? 1020 ASP A N   1 
ATOM   372  C CA  . ASP A 1 42  ? 11.397  8.486   -18.482 1.00 41.03  ? 1020 ASP A CA  1 
ATOM   373  C C   . ASP A 1 42  ? 10.317  8.243   -17.382 1.00 40.65  ? 1020 ASP A C   1 
ATOM   374  O O   . ASP A 1 42  ? 9.179   8.732   -17.545 1.00 36.63  ? 1020 ASP A O   1 
ATOM   375  C CB  . ASP A 1 42  ? 11.231  7.647   -19.738 1.00 47.63  ? 1020 ASP A CB  1 
ATOM   376  C CG  . ASP A 1 42  ? 9.831   7.466   -20.218 1.00 54.51  ? 1020 ASP A CG  1 
ATOM   377  O OD1 . ASP A 1 42  ? 9.290   8.442   -20.746 1.00 64.43  ? 1020 ASP A OD1 1 
ATOM   378  O OD2 . ASP A 1 42  ? 9.328   6.335   -20.101 1.00 54.65  ? 1020 ASP A OD2 1 
ATOM   379  N N   . TYR A 1 43  ? 10.588  7.466   -16.329 1.00 38.56  ? 1021 TYR A N   1 
ATOM   380  C CA  . TYR A 1 43  ? 9.495   6.986   -15.408 1.00 36.78  ? 1021 TYR A CA  1 
ATOM   381  C C   . TYR A 1 43  ? 8.793   8.181   -14.746 1.00 34.17  ? 1021 TYR A C   1 
ATOM   382  O O   . TYR A 1 43  ? 7.521   8.351   -14.852 1.00 32.43  ? 1021 TYR A O   1 
ATOM   383  C CB  . TYR A 1 43  ? 10.027  6.026   -14.338 1.00 35.73  ? 1021 TYR A CB  1 
ATOM   384  C CG  . TYR A 1 43  ? 8.922   5.372   -13.525 1.00 31.89  ? 1021 TYR A CG  1 
ATOM   385  C CD1 . TYR A 1 43  ? 8.090   4.432   -14.100 1.00 32.42  ? 1021 TYR A CD1 1 
ATOM   386  C CD2 . TYR A 1 43  ? 8.637   5.774   -12.223 1.00 31.70  ? 1021 TYR A CD2 1 
ATOM   387  C CE1 . TYR A 1 43  ? 7.046   3.839   -13.395 1.00 33.32  ? 1021 TYR A CE1 1 
ATOM   388  C CE2 . TYR A 1 43  ? 7.616   5.171   -11.490 1.00 32.13  ? 1021 TYR A CE2 1 
ATOM   389  C CZ  . TYR A 1 43  ? 6.817   4.208   -12.080 1.00 29.88  ? 1021 TYR A CZ  1 
ATOM   390  O OH  . TYR A 1 43  ? 5.765   3.653   -11.424 1.00 26.72  ? 1021 TYR A OH  1 
ATOM   391  N N   . ARG A 1 44  ? 9.605   9.060   -14.163 1.00 37.81  ? 1022 ARG A N   1 
ATOM   392  C CA  . ARG A 1 44  ? 9.082   10.228  -13.401 1.00 44.97  ? 1022 ARG A CA  1 
ATOM   393  C C   . ARG A 1 44  ? 8.478   11.300  -14.308 1.00 44.15  ? 1022 ARG A C   1 
ATOM   394  O O   . ARG A 1 44  ? 7.676   12.090  -13.796 1.00 45.83  ? 1022 ARG A O   1 
ATOM   395  C CB  . ARG A 1 44  ? 10.147  10.734  -12.441 1.00 46.94  ? 1022 ARG A CB  1 
ATOM   396  C CG  . ARG A 1 44  ? 10.278  9.834   -11.224 1.00 49.51  ? 1022 ARG A CG  1 
ATOM   397  C CD  . ARG A 1 44  ? 11.458  10.125  -10.321 1.00 57.33  ? 1022 ARG A CD  1 
ATOM   398  N NE  . ARG A 1 44  ? 11.446  9.154   -9.229  1.00 60.02  ? 1022 ARG A NE  1 
ATOM   399  C CZ  . ARG A 1 44  ? 11.754  7.853   -9.350  1.00 69.47  ? 1022 ARG A CZ  1 
ATOM   400  N NH1 . ARG A 1 44  ? 12.164  7.346   -10.514 1.00 61.82  ? 1022 ARG A NH1 1 
ATOM   401  N NH2 . ARG A 1 44  ? 11.692  7.074   -8.276  1.00 62.56  ? 1022 ARG A NH2 1 
ATOM   402  N N   . THR A 1 45  ? 8.634   11.242  -15.624 1.00 44.95  ? 1023 THR A N   1 
ATOM   403  C CA  . THR A 1 45  ? 7.911   12.218  -16.474 1.00 46.94  ? 1023 THR A CA  1 
ATOM   404  C C   . THR A 1 45  ? 6.480   11.720  -16.672 1.00 49.14  ? 1023 THR A C   1 
ATOM   405  O O   . THR A 1 45  ? 5.578   12.578  -16.709 1.00 50.54  ? 1023 THR A O   1 
ATOM   406  C CB  . THR A 1 45  ? 8.735   12.573  -17.715 1.00 51.04  ? 1023 THR A CB  1 
ATOM   407  O OG1 . THR A 1 45  ? 8.520   11.592  -18.734 1.00 63.72  ? 1023 THR A OG1 1 
ATOM   408  C CG2 . THR A 1 45  ? 10.204  12.675  -17.359 1.00 47.08  ? 1023 THR A CG2 1 
ATOM   409  N N   . VAL A 1 46  ? 6.232   10.402  -16.694 1.00 34.71  ? 1024 VAL A N   1 
ATOM   410  C CA  . VAL A 1 46  ? 4.859   9.860   -16.916 1.00 32.80  ? 1024 VAL A CA  1 
ATOM   411  C C   . VAL A 1 46  ? 4.142   9.699   -15.559 1.00 26.94  ? 1024 VAL A C   1 
ATOM   412  O O   . VAL A 1 46  ? 2.943   9.872   -15.527 1.00 29.45  ? 1024 VAL A O   1 
ATOM   413  C CB  . VAL A 1 46  ? 4.926   8.504   -17.654 1.00 37.95  ? 1024 VAL A CB  1 
ATOM   414  C CG1 . VAL A 1 46  ? 3.541   7.918   -17.871 1.00 35.72  ? 1024 VAL A CG1 1 
ATOM   415  C CG2 . VAL A 1 46  ? 5.677   8.635   -18.978 1.00 45.75  ? 1024 VAL A CG2 1 
ATOM   416  N N   . ILE A 1 47  ? 4.845   9.143   -14.578 1.00 25.78  ? 1025 ILE A N   1 
ATOM   417  C CA  . ILE A 1 47  ? 4.205   8.726   -13.299 1.00 24.46  ? 1025 ILE A CA  1 
ATOM   418  C C   . ILE A 1 47  ? 4.494   9.865   -12.283 1.00 20.06  ? 1025 ILE A C   1 
ATOM   419  O O   . ILE A 1 47  ? 5.669   10.047  -11.869 1.00 23.12  ? 1025 ILE A O   1 
ATOM   420  C CB  . ILE A 1 47  ? 4.703   7.358   -12.820 1.00 22.91  ? 1025 ILE A CB  1 
ATOM   421  C CG1 . ILE A 1 47  ? 4.346   6.254   -13.821 1.00 23.10  ? 1025 ILE A CG1 1 
ATOM   422  C CG2 . ILE A 1 47  ? 4.164   7.048   -11.448 1.00 21.73  ? 1025 ILE A CG2 1 
ATOM   423  C CD1 . ILE A 1 47  ? 2.914   5.978   -13.992 1.00 24.85  ? 1025 ILE A CD1 1 
ATOM   424  N N   . LYS A 1 48  ? 3.444   10.567  -11.947 1.00 22.51  ? 1026 LYS A N   1 
ATOM   425  C CA  . LYS A 1 48  ? 3.549   11.813  -11.129 1.00 25.82  ? 1026 LYS A CA  1 
ATOM   426  C C   . LYS A 1 48  ? 3.685   11.506  -9.628  1.00 26.50  ? 1026 LYS A C   1 
ATOM   427  O O   . LYS A 1 48  ? 4.336   12.296  -8.958  1.00 24.71  ? 1026 LYS A O   1 
ATOM   428  C CB  . LYS A 1 48  ? 2.326   12.685  -11.379 1.00 27.09  ? 1026 LYS A CB  1 
ATOM   429  C CG  . LYS A 1 48  ? 2.171   13.135  -12.838 1.00 27.06  ? 1026 LYS A CG  1 
ATOM   430  C CD  . LYS A 1 48  ? 3.332   13.815  -13.416 1.00 30.56  ? 1026 LYS A CD  1 
ATOM   431  C CE  . LYS A 1 48  ? 3.028   14.276  -14.837 1.00 34.82  ? 1026 LYS A CE  1 
ATOM   432  N NZ  . LYS A 1 48  ? 4.310   14.666  -15.467 1.00 40.85  ? 1026 LYS A NZ  1 
ATOM   433  N N   . GLU A 1 49  ? 3.205   10.359  -9.127  1.00 22.11  ? 1027 GLU A N   1 
ATOM   434  C CA  . GLU A 1 49  ? 3.393   10.008  -7.693  1.00 22.64  ? 1027 GLU A CA  1 
ATOM   435  C C   . GLU A 1 49  ? 3.807   8.538   -7.580  1.00 20.55  ? 1027 GLU A C   1 
ATOM   436  O O   . GLU A 1 49  ? 2.949   7.677   -7.402  1.00 20.38  ? 1027 GLU A O   1 
ATOM   437  C CB  . GLU A 1 49  ? 2.135   10.277  -6.883  1.00 22.58  ? 1027 GLU A CB  1 
ATOM   438  C CG  . GLU A 1 49  ? 2.396   10.224  -5.387  1.00 21.69  ? 1027 GLU A CG  1 
ATOM   439  C CD  . GLU A 1 49  ? 1.305   10.666  -4.421  1.00 26.09  ? 1027 GLU A CD  1 
ATOM   440  O OE1 . GLU A 1 49  ? 0.171   11.000  -4.880  1.00 27.09  ? 1027 GLU A OE1 1 
ATOM   441  O OE2 . GLU A 1 49  ? 1.641   10.652  -3.159  1.00 25.99  ? 1027 GLU A OE2 1 
ATOM   442  N N   . PRO A 1 50  ? 5.116   8.283   -7.719  1.00 20.54  ? 1028 PRO A N   1 
ATOM   443  C CA  . PRO A 1 50  ? 5.673   6.946   -7.550  1.00 19.52  ? 1028 PRO A CA  1 
ATOM   444  C C   . PRO A 1 50  ? 5.354   6.388   -6.160  1.00 21.76  ? 1028 PRO A C   1 
ATOM   445  O O   . PRO A 1 50  ? 5.316   7.178   -5.138  1.00 21.19  ? 1028 PRO A O   1 
ATOM   446  C CB  . PRO A 1 50  ? 7.172   7.132   -7.704  1.00 23.42  ? 1028 PRO A CB  1 
ATOM   447  C CG  . PRO A 1 50  ? 7.347   8.405   -8.471  1.00 25.62  ? 1028 PRO A CG  1 
ATOM   448  C CD  . PRO A 1 50  ? 6.130   9.255   -8.152  1.00 24.41  ? 1028 PRO A CD  1 
ATOM   449  N N   . MET A 1 51  ? 5.128   5.073   -6.065  1.00 19.88  ? 1029 MET A N   1 
ATOM   450  C CA  . MET A 1 51  ? 4.958   4.425   -4.732  1.00 20.01  ? 1029 MET A CA  1 
ATOM   451  C C   . MET A 1 51  ? 5.487   2.973   -4.835  1.00 20.19  ? 1029 MET A C   1 
ATOM   452  O O   . MET A 1 51  ? 5.462   2.413   -5.945  1.00 17.30  ? 1029 MET A O   1 
ATOM   453  C CB  . MET A 1 51  ? 3.491   4.469   -4.306  1.00 20.12  ? 1029 MET A CB  1 
ATOM   454  C CG  . MET A 1 51  ? 3.201   4.013   -2.858  1.00 20.96  ? 1029 MET A CG  1 
ATOM   455  S SD  . MET A 1 51  ? 4.163   4.853   -1.575  1.00 21.50  ? 1029 MET A SD  1 
ATOM   456  C CE  . MET A 1 51  ? 3.768   6.587   -1.914  1.00 22.94  ? 1029 MET A CE  1 
ATOM   457  N N   . ASP A 1 52  ? 5.997   2.448   -3.733  1.00 18.48  ? 1030 ASP A N   1 
ATOM   458  C CA  . ASP A 1 52  ? 6.578   1.060   -3.674  1.00 19.11  ? 1030 ASP A CA  1 
ATOM   459  C C   . ASP A 1 52  ? 6.487   0.580   -2.212  1.00 18.90  ? 1030 ASP A C   1 
ATOM   460  O O   . ASP A 1 52  ? 6.204   1.380   -1.281  1.00 17.47  ? 1030 ASP A O   1 
ATOM   461  C CB  . ASP A 1 52  ? 8.033   1.082   -4.145  1.00 20.32  ? 1030 ASP A CB  1 
ATOM   462  C CG  . ASP A 1 52  ? 8.915   1.846   -3.157  1.00 25.62  ? 1030 ASP A CG  1 
ATOM   463  O OD1 . ASP A 1 52  ? 9.004   3.114   -3.245  1.00 29.61  ? 1030 ASP A OD1 1 
ATOM   464  O OD2 . ASP A 1 52  ? 9.426   1.233   -2.204  1.00 25.94  ? 1030 ASP A OD2 1 
ATOM   465  N N   . LEU A 1 53  ? 6.674   -0.714  -1.976  1.00 17.81  ? 1031 LEU A N   1 
ATOM   466  C CA  . LEU A 1 53  ? 6.432   -1.278  -0.619  1.00 17.66  ? 1031 LEU A CA  1 
ATOM   467  C C   . LEU A 1 53  ? 7.444   -0.829  0.453   1.00 20.39  ? 1031 LEU A C   1 
ATOM   468  O O   . LEU A 1 53  ? 7.093   -0.807  1.629   1.00 19.98  ? 1031 LEU A O   1 
ATOM   469  C CB  . LEU A 1 53  ? 6.359   -2.809  -0.713  1.00 18.01  ? 1031 LEU A CB  1 
ATOM   470  C CG  . LEU A 1 53  ? 5.227   -3.344  -1.571  1.00 18.21  ? 1031 LEU A CG  1 
ATOM   471  C CD1 . LEU A 1 53  ? 5.391   -4.862  -1.743  1.00 20.97  ? 1031 LEU A CD1 1 
ATOM   472  C CD2 . LEU A 1 53  ? 3.880   -3.066  -0.959  1.00 19.09  ? 1031 LEU A CD2 1 
ATOM   473  N N   A SER A 1 54  ? 8.675   -0.490  0.060   0.18 20.33  ? 1032 SER A N   1 
ATOM   474  N N   B SER A 1 54  ? 8.674   -0.501  0.046   0.10 19.64  ? 1032 SER A N   1 
ATOM   475  N N   C SER A 1 54  ? 8.678   -0.491  0.057   0.22 20.72  ? 1032 SER A N   1 
ATOM   476  C CA  A SER A 1 54  ? 9.703   0.028   0.998   0.18 21.28  ? 1032 SER A CA  1 
ATOM   477  C CA  B SER A 1 54  ? 9.723   0.039   0.948   0.10 19.91  ? 1032 SER A CA  1 
ATOM   478  C CA  C SER A 1 54  ? 9.709   0.034   0.989   0.22 22.07  ? 1032 SER A CA  1 
ATOM   479  C C   A SER A 1 54  ? 9.287   1.426   1.480   0.18 20.30  ? 1032 SER A C   1 
ATOM   480  C C   B SER A 1 54  ? 9.279   1.411   1.470   0.10 19.72  ? 1032 SER A C   1 
ATOM   481  C C   C SER A 1 54  ? 9.272   1.421   1.482   0.22 20.62  ? 1032 SER A C   1 
ATOM   482  O O   A SER A 1 54  ? 9.440   1.703   2.695   0.18 20.24  ? 1032 SER A O   1 
ATOM   483  O O   B SER A 1 54  ? 9.413   1.656   2.691   0.10 19.74  ? 1032 SER A O   1 
ATOM   484  O O   C SER A 1 54  ? 9.392   1.680   2.706   0.22 20.51  ? 1032 SER A O   1 
ATOM   485  C CB  A SER A 1 54  ? 11.079  0.019   0.380   0.18 22.70  ? 1032 SER A CB  1 
ATOM   486  C CB  B SER A 1 54  ? 11.060  0.114   0.261   0.10 20.12  ? 1032 SER A CB  1 
ATOM   487  C CB  C SER A 1 54  ? 11.096  0.057   0.375   0.22 24.19  ? 1032 SER A CB  1 
ATOM   488  O OG  A SER A 1 54  ? 11.573  -1.310  0.285   0.18 22.63  ? 1032 SER A OG  1 
ATOM   489  O OG  B SER A 1 54  ? 12.025  0.698   1.117   0.10 19.03  ? 1032 SER A OG  1 
ATOM   490  O OG  C SER A 1 54  ? 11.210  1.040   -0.645  0.22 25.07  ? 1032 SER A OG  1 
ATOM   491  N N   . SER A 1 55  ? 8.761   2.258   0.575   1.00 20.09  ? 1033 SER A N   1 
ATOM   492  C CA  . SER A 1 55  ? 8.214   3.597   0.932   1.00 19.76  ? 1033 SER A CA  1 
ATOM   493  C C   . SER A 1 55  ? 7.014   3.410   1.879   1.00 20.18  ? 1033 SER A C   1 
ATOM   494  O O   . SER A 1 55  ? 6.882   4.175   2.841   1.00 18.75  ? 1033 SER A O   1 
ATOM   495  C CB  . SER A 1 55  ? 7.882   4.391   -0.280  1.00 23.57  ? 1033 SER A CB  1 
ATOM   496  O OG  . SER A 1 55  ? 9.101   4.630   -1.017  1.00 24.03  ? 1033 SER A OG  1 
ATOM   497  N N   . VAL A 1 56  ? 6.150   2.423   1.597   1.00 17.32  ? 1034 VAL A N   1 
ATOM   498  C CA  . VAL A 1 56  ? 4.977   2.151   2.482   1.00 17.19  ? 1034 VAL A CA  1 
ATOM   499  C C   . VAL A 1 56  ? 5.433   1.846   3.920   1.00 17.49  ? 1034 VAL A C   1 
ATOM   500  O O   . VAL A 1 56  ? 4.849   2.391   4.875   1.00 17.67  ? 1034 VAL A O   1 
ATOM   501  C CB  . VAL A 1 56  ? 4.024   1.096   1.883   1.00 17.33  ? 1034 VAL A CB  1 
ATOM   502  C CG1 . VAL A 1 56  ? 3.003   0.654   2.878   1.00 19.36  ? 1034 VAL A CG1 1 
ATOM   503  C CG2 . VAL A 1 56  ? 3.322   1.607   0.626   1.00 19.95  ? 1034 VAL A CG2 1 
ATOM   504  N N   . ILE A 1 57  ? 6.443   0.986   4.085   0.51 17.76  ? 1035 ILE A N   1 
ATOM   505  C CA  . ILE A 1 57  ? 7.035   0.673   5.425   0.51 19.26  ? 1035 ILE A CA  1 
ATOM   506  C C   . ILE A 1 57  ? 7.513   1.976   6.088   0.51 18.88  ? 1035 ILE A C   1 
ATOM   507  O O   . ILE A 1 57  ? 7.205   2.186   7.279   0.51 18.67  ? 1035 ILE A O   1 
ATOM   508  C CB  . ILE A 1 57  ? 8.191   -0.333  5.307   0.51 20.31  ? 1035 ILE A CB  1 
ATOM   509  C CG1 . ILE A 1 57  ? 7.671   -1.736  4.983   0.51 21.06  ? 1035 ILE A CG1 1 
ATOM   510  C CG2 . ILE A 1 57  ? 9.039   -0.306  6.574   0.51 21.43  ? 1035 ILE A CG2 1 
ATOM   511  C CD1 . ILE A 1 57  ? 6.804   -2.345  6.072   0.51 21.63  ? 1035 ILE A CD1 1 
ATOM   512  N N   . SER A 1 58  ? 8.269   2.806   5.356   1.00 18.70  ? 1036 SER A N   1 
ATOM   513  C CA  . SER A 1 58  ? 8.733   4.147   5.895   1.00 18.61  ? 1036 SER A CA  1 
ATOM   514  C C   . SER A 1 58  ? 7.535   5.007   6.378   1.00 17.34  ? 1036 SER A C   1 
ATOM   515  O O   . SER A 1 58  ? 7.603   5.615   7.485   1.00 19.65  ? 1036 SER A O   1 
ATOM   516  C CB  . SER A 1 58  ? 9.590   4.914   4.903   1.00 22.11  ? 1036 SER A CB  1 
ATOM   517  O OG  . SER A 1 58  ? 10.801  4.156   4.720   1.00 25.49  ? 1036 SER A OG  1 
ATOM   518  N N   . LYS A 1 59  ? 6.467   5.053   5.584   1.00 16.98  ? 1037 LYS A N   1 
ATOM   519  C CA  . LYS A 1 59  ? 5.257   5.850   5.870   1.00 17.04  ? 1037 LYS A CA  1 
ATOM   520  C C   . LYS A 1 59  ? 4.547   5.296   7.105   1.00 18.54  ? 1037 LYS A C   1 
ATOM   521  O O   . LYS A 1 59  ? 4.031   6.120   7.900   1.00 17.44  ? 1037 LYS A O   1 
ATOM   522  C CB  . LYS A 1 59  ? 4.353   5.984   4.637   1.00 17.20  ? 1037 LYS A CB  1 
ATOM   523  C CG  . LYS A 1 59  ? 4.937   6.856   3.513   1.00 17.05  ? 1037 LYS A CG  1 
ATOM   524  C CD  . LYS A 1 59  ? 4.004   7.102   2.395   1.00 16.34  ? 1037 LYS A CD  1 
ATOM   525  C CE  . LYS A 1 59  ? 2.804   7.905   2.756   1.00 20.32  ? 1037 LYS A CE  1 
ATOM   526  N NZ  . LYS A 1 59  ? 2.005   8.307   1.600   1.00 20.77  ? 1037 LYS A NZ  1 
ATOM   527  N N   . ILE A 1 60  ? 4.483   3.977   7.286   1.00 16.86  ? 1038 ILE A N   1 
ATOM   528  C CA  . ILE A 1 60  ? 3.852   3.432   8.526   1.00 17.79  ? 1038 ILE A CA  1 
ATOM   529  C C   . ILE A 1 60  ? 4.600   4.008   9.742   1.00 16.65  ? 1038 ILE A C   1 
ATOM   530  O O   . ILE A 1 60  ? 3.935   4.463   10.665  1.00 19.01  ? 1038 ILE A O   1 
ATOM   531  C CB  . ILE A 1 60  ? 3.891   1.882   8.553   1.00 16.99  ? 1038 ILE A CB  1 
ATOM   532  C CG1 . ILE A 1 60  ? 3.051   1.296   7.420   1.00 17.77  ? 1038 ILE A CG1 1 
ATOM   533  C CG2 . ILE A 1 60  ? 3.475   1.387   9.922   1.00 18.91  ? 1038 ILE A CG2 1 
ATOM   534  C CD1 . ILE A 1 60  ? 3.271   -0.239  7.153   1.00 18.58  ? 1038 ILE A CD1 1 
ATOM   535  N N   . ASP A 1 61  ? 5.916   3.921   9.724   1.00 18.66  ? 1039 ASP A N   1 
ATOM   536  C CA  . ASP A 1 61  ? 6.805   4.317   10.834  1.00 20.32  ? 1039 ASP A CA  1 
ATOM   537  C C   . ASP A 1 61  ? 6.733   5.846   11.043  1.00 21.92  ? 1039 ASP A C   1 
ATOM   538  O O   . ASP A 1 61  ? 6.926   6.287   12.211  1.00 23.90  ? 1039 ASP A O   1 
ATOM   539  C CB  . ASP A 1 61  ? 8.231   3.840   10.603  1.00 22.54  ? 1039 ASP A CB  1 
ATOM   540  C CG  . ASP A 1 61  ? 8.394   2.316   10.692  1.00 28.08  ? 1039 ASP A CG  1 
ATOM   541  O OD1 . ASP A 1 61  ? 7.455   1.650   11.126  1.00 29.91  ? 1039 ASP A OD1 1 
ATOM   542  O OD2 . ASP A 1 61  ? 9.393   1.801   10.221  1.00 24.91  ? 1039 ASP A OD2 1 
ATOM   543  N N   . LEU A 1 62  ? 6.390   6.626   10.043  1.00 19.39  ? 1040 LEU A N   1 
ATOM   544  C CA  . LEU A 1 62  ? 6.232   8.107   10.170  1.00 19.78  ? 1040 LEU A CA  1 
ATOM   545  C C   . LEU A 1 62  ? 4.836   8.477   10.625  1.00 22.36  ? 1040 LEU A C   1 
ATOM   546  O O   . LEU A 1 62  ? 4.505   9.698   10.684  1.00 21.29  ? 1040 LEU A O   1 
ATOM   547  C CB  . LEU A 1 62  ? 6.565   8.772   8.817   1.00 20.50  ? 1040 LEU A CB  1 
ATOM   548  C CG  . LEU A 1 62  ? 8.042   8.844   8.424   1.00 20.79  ? 1040 LEU A CG  1 
ATOM   549  C CD1 . LEU A 1 62  ? 8.192   9.220   6.960   1.00 23.20  ? 1040 LEU A CD1 1 
ATOM   550  C CD2 . LEU A 1 62  ? 8.796   9.836   9.301   1.00 25.04  ? 1040 LEU A CD2 1 
ATOM   551  N N   . HIS A 1 63  ? 3.958   7.497   10.895  1.00 21.20  ? 1041 HIS A N   1 
ATOM   552  C CA  . HIS A 1 63  ? 2.582   7.728   11.364  1.00 19.84  ? 1041 HIS A CA  1 
ATOM   553  C C   . HIS A 1 63  ? 1.746   8.389   10.273  1.00 21.42  ? 1041 HIS A C   1 
ATOM   554  O O   . HIS A 1 63  ? 0.831   9.156   10.585  1.00 20.58  ? 1041 HIS A O   1 
ATOM   555  C CB  . HIS A 1 63  ? 2.574   8.476   12.721  1.00 24.83  ? 1041 HIS A CB  1 
ATOM   556  C CG  . HIS A 1 63  ? 3.285   7.808   13.846  1.00 23.38  ? 1041 HIS A CG  1 
ATOM   557  N ND1 . HIS A 1 63  ? 3.057   8.195   15.136  1.00 26.45  ? 1041 HIS A ND1 1 
ATOM   558  C CD2 . HIS A 1 63  ? 4.145   6.762   13.908  1.00 24.80  ? 1041 HIS A CD2 1 
ATOM   559  C CE1 . HIS A 1 63  ? 3.835   7.484   15.932  1.00 23.99  ? 1041 HIS A CE1 1 
ATOM   560  N NE2 . HIS A 1 63  ? 4.502   6.575   15.236  1.00 24.24  ? 1041 HIS A NE2 1 
ATOM   561  N N   . LYS A 1 64  ? 2.020   8.106   8.986   1.00 18.75  ? 1042 LYS A N   1 
ATOM   562  C CA  . LYS A 1 64  ? 1.269   8.673   7.846   1.00 20.58  ? 1042 LYS A CA  1 
ATOM   563  C C   . LYS A 1 64  ? -0.126  8.063   7.737   1.00 20.95  ? 1042 LYS A C   1 
ATOM   564  O O   . LYS A 1 64  ? -1.016  8.737   7.123   1.00 20.41  ? 1042 LYS A O   1 
ATOM   565  C CB  . LYS A 1 64  ? 2.035   8.519   6.535   1.00 18.75  ? 1042 LYS A CB  1 
ATOM   566  C CG  . LYS A 1 64  ? 3.368   9.273   6.414   1.00 23.39  ? 1042 LYS A CG  1 
ATOM   567  C CD  . LYS A 1 64  ? 3.274   10.726  6.132   1.00 26.53  ? 1042 LYS A CD  1 
ATOM   568  C CE  . LYS A 1 64  ? 4.647   11.356  5.805   1.00 27.56  ? 1042 LYS A CE  1 
ATOM   569  N NZ  . LYS A 1 64  ? 4.489   12.742  5.302   1.00 32.05  ? 1042 LYS A NZ  1 
ATOM   570  N N   . TYR A 1 65  ? -0.358  6.828   8.208   1.00 20.50  ? 1043 TYR A N   1 
ATOM   571  C CA  . TYR A 1 65  ? -1.634  6.111   8.029   1.00 17.57  ? 1043 TYR A CA  1 
ATOM   572  C C   . TYR A 1 65  ? -2.346  6.025   9.388   1.00 21.50  ? 1043 TYR A C   1 
ATOM   573  O O   . TYR A 1 65  ? -1.808  5.422   10.328  1.00 23.22  ? 1043 TYR A O   1 
ATOM   574  C CB  . TYR A 1 65  ? -1.366  4.688   7.505   1.00 18.58  ? 1043 TYR A CB  1 
ATOM   575  C CG  . TYR A 1 65  ? -0.564  4.601   6.226   1.00 18.35  ? 1043 TYR A CG  1 
ATOM   576  C CD1 . TYR A 1 65  ? -0.967  5.246   5.061   1.00 18.52  ? 1043 TYR A CD1 1 
ATOM   577  C CD2 . TYR A 1 65  ? 0.616   3.881   6.162   1.00 17.85  ? 1043 TYR A CD2 1 
ATOM   578  C CE1 . TYR A 1 65  ? -0.188  5.172   3.893   1.00 18.18  ? 1043 TYR A CE1 1 
ATOM   579  C CE2 . TYR A 1 65  ? 1.407   3.788   5.017   1.00 17.45  ? 1043 TYR A CE2 1 
ATOM   580  C CZ  . TYR A 1 65  ? 0.997   4.414   3.862   1.00 17.35  ? 1043 TYR A CZ  1 
ATOM   581  O OH  . TYR A 1 65  ? 1.790   4.321   2.744   1.00 18.81  ? 1043 TYR A OH  1 
ATOM   582  N N   A LEU A 1 66  ? -3.530  6.636   9.475   0.14 20.51  ? 1044 LEU A N   1 
ATOM   583  N N   B LEU A 1 66  ? -3.528  6.638   9.511   0.23 20.43  ? 1044 LEU A N   1 
ATOM   584  N N   C LEU A 1 66  ? -3.530  6.636   9.475   0.14 20.51  ? 1044 LEU A N   1 
ATOM   585  C CA  A LEU A 1 66  ? -4.403  6.609   10.680  0.14 21.25  ? 1044 LEU A CA  1 
ATOM   586  C CA  B LEU A 1 66  ? -4.366  6.520   10.739  0.23 21.67  ? 1044 LEU A CA  1 
ATOM   587  C CA  C LEU A 1 66  ? -4.403  6.609   10.680  0.14 21.25  ? 1044 LEU A CA  1 
ATOM   588  C C   A LEU A 1 66  ? -5.553  5.614   10.483  0.14 20.57  ? 1044 LEU A C   1 
ATOM   589  C C   B LEU A 1 66  ? -5.563  5.599   10.490  0.23 20.87  ? 1044 LEU A C   1 
ATOM   590  C C   C LEU A 1 66  ? -5.553  5.614   10.483  0.14 20.57  ? 1044 LEU A C   1 
ATOM   591  O O   A LEU A 1 66  ? -6.246  5.326   11.478  0.14 20.86  ? 1044 LEU A O   1 
ATOM   592  O O   B LEU A 1 66  ? -6.300  5.334   11.462  0.23 21.46  ? 1044 LEU A O   1 
ATOM   593  O O   C LEU A 1 66  ? -6.246  5.326   11.478  0.14 20.86  ? 1044 LEU A O   1 
ATOM   594  C CB  A LEU A 1 66  ? -4.925  8.027   10.940  0.14 22.76  ? 1044 LEU A CB  1 
ATOM   595  C CB  B LEU A 1 66  ? -4.826  7.910   11.196  0.23 24.24  ? 1044 LEU A CB  1 
ATOM   596  C CB  C LEU A 1 66  ? -4.925  8.027   10.940  0.14 22.76  ? 1044 LEU A CB  1 
ATOM   597  C CG  A LEU A 1 66  ? -3.849  9.076   11.221  0.14 23.90  ? 1044 LEU A CG  1 
ATOM   598  C CG  B LEU A 1 66  ? -3.774  8.728   11.948  0.23 25.91  ? 1044 LEU A CG  1 
ATOM   599  C CG  C LEU A 1 66  ? -3.849  9.076   11.221  0.14 23.90  ? 1044 LEU A CG  1 
ATOM   600  C CD1 A LEU A 1 66  ? -4.466  10.326  11.838  0.14 25.22  ? 1044 LEU A CD1 1 
ATOM   601  C CD1 B LEU A 1 66  ? -2.832  9.422   10.969  0.23 26.56  ? 1044 LEU A CD1 1 
ATOM   602  C CD1 C LEU A 1 66  ? -4.466  10.326  11.838  0.14 25.22  ? 1044 LEU A CD1 1 
ATOM   603  C CD2 A LEU A 1 66  ? -2.753  8.519   12.130  0.14 22.94  ? 1044 LEU A CD2 1 
ATOM   604  C CD2 B LEU A 1 66  ? -4.434  9.752   12.866  0.23 26.56  ? 1044 LEU A CD2 1 
ATOM   605  C CD2 C LEU A 1 66  ? -2.753  8.519   12.130  0.14 22.94  ? 1044 LEU A CD2 1 
ATOM   606  N N   . THR A 1 67  ? -5.737  5.090   9.263   1.00 19.43  ? 1045 THR A N   1 
ATOM   607  C CA  . THR A 1 67  ? -6.799  4.113   8.955   1.00 19.59  ? 1045 THR A CA  1 
ATOM   608  C C   . THR A 1 67  ? -6.254  3.081   7.947   1.00 20.96  ? 1045 THR A C   1 
ATOM   609  O O   . THR A 1 67  ? -5.310  3.409   7.187   1.00 19.77  ? 1045 THR A O   1 
ATOM   610  C CB  . THR A 1 67  ? -8.054  4.793   8.389   1.00 23.23  ? 1045 THR A CB  1 
ATOM   611  O OG1 . THR A 1 67  ? -7.822  5.366   7.102   1.00 21.66  ? 1045 THR A OG1 1 
ATOM   612  C CG2 . THR A 1 67  ? -8.583  5.887   9.290   1.00 26.68  ? 1045 THR A CG2 1 
ATOM   613  N N   . VAL A 1 68  ? -6.916  1.958   7.836   1.00 20.65  ? 1046 VAL A N   1 
ATOM   614  C CA  . VAL A 1 68  ? -6.561  0.982   6.781   1.00 20.14  ? 1046 VAL A CA  1 
ATOM   615  C C   . VAL A 1 68  ? -6.985  1.556   5.418   1.00 20.36  ? 1046 VAL A C   1 
ATOM   616  O O   . VAL A 1 68  ? -6.290  1.302   4.426   1.00 19.49  ? 1046 VAL A O   1 
ATOM   617  C CB  . VAL A 1 68  ? -7.127  -0.427  7.066   1.00 23.60  ? 1046 VAL A CB  1 
ATOM   618  C CG1 . VAL A 1 68  ? -6.750  -1.400  5.975   1.00 24.37  ? 1046 VAL A CG1 1 
ATOM   619  C CG2 . VAL A 1 68  ? -6.565  -0.985  8.378   1.00 24.39  ? 1046 VAL A CG2 1 
ATOM   620  N N   . LYS A 1 69  ? -8.045  2.366   5.334   1.00 20.71  ? 1047 LYS A N   1 
ATOM   621  C CA  . LYS A 1 69  ? -8.436  3.008   4.065   1.00 22.95  ? 1047 LYS A CA  1 
ATOM   622  C C   . LYS A 1 69  ? -7.293  3.869   3.485   1.00 21.51  ? 1047 LYS A C   1 
ATOM   623  O O   . LYS A 1 69  ? -7.033  3.794   2.238   1.00 22.00  ? 1047 LYS A O   1 
ATOM   624  C CB  . LYS A 1 69  ? -9.770  3.732   4.281   1.00 27.61  ? 1047 LYS A CB  1 
ATOM   625  C CG  . LYS A 1 69  ? -10.262 4.498   3.081   1.00 39.12  ? 1047 LYS A CG  1 
ATOM   626  C CD  . LYS A 1 69  ? -11.507 5.360   3.410   1.00 52.30  ? 1047 LYS A CD  1 
ATOM   627  C CE  . LYS A 1 69  ? -12.810 4.718   2.975   1.00 71.01  ? 1047 LYS A CE  1 
ATOM   628  N NZ  . LYS A 1 69  ? -12.974 3.349   3.526   1.00 73.86  ? 1047 LYS A NZ  1 
ATOM   629  N N   A ASP A 1 70  ? -6.590  4.640   4.310   0.24 19.69  ? 1048 ASP A N   1 
ATOM   630  N N   B ASP A 1 70  ? -6.649  4.677   4.345   0.13 21.29  ? 1048 ASP A N   1 
ATOM   631  N N   C ASP A 1 70  ? -6.649  4.677   4.345   0.13 21.29  ? 1048 ASP A N   1 
ATOM   632  C CA  A ASP A 1 70  ? -5.482  5.503   3.827   0.24 19.22  ? 1048 ASP A CA  1 
ATOM   633  C CA  B ASP A 1 70  ? -5.433  5.487   4.039   0.13 21.36  ? 1048 ASP A CA  1 
ATOM   634  C CA  C ASP A 1 70  ? -5.433  5.487   4.039   0.13 21.36  ? 1048 ASP A CA  1 
ATOM   635  C C   A ASP A 1 70  ? -4.266  4.637   3.417   0.24 19.45  ? 1048 ASP A C   1 
ATOM   636  C C   B ASP A 1 70  ? -4.377  4.583   3.385   0.13 20.52  ? 1048 ASP A C   1 
ATOM   637  C C   C ASP A 1 70  ? -4.377  4.583   3.385   0.13 20.52  ? 1048 ASP A C   1 
ATOM   638  O O   A ASP A 1 70  ? -3.540  5.055   2.488   0.24 18.68  ? 1048 ASP A O   1 
ATOM   639  O O   B ASP A 1 70  ? -3.902  4.909   2.277   0.13 19.77  ? 1048 ASP A O   1 
ATOM   640  O O   C ASP A 1 70  ? -3.902  4.909   2.277   0.13 19.77  ? 1048 ASP A O   1 
ATOM   641  C CB  A ASP A 1 70  ? -5.169  6.604   4.845   0.24 19.38  ? 1048 ASP A CB  1 
ATOM   642  C CB  B ASP A 1 70  ? -4.787  6.109   5.291   0.13 22.88  ? 1048 ASP A CB  1 
ATOM   643  C CB  C ASP A 1 70  ? -4.787  6.109   5.291   0.13 22.88  ? 1048 ASP A CB  1 
ATOM   644  C CG  A ASP A 1 70  ? -6.181  7.737   4.871   0.24 20.11  ? 1048 ASP A CG  1 
ATOM   645  C CG  B ASP A 1 70  ? -5.497  7.306   5.915   0.13 24.39  ? 1048 ASP A CG  1 
ATOM   646  C CG  C ASP A 1 70  ? -5.497  7.306   5.915   0.13 24.39  ? 1048 ASP A CG  1 
ATOM   647  O OD1 A ASP A 1 70  ? -7.106  7.734   4.049   0.24 20.64  ? 1048 ASP A OD1 1 
ATOM   648  O OD1 B ASP A 1 70  ? -6.601  7.647   5.424   0.13 27.17  ? 1048 ASP A OD1 1 
ATOM   649  O OD1 C ASP A 1 70  ? -6.601  7.647   5.424   0.13 27.17  ? 1048 ASP A OD1 1 
ATOM   650  O OD2 A ASP A 1 70  ? -6.060  8.603   5.754   0.24 18.65  ? 1048 ASP A OD2 1 
ATOM   651  O OD2 B ASP A 1 70  ? -4.935  7.892   6.915   0.13 23.41  ? 1048 ASP A OD2 1 
ATOM   652  O OD2 C ASP A 1 70  ? -4.935  7.892   6.915   0.13 23.41  ? 1048 ASP A OD2 1 
ATOM   653  N N   . TYR A 1 71  ? -4.022  3.498   4.075   1.00 19.23  ? 1049 TYR A N   1 
ATOM   654  C CA  . TYR A 1 71  ? -2.986  2.508   3.639   1.00 18.48  ? 1049 TYR A CA  1 
ATOM   655  C C   . TYR A 1 71  ? -3.355  1.943   2.247   1.00 16.57  ? 1049 TYR A C   1 
ATOM   656  O O   . TYR A 1 71  ? -2.458  1.870   1.328   1.00 17.36  ? 1049 TYR A O   1 
ATOM   657  C CB  . TYR A 1 71  ? -2.841  1.379   4.652   1.00 16.54  ? 1049 TYR A CB  1 
ATOM   658  C CG  . TYR A 1 71  ? -2.029  0.184   4.217   1.00 15.82  ? 1049 TYR A CG  1 
ATOM   659  C CD1 . TYR A 1 71  ? -0.656  0.113   4.426   1.00 16.24  ? 1049 TYR A CD1 1 
ATOM   660  C CD2 . TYR A 1 71  ? -2.666  -0.954  3.729   1.00 17.93  ? 1049 TYR A CD2 1 
ATOM   661  C CE1 . TYR A 1 71  ? 0.081   -1.013  4.085   1.00 15.44  ? 1049 TYR A CE1 1 
ATOM   662  C CE2 . TYR A 1 71  ? -1.947  -2.092  3.384   1.00 16.88  ? 1049 TYR A CE2 1 
ATOM   663  C CZ  . TYR A 1 71  ? -0.569  -2.118  3.544   1.00 17.37  ? 1049 TYR A CZ  1 
ATOM   664  O OH  . TYR A 1 71  ? 0.148   -3.247  3.284   1.00 17.12  ? 1049 TYR A OH  1 
ATOM   665  N N   . LEU A 1 72  ? -4.601  1.539   2.047   1.00 17.28  ? 1050 LEU A N   1 
ATOM   666  C CA  . LEU A 1 72  ? -5.026  0.883   0.770   1.00 20.75  ? 1050 LEU A CA  1 
ATOM   667  C C   . LEU A 1 72  ? -4.975  1.890   -0.376  1.00 21.18  ? 1050 LEU A C   1 
ATOM   668  O O   . LEU A 1 72  ? -4.776  1.456   -1.555  1.00 18.99  ? 1050 LEU A O   1 
ATOM   669  C CB  . LEU A 1 72  ? -6.414  0.253   0.914   1.00 19.34  ? 1050 LEU A CB  1 
ATOM   670  C CG  . LEU A 1 72  ? -6.481  -1.069  1.680   1.00 21.48  ? 1050 LEU A CG  1 
ATOM   671  C CD1 . LEU A 1 72  ? -7.935  -1.463  1.920   1.00 24.61  ? 1050 LEU A CD1 1 
ATOM   672  C CD2 . LEU A 1 72  ? -5.733  -2.172  0.988   1.00 26.52  ? 1050 LEU A CD2 1 
ATOM   673  N N   . ARG A 1 73  ? -5.141  3.194   -0.128  1.00 19.34  ? 1051 ARG A N   1 
ATOM   674  C CA  . ARG A 1 73  ? -4.908  4.168   -1.227  1.00 23.58  ? 1051 ARG A CA  1 
ATOM   675  C C   . ARG A 1 73  ? -3.464  4.059   -1.779  1.00 19.89  ? 1051 ARG A C   1 
ATOM   676  O O   . ARG A 1 73  ? -3.320  4.192   -3.035  1.00 18.57  ? 1051 ARG A O   1 
ATOM   677  C CB  . ARG A 1 73  ? -5.098  5.634   -0.809  1.00 25.97  ? 1051 ARG A CB  1 
ATOM   678  C CG  . ARG A 1 73  ? -6.507  6.004   -0.418  1.00 36.67  ? 1051 ARG A CG  1 
ATOM   679  C CD  . ARG A 1 73  ? -6.602  7.527   -0.184  1.00 46.55  ? 1051 ARG A CD  1 
ATOM   680  N NE  . ARG A 1 73  ? -7.211  7.802   1.116   1.00 56.51  ? 1051 ARG A NE  1 
ATOM   681  C CZ  . ARG A 1 73  ? -8.500  7.620   1.412   1.00 63.70  ? 1051 ARG A CZ  1 
ATOM   682  N NH1 . ARG A 1 73  ? -9.351  7.172   0.498   1.00 66.23  ? 1051 ARG A NH1 1 
ATOM   683  N NH2 . ARG A 1 73  ? -8.927  7.875   2.643   1.00 72.37  ? 1051 ARG A NH2 1 
ATOM   684  N N   . ASP A 1 74  ? -2.440  3.840   -0.945  1.00 17.31  ? 1052 ASP A N   1 
ATOM   685  C CA  . ASP A 1 74  ? -1.056  3.669   -1.446  1.00 16.83  ? 1052 ASP A CA  1 
ATOM   686  C C   . ASP A 1 74  ? -0.863  2.289   -2.141  1.00 16.45  ? 1052 ASP A C   1 
ATOM   687  O O   . ASP A 1 74  ? -0.143  2.231   -3.167  1.00 18.08  ? 1052 ASP A O   1 
ATOM   688  C CB  . ASP A 1 74  ? -0.018  4.004   -0.412  1.00 17.39  ? 1052 ASP A CB  1 
ATOM   689  C CG  . ASP A 1 74  ? 0.321   5.496   -0.279  1.00 20.73  ? 1052 ASP A CG  1 
ATOM   690  O OD1 . ASP A 1 74  ? 0.012   6.298   -1.246  1.00 21.38  ? 1052 ASP A OD1 1 
ATOM   691  O OD2 . ASP A 1 74  ? 0.974   5.803   0.760   1.00 19.54  ? 1052 ASP A OD2 1 
ATOM   692  N N   . ILE A 1 75  ? -1.499  1.219   -1.670  1.00 17.15  ? 1053 ILE A N   1 
ATOM   693  C CA  . ILE A 1 75  ? -1.417  -0.089  -2.397  1.00 17.13  ? 1053 ILE A CA  1 
ATOM   694  C C   . ILE A 1 75  ? -2.090  0.103   -3.776  1.00 18.28  ? 1053 ILE A C   1 
ATOM   695  O O   . ILE A 1 75  ? -1.537  -0.350  -4.816  1.00 17.70  ? 1053 ILE A O   1 
ATOM   696  C CB  . ILE A 1 75  ? -2.089  -1.234  -1.603  1.00 20.57  ? 1053 ILE A CB  1 
ATOM   697  C CG1 . ILE A 1 75  ? -1.419  -1.478  -0.245  1.00 21.24  ? 1053 ILE A CG1 1 
ATOM   698  C CG2 . ILE A 1 75  ? -2.170  -2.501  -2.454  1.00 21.52  ? 1053 ILE A CG2 1 
ATOM   699  C CD1 . ILE A 1 75  ? 0.113   -1.729  -0.225  1.00 22.84  ? 1053 ILE A CD1 1 
ATOM   700  N N   . ASP A 1 76  ? -3.266  0.730   -3.843  1.00 17.01  ? 1054 ASP A N   1 
ATOM   701  C CA  . ASP A 1 76  ? -3.945  1.031   -5.115  1.00 18.63  ? 1054 ASP A CA  1 
ATOM   702  C C   . ASP A 1 76  ? -3.051  1.859   -6.049  1.00 19.81  ? 1054 ASP A C   1 
ATOM   703  O O   . ASP A 1 76  ? -3.134  1.584   -7.295  1.00 19.63  ? 1054 ASP A O   1 
ATOM   704  C CB  . ASP A 1 76  ? -5.306  1.694   -4.898  1.00 20.78  ? 1054 ASP A CB  1 
ATOM   705  C CG  . ASP A 1 76  ? -6.366  0.704   -4.422  1.00 25.78  ? 1054 ASP A CG  1 
ATOM   706  O OD1 . ASP A 1 76  ? -6.345  -0.411  -4.861  1.00 30.38  ? 1054 ASP A OD1 1 
ATOM   707  O OD2 . ASP A 1 76  ? -7.277  1.134   -3.763  1.00 32.75  ? 1054 ASP A OD2 1 
ATOM   708  N N   . LEU A 1 77  ? -2.276  2.831   -5.530  1.00 17.35  ? 1055 LEU A N   1 
ATOM   709  C CA  . LEU A 1 77  ? -1.368  3.701   -6.328  1.00 18.33  ? 1055 LEU A CA  1 
ATOM   710  C C   . LEU A 1 77  ? -0.170  2.896   -6.893  1.00 18.77  ? 1055 LEU A C   1 
ATOM   711  O O   . LEU A 1 77  ? 0.122   3.018   -8.149  1.00 17.82  ? 1055 LEU A O   1 
ATOM   712  C CB  . LEU A 1 77  ? -0.908  4.859   -5.418  1.00 18.63  ? 1055 LEU A CB  1 
ATOM   713  C CG  . LEU A 1 77  ? 0.046   5.855   -6.074  1.00 20.58  ? 1055 LEU A CG  1 
ATOM   714  C CD1 . LEU A 1 77  ? -0.621  6.533   -7.284  1.00 20.33  ? 1055 LEU A CD1 1 
ATOM   715  C CD2 . LEU A 1 77  ? 0.519   6.916   -5.019  1.00 20.22  ? 1055 LEU A CD2 1 
ATOM   716  N N   . ILE A 1 78  ? 0.374   1.947   -6.126  1.00 17.65  ? 1056 ILE A N   1 
ATOM   717  C CA  . ILE A 1 78  ? 1.383   0.982   -6.672  1.00 19.50  ? 1056 ILE A CA  1 
ATOM   718  C C   . ILE A 1 78  ? 0.812   0.286   -7.913  1.00 18.02  ? 1056 ILE A C   1 
ATOM   719  O O   . ILE A 1 78  ? 1.506   0.228   -8.991  1.00 20.95  ? 1056 ILE A O   1 
ATOM   720  C CB  . ILE A 1 78  ? 1.882   -0.036  -5.623  1.00 19.73  ? 1056 ILE A CB  1 
ATOM   721  C CG1 . ILE A 1 78  ? 2.596   0.662   -4.471  1.00 19.49  ? 1056 ILE A CG1 1 
ATOM   722  C CG2 . ILE A 1 78  ? 2.832   -1.037  -6.279  1.00 20.90  ? 1056 ILE A CG2 1 
ATOM   723  C CD1 . ILE A 1 78  ? 2.952   -0.255  -3.276  1.00 20.01  ? 1056 ILE A CD1 1 
ATOM   724  N N   . CYS A 1 79  ? -0.374  -0.271  -7.819  1.00 18.79  ? 1057 CYS A N   1 
ATOM   725  C CA  . CYS A 1 79  ? -0.998  -1.086  -8.870  1.00 20.30  ? 1057 CYS A CA  1 
ATOM   726  C C   . CYS A 1 79  ? -1.355  -0.179  -10.073 1.00 23.42  ? 1057 CYS A C   1 
ATOM   727  O O   . CYS A 1 79  ? -1.031  -0.485  -11.256 1.00 21.74  ? 1057 CYS A O   1 
ATOM   728  C CB  . CYS A 1 79  ? -2.265  -1.743  -8.366  1.00 20.06  ? 1057 CYS A CB  1 
ATOM   729  S SG  . CYS A 1 79  ? -3.140  -2.719  -9.643  1.00 27.05  ? 1057 CYS A SG  1 
ATOM   730  N N   . SER A 1 80  ? -2.004  0.962   -9.837  1.00 20.33  ? 1058 SER A N   1 
ATOM   731  C CA  . SER A 1 80  ? -2.433  1.830   -10.958 1.00 20.40  ? 1058 SER A CA  1 
ATOM   732  C C   . SER A 1 80  ? -1.223  2.451   -11.666 1.00 19.74  ? 1058 SER A C   1 
ATOM   733  O O   . SER A 1 80  ? -1.253  2.462   -12.952 1.00 22.66  ? 1058 SER A O   1 
ATOM   734  C CB  . SER A 1 80  ? -3.497  2.820   -10.517 1.00 26.40  ? 1058 SER A CB  1 
ATOM   735  O OG  . SER A 1 80  ? -2.949  3.676   -9.555  1.00 26.92  ? 1058 SER A OG  1 
ATOM   736  N N   . ASN A 1 81  ? -0.125  2.769   -10.996 1.00 18.78  ? 1059 ASN A N   1 
ATOM   737  C CA  . ASN A 1 81  ? 1.108   3.257   -11.649 1.00 18.27  ? 1059 ASN A CA  1 
ATOM   738  C C   . ASN A 1 81  ? 1.609   2.159   -12.626 1.00 22.45  ? 1059 ASN A C   1 
ATOM   739  O O   . ASN A 1 81  ? 2.042   2.486   -13.759 1.00 20.24  ? 1059 ASN A O   1 
ATOM   740  C CB  . ASN A 1 81  ? 2.158   3.659   -10.659 1.00 17.97  ? 1059 ASN A CB  1 
ATOM   741  C CG  . ASN A 1 81  ? 1.883   4.961   -9.888  1.00 19.53  ? 1059 ASN A CG  1 
ATOM   742  O OD1 . ASN A 1 81  ? 1.024   5.759   -10.285 1.00 20.66  ? 1059 ASN A OD1 1 
ATOM   743  N ND2 . ASN A 1 81  ? 2.639   5.173   -8.825  1.00 19.13  ? 1059 ASN A ND2 1 
ATOM   744  N N   . ALA A 1 82  ? 1.611   0.891   -12.205 1.00 20.32  ? 1060 ALA A N   1 
ATOM   745  C CA  . ALA A 1 82  ? 2.151   -0.200  -13.064 1.00 22.30  ? 1060 ALA A CA  1 
ATOM   746  C C   . ALA A 1 82  ? 1.199   -0.373  -14.259 1.00 18.71  ? 1060 ALA A C   1 
ATOM   747  O O   . ALA A 1 82  ? 1.670   -0.658  -15.395 1.00 23.83  ? 1060 ALA A O   1 
ATOM   748  C CB  . ALA A 1 82  ? 2.329   -1.466  -12.231 1.00 20.80  ? 1060 ALA A CB  1 
ATOM   749  N N   . LEU A 1 83  ? -0.107  -0.329  -14.086 1.00 19.11  ? 1061 LEU A N   1 
ATOM   750  C CA  . LEU A 1 83  ? -1.042  -0.475  -15.218 1.00 22.65  ? 1061 LEU A CA  1 
ATOM   751  C C   . LEU A 1 83  ? -0.841  0.665   -16.237 1.00 27.89  ? 1061 LEU A C   1 
ATOM   752  O O   . LEU A 1 83  ? -0.882  0.403   -17.459 1.00 27.04  ? 1061 LEU A O   1 
ATOM   753  C CB  . LEU A 1 83  ? -2.492  -0.571  -14.770 1.00 24.71  ? 1061 LEU A CB  1 
ATOM   754  C CG  . LEU A 1 83  ? -2.842  -1.700  -13.790 1.00 28.23  ? 1061 LEU A CG  1 
ATOM   755  C CD1 . LEU A 1 83  ? -4.312  -1.684  -13.504 1.00 29.58  ? 1061 LEU A CD1 1 
ATOM   756  C CD2 . LEU A 1 83  ? -2.418  -3.060  -14.262 1.00 27.36  ? 1061 LEU A CD2 1 
ATOM   757  N N   A GLU A 1 84  ? -0.629  1.895   -15.749 0.14 26.16  ? 1062 GLU A N   1 
ATOM   758  N N   B GLU A 1 84  ? -0.593  1.882   -15.753 0.23 24.73  ? 1062 GLU A N   1 
ATOM   759  N N   C GLU A 1 84  ? -0.629  1.895   -15.749 0.14 26.16  ? 1062 GLU A N   1 
ATOM   760  C CA  A GLU A 1 84  ? -0.484  3.126   -16.584 0.14 27.44  ? 1062 GLU A CA  1 
ATOM   761  C CA  B GLU A 1 84  ? -0.506  3.099   -16.604 0.23 26.03  ? 1062 GLU A CA  1 
ATOM   762  C CA  C GLU A 1 84  ? -0.484  3.126   -16.584 0.14 27.44  ? 1062 GLU A CA  1 
ATOM   763  C C   A GLU A 1 84  ? 0.831   3.072   -17.366 0.14 25.54  ? 1062 GLU A C   1 
ATOM   764  C C   B GLU A 1 84  ? 0.834   3.102   -17.354 0.23 24.38  ? 1062 GLU A C   1 
ATOM   765  C C   C GLU A 1 84  ? 0.831   3.072   -17.366 0.14 25.54  ? 1062 GLU A C   1 
ATOM   766  O O   A GLU A 1 84  ? 0.796   3.371   -18.576 0.14 26.05  ? 1062 GLU A O   1 
ATOM   767  O O   B GLU A 1 84  ? 0.819   3.448   -18.549 0.23 25.33  ? 1062 GLU A O   1 
ATOM   768  O O   C GLU A 1 84  ? 0.796   3.371   -18.576 0.14 26.05  ? 1062 GLU A O   1 
ATOM   769  C CB  A GLU A 1 84  ? -0.534  4.404   -15.732 0.14 28.89  ? 1062 GLU A CB  1 
ATOM   770  C CB  B GLU A 1 84  ? -0.761  4.346   -15.742 0.23 26.31  ? 1062 GLU A CB  1 
ATOM   771  C CB  C GLU A 1 84  ? -0.534  4.404   -15.732 0.14 28.89  ? 1062 GLU A CB  1 
ATOM   772  C CG  A GLU A 1 84  ? -0.384  5.688   -16.546 0.14 30.07  ? 1062 GLU A CG  1 
ATOM   773  C CG  B GLU A 1 84  ? -2.231  4.536   -15.388 0.23 26.73  ? 1062 GLU A CG  1 
ATOM   774  C CG  C GLU A 1 84  ? -0.384  5.688   -16.546 0.14 30.07  ? 1062 GLU A CG  1 
ATOM   775  C CD  A GLU A 1 84  ? -0.459  7.016   -15.789 0.14 32.65  ? 1062 GLU A CD  1 
ATOM   776  C CD  B GLU A 1 84  ? -2.575  5.403   -14.171 0.23 27.08  ? 1062 GLU A CD  1 
ATOM   777  C CD  C GLU A 1 84  ? -0.459  7.016   -15.789 0.14 32.65  ? 1062 GLU A CD  1 
ATOM   778  O OE1 A GLU A 1 84  ? -0.463  8.070   -16.455 0.14 33.06  ? 1062 GLU A OE1 1 
ATOM   779  O OE1 B GLU A 1 84  ? -1.712  6.158   -13.709 0.23 27.30  ? 1062 GLU A OE1 1 
ATOM   780  O OE1 C GLU A 1 84  ? -0.463  8.070   -16.455 0.14 33.06  ? 1062 GLU A OE1 1 
ATOM   781  O OE2 A GLU A 1 84  ? -0.501  7.009   -14.545 0.14 31.74  ? 1062 GLU A OE2 1 
ATOM   782  O OE2 B GLU A 1 84  ? -3.723  5.321   -13.691 0.23 28.02  ? 1062 GLU A OE2 1 
ATOM   783  O OE2 C GLU A 1 84  ? -0.501  7.009   -14.545 0.14 31.74  ? 1062 GLU A OE2 1 
ATOM   784  N N   . TYR A 1 85  ? 1.936   2.725   -16.704 1.00 23.98  ? 1063 TYR A N   1 
ATOM   785  C CA  . TYR A 1 85  ? 3.281   2.787   -17.291 1.00 25.47  ? 1063 TYR A CA  1 
ATOM   786  C C   . TYR A 1 85  ? 3.523   1.596   -18.267 1.00 28.62  ? 1063 TYR A C   1 
ATOM   787  O O   . TYR A 1 85  ? 4.400   1.758   -19.179 1.00 25.28  ? 1063 TYR A O   1 
ATOM   788  C CB  . TYR A 1 85  ? 4.395   2.844   -16.276 1.00 24.54  ? 1063 TYR A CB  1 
ATOM   789  C CG  . TYR A 1 85  ? 5.744   3.194   -16.865 1.00 32.32  ? 1063 TYR A CG  1 
ATOM   790  C CD1 . TYR A 1 85  ? 5.973   4.478   -17.358 1.00 38.68  ? 1063 TYR A CD1 1 
ATOM   791  C CD2 . TYR A 1 85  ? 6.785   2.282   -16.933 1.00 35.02  ? 1063 TYR A CD2 1 
ATOM   792  C CE1 . TYR A 1 85  ? 7.189   4.821   -17.929 1.00 39.60  ? 1063 TYR A CE1 1 
ATOM   793  C CE2 . TYR A 1 85  ? 8.010   2.607   -17.505 1.00 40.66  ? 1063 TYR A CE2 1 
ATOM   794  C CZ  . TYR A 1 85  ? 8.207   3.887   -18.007 1.00 43.66  ? 1063 TYR A CZ  1 
ATOM   795  O OH  . TYR A 1 85  ? 9.402   4.291   -18.537 1.00 49.73  ? 1063 TYR A OH  1 
ATOM   796  N N   . ASN A 1 86  ? 2.771   0.503   -18.129 1.00 24.45  ? 1064 ASN A N   1 
ATOM   797  C CA  . ASN A 1 86  ? 3.023   -0.744  -18.932 1.00 26.19  ? 1064 ASN A CA  1 
ATOM   798  C C   . ASN A 1 86  ? 1.762   -1.200  -19.624 1.00 24.28  ? 1064 ASN A C   1 
ATOM   799  O O   . ASN A 1 86  ? 1.212   -2.272  -19.303 1.00 26.15  ? 1064 ASN A O   1 
ATOM   800  C CB  . ASN A 1 86  ? 3.651   -1.823  -18.023 1.00 25.85  ? 1064 ASN A CB  1 
ATOM   801  C CG  . ASN A 1 86  ? 4.892   -1.378  -17.271 1.00 27.89  ? 1064 ASN A CG  1 
ATOM   802  O OD1 . ASN A 1 86  ? 6.012   -1.374  -17.786 1.00 26.49  ? 1064 ASN A OD1 1 
ATOM   803  N ND2 . ASN A 1 86  ? 4.743   -1.044  -15.979 1.00 24.30  ? 1064 ASN A ND2 1 
ATOM   804  N N   . PRO A 1 87  ? 1.178   -0.415  -20.574 1.00 22.63  ? 1065 PRO A N   1 
ATOM   805  C CA  . PRO A 1 87  ? -0.137  -0.691  -21.115 1.00 25.07  ? 1065 PRO A CA  1 
ATOM   806  C C   . PRO A 1 87  ? -0.219  -1.509  -22.432 1.00 23.34  ? 1065 PRO A C   1 
ATOM   807  O O   . PRO A 1 87  ? -1.313  -1.786  -22.844 1.00 25.95  ? 1065 PRO A O   1 
ATOM   808  C CB  . PRO A 1 87  ? -0.625  0.754   -21.366 1.00 26.82  ? 1065 PRO A CB  1 
ATOM   809  C CG  . PRO A 1 87  ? 0.582   1.420   -21.891 1.00 25.28  ? 1065 PRO A CG  1 
ATOM   810  C CD  . PRO A 1 87  ? 1.731   0.854   -21.100 1.00 25.51  ? 1065 PRO A CD  1 
ATOM   811  N N   . ASP A 1 88  ? 0.908   -1.989  -22.950 1.00 26.76  ? 1066 ASP A N   1 
ATOM   812  C CA  . ASP A 1 88  ? 0.982   -2.548  -24.340 1.00 27.41  ? 1066 ASP A CA  1 
ATOM   813  C C   . ASP A 1 88  ? 0.700   -4.071  -24.366 1.00 31.87  ? 1066 ASP A C   1 
ATOM   814  O O   . ASP A 1 88  ? 0.572   -4.737  -23.275 1.00 25.23  ? 1066 ASP A O   1 
ATOM   815  C CB  . ASP A 1 88  ? 2.337   -2.210  -24.956 1.00 28.52  ? 1066 ASP A CB  1 
ATOM   816  C CG  . ASP A 1 88  ? 2.551   -0.725  -25.259 1.00 32.12  ? 1066 ASP A CG  1 
ATOM   817  O OD1 . ASP A 1 88  ? 1.565   0.032   -25.310 1.00 31.41  ? 1066 ASP A OD1 1 
ATOM   818  O OD2 . ASP A 1 88  ? 3.711   -0.354  -25.437 1.00 34.28  ? 1066 ASP A OD2 1 
ATOM   819  N N   . ARG A 1 89  ? 0.612   -4.659  -25.578 1.00 28.04  ? 1067 ARG A N   1 
ATOM   820  C CA  . ARG A 1 89  ? 0.233   -6.085  -25.745 1.00 27.28  ? 1067 ARG A CA  1 
ATOM   821  C C   . ARG A 1 89  ? 1.437   -7.019  -25.595 1.00 25.71  ? 1067 ARG A C   1 
ATOM   822  O O   . ARG A 1 89  ? 1.252   -8.253  -25.588 1.00 32.11  ? 1067 ARG A O   1 
ATOM   823  C CB  . ARG A 1 89  ? -0.462  -6.327  -27.106 1.00 32.32  ? 1067 ARG A CB  1 
ATOM   824  C CG  . ARG A 1 89  ? 0.435   -6.369  -28.351 1.00 40.02  ? 1067 ARG A CG  1 
ATOM   825  C CD  . ARG A 1 89  ? 0.694   -7.733  -29.082 1.00 34.59  ? 1067 ARG A CD  1 
ATOM   826  N NE  . ARG A 1 89  ? -0.202  -8.885  -28.832 1.00 38.04  ? 1067 ARG A NE  1 
ATOM   827  C CZ  . ARG A 1 89  ? 0.286   -10.152 -28.648 1.00 37.96  ? 1067 ARG A CZ  1 
ATOM   828  N NH1 . ARG A 1 89  ? -0.513  -11.232 -28.440 1.00 24.86  ? 1067 ARG A NH1 1 
ATOM   829  N NH2 . ARG A 1 89  ? 1.628   -10.281 -28.684 1.00 29.58  ? 1067 ARG A NH2 1 
ATOM   830  N N   . ASP A 1 90  ? 2.636   -6.437  -25.521 0.51 27.30  ? 1068 ASP A N   1 
ATOM   831  C CA  . ASP A 1 90  ? 3.946   -7.103  -25.269 0.51 30.18  ? 1068 ASP A CA  1 
ATOM   832  C C   . ASP A 1 90  ? 3.773   -8.108  -24.126 0.51 28.24  ? 1068 ASP A C   1 
ATOM   833  O O   . ASP A 1 90  ? 2.976   -7.861  -23.210 0.51 23.94  ? 1068 ASP A O   1 
ATOM   834  C CB  . ASP A 1 90  ? 5.002   -6.037  -24.945 0.51 32.63  ? 1068 ASP A CB  1 
ATOM   835  C CG  . ASP A 1 90  ? 6.390   -6.532  -24.560 0.51 36.34  ? 1068 ASP A CG  1 
ATOM   836  O OD1 . ASP A 1 90  ? 6.719   -6.487  -23.353 0.51 37.97  ? 1068 ASP A OD1 1 
ATOM   837  O OD2 . ASP A 1 90  ? 7.160   -6.905  -25.472 0.51 42.88  ? 1068 ASP A OD2 1 
ATOM   838  N N   . PRO A 1 91  ? 4.471   -9.272  -24.137 1.00 27.00  ? 1069 PRO A N   1 
ATOM   839  C CA  . PRO A 1 91  ? 4.471   -10.136 -22.971 1.00 24.38  ? 1069 PRO A CA  1 
ATOM   840  C C   . PRO A 1 91  ? 5.082   -9.518  -21.715 1.00 23.38  ? 1069 PRO A C   1 
ATOM   841  O O   . PRO A 1 91  ? 4.536   -9.848  -20.664 1.00 20.54  ? 1069 PRO A O   1 
ATOM   842  C CB  . PRO A 1 91  ? 5.236   -11.403 -23.421 1.00 27.26  ? 1069 PRO A CB  1 
ATOM   843  C CG  . PRO A 1 91  ? 5.220   -11.347 -24.946 1.00 30.21  ? 1069 PRO A CG  1 
ATOM   844  C CD  . PRO A 1 91  ? 5.182   -9.880  -25.302 1.00 30.43  ? 1069 PRO A CD  1 
ATOM   845  N N   . GLY A 1 92  ? 6.124   -8.715  -21.817 1.00 20.39  ? 1070 GLY A N   1 
ATOM   846  C CA  . GLY A 1 92  ? 6.705   -8.019  -20.646 1.00 21.81  ? 1070 GLY A CA  1 
ATOM   847  C C   . GLY A 1 92  ? 5.668   -7.134  -19.963 1.00 22.12  ? 1070 GLY A C   1 
ATOM   848  O O   . GLY A 1 92  ? 5.523   -7.238  -18.695 1.00 24.55  ? 1070 GLY A O   1 
ATOM   849  N N   . ASP A 1 93  ? 4.918   -6.342  -20.717 1.00 21.77  ? 1071 ASP A N   1 
ATOM   850  C CA  . ASP A 1 93  ? 3.866   -5.432  -20.181 1.00 23.23  ? 1071 ASP A CA  1 
ATOM   851  C C   . ASP A 1 93  ? 2.734   -6.287  -19.612 1.00 21.73  ? 1071 ASP A C   1 
ATOM   852  O O   . ASP A 1 93  ? 2.276   -6.018  -18.441 1.00 22.09  ? 1071 ASP A O   1 
ATOM   853  C CB  . ASP A 1 93  ? 3.324   -4.397  -21.164 1.00 23.24  ? 1071 ASP A CB  1 
ATOM   854  C CG  . ASP A 1 93  ? 4.249   -3.228  -21.480 1.00 24.95  ? 1071 ASP A CG  1 
ATOM   855  O OD1 . ASP A 1 93  ? 5.469   -3.335  -21.260 1.00 28.80  ? 1071 ASP A OD1 1 
ATOM   856  O OD2 . ASP A 1 93  ? 3.666   -2.159  -21.900 1.00 28.33  ? 1071 ASP A OD2 1 
ATOM   857  N N   . ARG A 1 94  ? 2.262   -7.320  -20.311 1.00 20.37  ? 1072 ARG A N   1 
ATOM   858  C CA  . ARG A 1 94  ? 1.139   -8.133  -19.804 1.00 20.44  ? 1072 ARG A CA  1 
ATOM   859  C C   . ARG A 1 94  ? 1.545   -8.859  -18.491 1.00 19.56  ? 1072 ARG A C   1 
ATOM   860  O O   . ARG A 1 94  ? 0.658   -8.961  -17.629 1.00 23.16  ? 1072 ARG A O   1 
ATOM   861  C CB  . ARG A 1 94  ? 0.601   -9.150  -20.847 1.00 22.31  ? 1072 ARG A CB  1 
ATOM   862  C CG  . ARG A 1 94  ? -0.190  -8.518  -21.982 1.00 24.99  ? 1072 ARG A CG  1 
ATOM   863  C CD  . ARG A 1 94  ? -0.624  -9.496  -23.074 1.00 29.13  ? 1072 ARG A CD  1 
ATOM   864  N NE  . ARG A 1 94  ? -1.583  -8.827  -23.982 1.00 30.33  ? 1072 ARG A NE  1 
ATOM   865  C CZ  . ARG A 1 94  ? -2.156  -9.391  -25.070 1.00 46.92  ? 1072 ARG A CZ  1 
ATOM   866  N NH1 . ARG A 1 94  ? -1.865  -10.637 -25.404 1.00 50.26  ? 1072 ARG A NH1 1 
ATOM   867  N NH2 . ARG A 1 94  ? -3.020  -8.721  -25.827 1.00 41.72  ? 1072 ARG A NH2 1 
ATOM   868  N N   . LEU A 1 95  ? 2.796   -9.281  -18.325 1.00 19.13  ? 1073 LEU A N   1 
ATOM   869  C CA  . LEU A 1 95  ? 3.256   -10.008 -17.122 1.00 19.32  ? 1073 LEU A CA  1 
ATOM   870  C C   . LEU A 1 95  ? 3.229   -9.041  -15.925 1.00 21.05  ? 1073 LEU A C   1 
ATOM   871  O O   . LEU A 1 95  ? 2.650   -9.413  -14.838 1.00 19.05  ? 1073 LEU A O   1 
ATOM   872  C CB  . LEU A 1 95  ? 4.630   -10.595 -17.315 1.00 19.18  ? 1073 LEU A CB  1 
ATOM   873  C CG  . LEU A 1 95  ? 5.247   -11.311 -16.127 1.00 21.46  ? 1073 LEU A CG  1 
ATOM   874  C CD1 . LEU A 1 95  ? 4.372   -12.486 -15.685 1.00 24.10  ? 1073 LEU A CD1 1 
ATOM   875  C CD2 . LEU A 1 95  ? 6.636   -11.816 -16.440 1.00 21.73  ? 1073 LEU A CD2 1 
ATOM   876  N N   A ILE A 1 96  ? 3.781   -7.835  -16.100 0.15 20.79  ? 1074 ILE A N   1 
ATOM   877  N N   B ILE A 1 96  ? 3.761   -7.826  -16.087 0.21 20.20  ? 1074 ILE A N   1 
ATOM   878  N N   C ILE A 1 96  ? 3.781   -7.835  -16.100 0.15 20.79  ? 1074 ILE A N   1 
ATOM   879  C CA  A ILE A 1 96  ? 3.801   -6.781  -15.034 0.15 21.17  ? 1074 ILE A CA  1 
ATOM   880  C CA  B ILE A 1 96  ? 3.783   -6.854  -14.946 0.21 20.00  ? 1074 ILE A CA  1 
ATOM   881  C CA  C ILE A 1 96  ? 3.801   -6.781  -15.034 0.15 21.17  ? 1074 ILE A CA  1 
ATOM   882  C C   A ILE A 1 96  ? 2.365   -6.463  -14.603 0.15 21.19  ? 1074 ILE A C   1 
ATOM   883  C C   B ILE A 1 96  ? 2.347   -6.450  -14.584 0.21 20.72  ? 1074 ILE A C   1 
ATOM   884  C C   C ILE A 1 96  ? 2.365   -6.463  -14.603 0.15 21.19  ? 1074 ILE A C   1 
ATOM   885  O O   A ILE A 1 96  ? 2.122   -6.393  -13.375 0.15 22.07  ? 1074 ILE A O   1 
ATOM   886  O O   B ILE A 1 96  ? 2.066   -6.329  -13.364 0.21 21.75  ? 1074 ILE A O   1 
ATOM   887  O O   C ILE A 1 96  ? 2.122   -6.393  -13.375 0.15 22.07  ? 1074 ILE A O   1 
ATOM   888  C CB  A ILE A 1 96  ? 4.559   -5.520  -15.496 0.15 22.46  ? 1074 ILE A CB  1 
ATOM   889  C CB  B ILE A 1 96  ? 4.711   -5.644  -15.183 0.21 20.58  ? 1074 ILE A CB  1 
ATOM   890  C CB  C ILE A 1 96  ? 4.559   -5.520  -15.496 0.15 22.46  ? 1074 ILE A CB  1 
ATOM   891  C CG1 A ILE A 1 96  ? 6.054   -5.796  -15.664 0.15 22.84  ? 1074 ILE A CG1 1 
ATOM   892  C CG1 B ILE A 1 96  ? 5.006   -4.957  -13.842 0.21 20.11  ? 1074 ILE A CG1 1 
ATOM   893  C CG1 C ILE A 1 96  ? 6.054   -5.796  -15.664 0.15 22.84  ? 1074 ILE A CG1 1 
ATOM   894  C CG2 A ILE A 1 96  ? 4.308   -4.358  -14.540 0.15 22.63  ? 1074 ILE A CG2 1 
ATOM   895  C CG2 B ILE A 1 96  ? 4.128   -4.673  -16.206 0.21 21.05  ? 1074 ILE A CG2 1 
ATOM   896  C CG2 C ILE A 1 96  ? 4.308   -4.358  -14.540 0.15 22.63  ? 1074 ILE A CG2 1 
ATOM   897  C CD1 A ILE A 1 96  ? 6.802   -4.710  -16.416 0.15 24.30  ? 1074 ILE A CD1 1 
ATOM   898  C CD1 B ILE A 1 96  ? 6.052   -3.912  -13.893 0.21 19.51  ? 1074 ILE A CD1 1 
ATOM   899  C CD1 C ILE A 1 96  ? 6.802   -4.710  -16.416 0.15 24.30  ? 1074 ILE A CD1 1 
ATOM   900  N N   . ARG A 1 97  ? 1.446   -6.280  -15.557 1.00 20.29  ? 1075 ARG A N   1 
ATOM   901  C CA  . ARG A 1 97  ? 0.042   -5.941  -15.236 1.00 20.58  ? 1075 ARG A CA  1 
ATOM   902  C C   . ARG A 1 97  ? -0.577  -7.099  -14.437 1.00 22.83  ? 1075 ARG A C   1 
ATOM   903  O O   . ARG A 1 97  ? -1.389  -6.867  -13.511 1.00 17.92  ? 1075 ARG A O   1 
ATOM   904  C CB  . ARG A 1 97  ? -0.811  -5.561  -16.456 1.00 21.48  ? 1075 ARG A CB  1 
ATOM   905  C CG  . ARG A 1 97  ? -0.374  -4.268  -17.152 1.00 21.60  ? 1075 ARG A CG  1 
ATOM   906  C CD  . ARG A 1 97  ? -1.458  -3.669  -17.956 1.00 24.53  ? 1075 ARG A CD  1 
ATOM   907  N NE  . ARG A 1 97  ? -2.049  -4.530  -18.973 1.00 24.68  ? 1075 ARG A NE  1 
ATOM   908  C CZ  . ARG A 1 97  ? -1.553  -4.759  -20.183 1.00 28.00  ? 1075 ARG A CZ  1 
ATOM   909  N NH1 . ARG A 1 97  ? -0.413  -4.228  -20.575 1.00 23.98  ? 1075 ARG A NH1 1 
ATOM   910  N NH2 . ARG A 1 97  ? -2.220  -5.536  -21.012 1.00 28.74  ? 1075 ARG A NH2 1 
ATOM   911  N N   . HIS A 1 98  ? -0.369  -8.355  -14.868 1.00 18.95  ? 1076 HIS A N   1 
ATOM   912  C CA  . HIS A 1 98  ? -0.922  -9.525  -14.139 1.00 20.20  ? 1076 HIS A CA  1 
ATOM   913  C C   . HIS A 1 98  ? -0.431  -9.514  -12.665 1.00 17.69  ? 1076 HIS A C   1 
ATOM   914  O O   . HIS A 1 98  ? -1.279  -9.745  -11.732 1.00 18.20  ? 1076 HIS A O   1 
ATOM   915  C CB  . HIS A 1 98  ? -0.529  -10.828 -14.889 1.00 21.00  ? 1076 HIS A CB  1 
ATOM   916  C CG  . HIS A 1 98  ? -1.319  -12.008 -14.429 1.00 22.60  ? 1076 HIS A CG  1 
ATOM   917  N ND1 . HIS A 1 98  ? -0.841  -12.899 -13.492 1.00 23.48  ? 1076 HIS A ND1 1 
ATOM   918  C CD2 . HIS A 1 98  ? -2.545  -12.441 -14.786 1.00 24.79  ? 1076 HIS A CD2 1 
ATOM   919  C CE1 . HIS A 1 98  ? -1.762  -13.839 -13.279 1.00 24.78  ? 1076 HIS A CE1 1 
ATOM   920  N NE2 . HIS A 1 98  ? -2.806  -13.593 -14.091 1.00 23.65  ? 1076 HIS A NE2 1 
ATOM   921  N N   . ARG A 1 99  ? 0.850   -9.236  -12.458 1.00 18.40  ? 1077 ARG A N   1 
ATOM   922  C CA  . ARG A 1 99  ? 1.471   -9.216  -11.121 1.00 19.90  ? 1077 ARG A CA  1 
ATOM   923  C C   . ARG A 1 99  ? 0.885   -8.027  -10.320 1.00 19.80  ? 1077 ARG A C   1 
ATOM   924  O O   . ARG A 1 99  ? 0.686   -8.198  -9.073  1.00 20.48  ? 1077 ARG A O   1 
ATOM   925  C CB  . ARG A 1 99  ? 2.984   -9.171  -11.182 1.00 19.58  ? 1077 ARG A CB  1 
ATOM   926  C CG  . ARG A 1 99  ? 3.605   -10.465 -11.749 1.00 19.16  ? 1077 ARG A CG  1 
ATOM   927  C CD  . ARG A 1 99  ? 5.020   -10.307 -12.123 1.00 19.93  ? 1077 ARG A CD  1 
ATOM   928  N NE  . ARG A 1 99  ? 5.662   -11.602 -12.342 1.00 19.99  ? 1077 ARG A NE  1 
ATOM   929  C CZ  . ARG A 1 99  ? 6.941   -11.758 -12.677 1.00 19.72  ? 1077 ARG A CZ  1 
ATOM   930  N NH1 . ARG A 1 99  ? 7.682   -10.719 -12.967 1.00 21.01  ? 1077 ARG A NH1 1 
ATOM   931  N NH2 . ARG A 1 99  ? 7.447   -12.956 -12.888 1.00 25.02  ? 1077 ARG A NH2 1 
ATOM   932  N N   . ALA A 1 100 ? 0.670   -6.884  -10.955 1.00 19.33  ? 1078 ALA A N   1 
ATOM   933  C CA  . ALA A 1 100 ? 0.185   -5.660  -10.269 1.00 21.02  ? 1078 ALA A CA  1 
ATOM   934  C C   . ALA A 1 100 ? -1.235  -5.932  -9.798  1.00 20.66  ? 1078 ALA A C   1 
ATOM   935  O O   . ALA A 1 100 ? -1.564  -5.619  -8.598  1.00 20.30  ? 1078 ALA A O   1 
ATOM   936  C CB  . ALA A 1 100 ? 0.245   -4.442  -11.176 1.00 21.10  ? 1078 ALA A CB  1 
ATOM   937  N N   . CYS A 1 101 ? -2.075  -6.607  -10.611 1.00 20.91  ? 1079 CYS A N   1 
ATOM   938  C CA  . CYS A 1 101 ? -3.455  -6.944  -10.206 1.00 22.02  ? 1079 CYS A CA  1 
ATOM   939  C C   . CYS A 1 101 ? -3.418  -7.946  -9.042  1.00 22.19  ? 1079 CYS A C   1 
ATOM   940  O O   . CYS A 1 101 ? -4.313  -7.875  -8.124  1.00 20.87  ? 1079 CYS A O   1 
ATOM   941  C CB  . CYS A 1 101 ? -4.306  -7.508  -11.341 1.00 24.63  ? 1079 CYS A CB  1 
ATOM   942  S SG  . CYS A 1 101 ? -4.692  -6.207  -12.562 1.00 28.72  ? 1079 CYS A SG  1 
ATOM   943  N N   . ALA A 1 102 ? -2.498  -8.902  -9.095  1.00 21.40  ? 1080 ALA A N   1 
ATOM   944  C CA  . ALA A 1 102 ? -2.387  -9.923  -8.024  1.00 21.29  ? 1080 ALA A CA  1 
ATOM   945  C C   . ALA A 1 102 ? -1.946  -9.234  -6.707  1.00 19.40  ? 1080 ALA A C   1 
ATOM   946  O O   . ALA A 1 102 ? -2.429  -9.700  -5.636  1.00 19.66  ? 1080 ALA A O   1 
ATOM   947  C CB  . ALA A 1 102 ? -1.467  -11.070 -8.441  1.00 20.65  ? 1080 ALA A CB  1 
ATOM   948  N N   . LEU A 1 103 ? -1.062  -8.241  -6.742  1.00 20.12  ? 1081 LEU A N   1 
ATOM   949  C CA  . LEU A 1 103 ? -0.618  -7.497  -5.513  1.00 19.31  ? 1081 LEU A CA  1 
ATOM   950  C C   . LEU A 1 103 ? -1.832  -6.814  -4.895  1.00 20.23  ? 1081 LEU A C   1 
ATOM   951  O O   . LEU A 1 103 ? -2.091  -7.027  -3.650  1.00 19.63  ? 1081 LEU A O   1 
ATOM   952  C CB  . LEU A 1 103 ? 0.481   -6.482  -5.829  1.00 19.25  ? 1081 LEU A CB  1 
ATOM   953  C CG  . LEU A 1 103 ? 0.759   -5.487  -4.709  1.00 21.62  ? 1081 LEU A CG  1 
ATOM   954  C CD1 . LEU A 1 103 ? 1.428   -6.198  -3.564  1.00 23.77  ? 1081 LEU A CD1 1 
ATOM   955  C CD2 . LEU A 1 103 ? 1.591   -4.335  -5.184  1.00 25.39  ? 1081 LEU A CD2 1 
ATOM   956  N N   . ARG A 1 104 ? -2.625  -6.110  -5.684  1.00 20.84  ? 1082 ARG A N   1 
ATOM   957  C CA  . ARG A 1 104 ? -3.843  -5.448  -5.177  1.00 23.02  ? 1082 ARG A CA  1 
ATOM   958  C C   . ARG A 1 104 ? -4.829  -6.464  -4.609  1.00 25.06  ? 1082 ARG A C   1 
ATOM   959  O O   . ARG A 1 104 ? -5.310  -6.271  -3.453  1.00 19.40  ? 1082 ARG A O   1 
ATOM   960  C CB  . ARG A 1 104 ? -4.476  -4.689  -6.330  1.00 24.46  ? 1082 ARG A CB  1 
ATOM   961  C CG  . ARG A 1 104 ? -5.786  -3.990  -6.015  1.00 26.80  ? 1082 ARG A CG  1 
ATOM   962  C CD  . ARG A 1 104 ? -6.512  -3.636  -7.341  1.00 36.00  ? 1082 ARG A CD  1 
ATOM   963  N NE  . ARG A 1 104 ? -6.932  -4.867  -8.063  1.00 38.16  ? 1082 ARG A NE  1 
ATOM   964  C CZ  . ARG A 1 104 ? -7.107  -5.031  -9.384  1.00 40.96  ? 1082 ARG A CZ  1 
ATOM   965  N NH1 . ARG A 1 104 ? -7.488  -6.210  -9.848  1.00 38.91  ? 1082 ARG A NH1 1 
ATOM   966  N NH2 . ARG A 1 104 ? -6.877  -4.036  -10.238 1.00 43.45  ? 1082 ARG A NH2 1 
ATOM   967  N N   . ASP A 1 105 ? -5.133  -7.524  -5.367  1.00 20.68  ? 1083 ASP A N   1 
ATOM   968  C CA  . ASP A 1 105 ? -6.127  -8.506  -4.927  1.00 22.41  ? 1083 ASP A CA  1 
ATOM   969  C C   . ASP A 1 105 ? -5.659  -9.226  -3.649  1.00 19.33  ? 1083 ASP A C   1 
ATOM   970  O O   . ASP A 1 105 ? -6.543  -9.502  -2.803  1.00 20.36  ? 1083 ASP A O   1 
ATOM   971  C CB  . ASP A 1 105 ? -6.447  -9.490  -6.043  1.00 23.40  ? 1083 ASP A CB  1 
ATOM   972  C CG  . ASP A 1 105 ? -7.201  -8.892  -7.232  1.00 28.56  ? 1083 ASP A CG  1 
ATOM   973  O OD1 . ASP A 1 105 ? -7.602  -7.694  -7.183  1.00 28.93  ? 1083 ASP A OD1 1 
ATOM   974  O OD2 . ASP A 1 105 ? -7.272  -9.596  -8.255  1.00 30.43  ? 1083 ASP A OD2 1 
ATOM   975  N N   . THR A 1 106 ? -4.372  -9.534  -3.525  1.00 18.60  ? 1084 THR A N   1 
ATOM   976  C CA  . THR A 1 106 ? -3.807  -10.226 -2.347  1.00 19.64  ? 1084 THR A CA  1 
ATOM   977  C C   . THR A 1 106 ? -3.929  -9.309  -1.105  1.00 17.77  ? 1084 THR A C   1 
ATOM   978  O O   . THR A 1 106 ? -4.376  -9.786  -0.002  1.00 18.25  ? 1084 THR A O   1 
ATOM   979  C CB  . THR A 1 106 ? -2.395  -10.713 -2.644  1.00 21.77  ? 1084 THR A CB  1 
ATOM   980  O OG1 . THR A 1 106 ? -2.411  -11.604 -3.781  1.00 19.93  ? 1084 THR A OG1 1 
ATOM   981  C CG2 . THR A 1 106 ? -1.774  -11.415 -1.463  1.00 21.06  ? 1084 THR A CG2 1 
ATOM   982  N N   . ALA A 1 107 ? -3.575  -8.039  -1.254  1.00 18.38  ? 1085 ALA A N   1 
ATOM   983  C CA  . ALA A 1 107 ? -3.660  -7.073  -0.137  1.00 17.38  ? 1085 ALA A CA  1 
ATOM   984  C C   . ALA A 1 107 ? -5.126  -7.016  0.354   1.00 18.96  ? 1085 ALA A C   1 
ATOM   985  O O   . ALA A 1 107 ? -5.366  -7.111  1.607   1.00 17.67  ? 1085 ALA A O   1 
ATOM   986  C CB  . ALA A 1 107 ? -3.070  -5.757  -0.584  1.00 17.39  ? 1085 ALA A CB  1 
ATOM   987  N N   . TYR A 1 108 ? -6.108  -6.815  -0.546  1.00 19.55  ? 1086 TYR A N   1 
ATOM   988  C CA  . TYR A 1 108 ? -7.522  -6.667  -0.177  1.00 19.67  ? 1086 TYR A CA  1 
ATOM   989  C C   . TYR A 1 108 ? -8.001  -7.976  0.471   1.00 19.77  ? 1086 TYR A C   1 
ATOM   990  O O   . TYR A 1 108 ? -8.792  -7.859  1.425   1.00 18.65  ? 1086 TYR A O   1 
ATOM   991  C CB  . TYR A 1 108 ? -8.397  -6.276  -1.378  1.00 20.11  ? 1086 TYR A CB  1 
ATOM   992  C CG  . TYR A 1 108 ? -8.459  -4.798  -1.649  1.00 19.67  ? 1086 TYR A CG  1 
ATOM   993  C CD1 . TYR A 1 108 ? -7.431  -4.116  -2.284  1.00 22.20  ? 1086 TYR A CD1 1 
ATOM   994  C CD2 . TYR A 1 108 ? -9.534  -4.031  -1.195  1.00 26.83  ? 1086 TYR A CD2 1 
ATOM   995  C CE1 . TYR A 1 108 ? -7.514  -2.741  -2.543  1.00 23.31  ? 1086 TYR A CE1 1 
ATOM   996  C CE2 . TYR A 1 108 ? -9.608  -2.656  -1.398  1.00 25.34  ? 1086 TYR A CE2 1 
ATOM   997  C CZ  . TYR A 1 108 ? -8.608  -2.001  -2.114  1.00 26.13  ? 1086 TYR A CZ  1 
ATOM   998  O OH  . TYR A 1 108 ? -8.669  -0.620  -2.302  1.00 25.89  ? 1086 TYR A OH  1 
ATOM   999  N N   . ALA A 1 109 ? -7.540  -9.154  0.011   1.00 19.80  ? 1087 ALA A N   1 
ATOM   1000 C CA  . ALA A 1 109 ? -8.012  -10.441 0.558   1.00 20.59  ? 1087 ALA A CA  1 
ATOM   1001 C C   . ALA A 1 109 ? -7.479  -10.654 1.997   1.00 20.13  ? 1087 ALA A C   1 
ATOM   1002 O O   . ALA A 1 109 ? -8.255  -11.150 2.868   1.00 21.35  ? 1087 ALA A O   1 
ATOM   1003 C CB  . ALA A 1 109 ? -7.603  -11.593 -0.352  1.00 22.97  ? 1087 ALA A CB  1 
ATOM   1004 N N   . ILE A 1 110 ? -6.217  -10.324 2.248   1.00 19.97  ? 1088 ILE A N   1 
ATOM   1005 C CA  . ILE A 1 110 ? -5.624  -10.411 3.619   1.00 18.68  ? 1088 ILE A CA  1 
ATOM   1006 C C   . ILE A 1 110 ? -6.442  -9.498  4.545   1.00 19.45  ? 1088 ILE A C   1 
ATOM   1007 O O   . ILE A 1 110 ? -6.857  -9.917  5.667   1.00 20.10  ? 1088 ILE A O   1 
ATOM   1008 C CB  . ILE A 1 110 ? -4.122  -10.075 3.630   1.00 18.25  ? 1088 ILE A CB  1 
ATOM   1009 C CG1 . ILE A 1 110 ? -3.317  -11.108 2.855   1.00 19.01  ? 1088 ILE A CG1 1 
ATOM   1010 C CG2 . ILE A 1 110 ? -3.605  -9.999  5.074   1.00 18.63  ? 1088 ILE A CG2 1 
ATOM   1011 C CD1 . ILE A 1 110 ? -1.834  -10.794 2.673   1.00 20.67  ? 1088 ILE A CD1 1 
ATOM   1012 N N   . ILE A 1 111 ? -6.634  -8.262  4.168   1.00 18.39  ? 1089 ILE A N   1 
ATOM   1013 C CA  . ILE A 1 111 ? -7.366  -7.285  4.998   1.00 20.72  ? 1089 ILE A CA  1 
ATOM   1014 C C   . ILE A 1 111 ? -8.820  -7.742  5.201   1.00 23.17  ? 1089 ILE A C   1 
ATOM   1015 O O   . ILE A 1 111 ? -9.348  -7.683  6.362   1.00 21.15  ? 1089 ILE A O   1 
ATOM   1016 C CB  . ILE A 1 111 ? -7.185  -5.881  4.397   1.00 20.62  ? 1089 ILE A CB  1 
ATOM   1017 C CG1 . ILE A 1 111 ? -5.744  -5.422  4.677   1.00 23.65  ? 1089 ILE A CG1 1 
ATOM   1018 C CG2 . ILE A 1 111 ? -8.252  -4.978  4.973   1.00 25.24  ? 1089 ILE A CG2 1 
ATOM   1019 C CD1 . ILE A 1 111 ? -5.288  -4.311  3.816   1.00 29.78  ? 1089 ILE A CD1 1 
ATOM   1020 N N   . LYS A 1 112 ? -9.485  -8.261  4.185   1.00 21.74  ? 1090 LYS A N   1 
ATOM   1021 C CA  . LYS A 1 112 ? -10.890 -8.699  4.378   1.00 23.29  ? 1090 LYS A CA  1 
ATOM   1022 C C   . LYS A 1 112 ? -10.997 -9.820  5.449   1.00 23.25  ? 1090 LYS A C   1 
ATOM   1023 O O   . LYS A 1 112 ? -11.929 -9.795  6.249   1.00 24.88  ? 1090 LYS A O   1 
ATOM   1024 C CB  . LYS A 1 112 ? -11.508 -9.162  3.052   1.00 31.24  ? 1090 LYS A CB  1 
ATOM   1025 C CG  . LYS A 1 112 ? -12.994 -9.485  3.180   1.00 38.69  ? 1090 LYS A CG  1 
ATOM   1026 C CD  . LYS A 1 112 ? -13.614 -9.982  1.915   1.00 50.42  ? 1090 LYS A CD  1 
ATOM   1027 C CE  . LYS A 1 112 ? -15.122 -10.096 2.041   1.00 57.68  ? 1090 LYS A CE  1 
ATOM   1028 N NZ  . LYS A 1 112 ? -15.599 -11.179 1.158   1.00 60.66  ? 1090 LYS A NZ  1 
ATOM   1029 N N   . GLU A 1 113 ? -10.062 -10.768 5.450   0.60 21.61  ? 1091 GLU A N   1 
ATOM   1030 C CA  . GLU A 1 113 ? -10.039 -11.898 6.412   0.60 22.71  ? 1091 GLU A CA  1 
ATOM   1031 C C   . GLU A 1 113 ? -9.614  -11.391 7.805   0.60 21.44  ? 1091 GLU A C   1 
ATOM   1032 O O   . GLU A 1 113 ? -10.301 -11.726 8.802   0.60 20.84  ? 1091 GLU A O   1 
ATOM   1033 C CB  . GLU A 1 113 ? -9.090  -12.978 5.892   0.60 24.99  ? 1091 GLU A CB  1 
ATOM   1034 C CG  . GLU A 1 113 ? -9.115  -14.273 6.682   0.60 27.64  ? 1091 GLU A CG  1 
ATOM   1035 C CD  . GLU A 1 113 ? -8.356  -15.411 6.014   0.60 32.63  ? 1091 GLU A CD  1 
ATOM   1036 O OE1 . GLU A 1 113 ? -7.099  -15.427 6.096   0.60 37.06  ? 1091 GLU A OE1 1 
ATOM   1037 O OE2 . GLU A 1 113 ? -9.019  -16.302 5.428   0.60 38.19  ? 1091 GLU A OE2 1 
ATOM   1038 N N   . GLU A 1 114 ? -8.546  -10.589 7.875   1.00 19.26  ? 1092 GLU A N   1 
ATOM   1039 C CA  . GLU A 1 114 ? -7.778  -10.397 9.142   1.00 19.78  ? 1092 GLU A CA  1 
ATOM   1040 C C   . GLU A 1 114 ? -8.067  -9.085  9.875   1.00 20.17  ? 1092 GLU A C   1 
ATOM   1041 O O   . GLU A 1 114 ? -7.631  -9.017  11.062  1.00 21.79  ? 1092 GLU A O   1 
ATOM   1042 C CB  . GLU A 1 114 ? -6.279  -10.559 8.892   1.00 18.83  ? 1092 GLU A CB  1 
ATOM   1043 C CG  . GLU A 1 114 ? -5.904  -11.920 8.317   1.00 19.05  ? 1092 GLU A CG  1 
ATOM   1044 C CD  . GLU A 1 114 ? -4.448  -12.248 8.066   1.00 22.39  ? 1092 GLU A CD  1 
ATOM   1045 O OE1 . GLU A 1 114 ? -3.584  -11.661 8.735   1.00 21.03  ? 1092 GLU A OE1 1 
ATOM   1046 O OE2 . GLU A 1 114 ? -4.169  -13.145 7.201   1.00 21.18  ? 1092 GLU A OE2 1 
ATOM   1047 N N   . LEU A 1 115 ? -8.686  -8.119  9.239   1.00 20.10  ? 1093 LEU A N   1 
ATOM   1048 C CA  . LEU A 1 115 ? -9.034  -6.815  9.865   1.00 20.10  ? 1093 LEU A CA  1 
ATOM   1049 C C   . LEU A 1 115 ? -10.432 -6.909  10.500  1.00 21.93  ? 1093 LEU A C   1 
ATOM   1050 O O   . LEU A 1 115 ? -11.366 -7.171  9.791   1.00 22.02  ? 1093 LEU A O   1 
ATOM   1051 C CB  . LEU A 1 115 ? -8.981  -5.696  8.827   1.00 21.76  ? 1093 LEU A CB  1 
ATOM   1052 C CG  . LEU A 1 115 ? -9.559  -4.341  9.269   1.00 26.64  ? 1093 LEU A CG  1 
ATOM   1053 C CD1 . LEU A 1 115 ? -8.701  -3.771  10.358  1.00 23.23  ? 1093 LEU A CD1 1 
ATOM   1054 C CD2 . LEU A 1 115 ? -9.689  -3.370  8.084   1.00 29.09  ? 1093 LEU A CD2 1 
ATOM   1055 N N   . ASP A 1 116 ? -10.592 -6.588  11.784  1.00 19.91  ? 1094 ASP A N   1 
ATOM   1056 C CA  . ASP A 1 116 ? -11.944 -6.443  12.390  1.00 21.89  ? 1094 ASP A CA  1 
ATOM   1057 C C   . ASP A 1 116 ? -12.566 -5.111  11.953  1.00 21.50  ? 1094 ASP A C   1 
ATOM   1058 O O   . ASP A 1 116 ? -11.936 -4.073  12.143  1.00 21.61  ? 1094 ASP A O   1 
ATOM   1059 C CB  . ASP A 1 116 ? -11.819 -6.508  13.918  1.00 23.51  ? 1094 ASP A CB  1 
ATOM   1060 C CG  . ASP A 1 116 ? -13.185 -6.589  14.605  1.00 29.94  ? 1094 ASP A CG  1 
ATOM   1061 O OD1 . ASP A 1 116 ? -14.014 -5.677  14.429  1.00 29.71  ? 1094 ASP A OD1 1 
ATOM   1062 O OD2 . ASP A 1 116 ? -13.426 -7.611  15.300  1.00 31.56  ? 1094 ASP A OD2 1 
ATOM   1063 N N   A GLU A 1 117 ? -13.781 -5.148  11.396  0.18 22.14  ? 1095 GLU A N   1 
ATOM   1064 N N   B GLU A 1 117 ? -13.789 -5.156  11.406  0.25 21.28  ? 1095 GLU A N   1 
ATOM   1065 N N   C GLU A 1 117 ? -13.781 -5.148  11.396  0.18 22.14  ? 1095 GLU A N   1 
ATOM   1066 C CA  A GLU A 1 117 ? -14.506 -3.949  10.888  0.18 24.14  ? 1095 GLU A CA  1 
ATOM   1067 C CA  B GLU A 1 117 ? -14.546 -3.978  10.890  0.25 23.53  ? 1095 GLU A CA  1 
ATOM   1068 C CA  C GLU A 1 117 ? -14.506 -3.949  10.888  0.18 24.14  ? 1095 GLU A CA  1 
ATOM   1069 C C   A GLU A 1 117 ? -14.700 -2.919  12.010  0.18 22.67  ? 1095 GLU A C   1 
ATOM   1070 C C   B GLU A 1 117 ? -14.773 -2.935  11.995  0.25 22.16  ? 1095 GLU A C   1 
ATOM   1071 C C   C GLU A 1 117 ? -14.700 -2.919  12.010  0.18 22.67  ? 1095 GLU A C   1 
ATOM   1072 O O   A GLU A 1 117 ? -14.607 -1.712  11.722  0.18 22.59  ? 1095 GLU A O   1 
ATOM   1073 O O   B GLU A 1 117 ? -14.807 -1.734  11.678  0.25 22.29  ? 1095 GLU A O   1 
ATOM   1074 O O   C GLU A 1 117 ? -14.607 -1.712  11.722  0.18 22.59  ? 1095 GLU A O   1 
ATOM   1075 C CB  A GLU A 1 117 ? -15.848 -4.348  10.275  0.18 28.27  ? 1095 GLU A CB  1 
ATOM   1076 C CB  B GLU A 1 117 ? -15.884 -4.419  10.282  0.25 28.04  ? 1095 GLU A CB  1 
ATOM   1077 C CB  C GLU A 1 117 ? -15.848 -4.348  10.275  0.18 28.27  ? 1095 GLU A CB  1 
ATOM   1078 C CG  A GLU A 1 117 ? -15.716 -4.991  8.905   0.18 31.62  ? 1095 GLU A CG  1 
ATOM   1079 C CG  B GLU A 1 117 ? -16.876 -4.969  11.297  0.25 31.01  ? 1095 GLU A CG  1 
ATOM   1080 C CG  C GLU A 1 117 ? -15.716 -4.991  8.905   0.18 31.62  ? 1095 GLU A CG  1 
ATOM   1081 C CD  A GLU A 1 117 ? -17.019 -5.510  8.314   0.18 35.37  ? 1095 GLU A CD  1 
ATOM   1082 C CD  B GLU A 1 117 ? -18.190 -5.500  10.737  0.25 35.80  ? 1095 GLU A CD  1 
ATOM   1083 C CD  C GLU A 1 117 ? -17.019 -5.510  8.314   0.18 35.37  ? 1095 GLU A CD  1 
ATOM   1084 O OE1 A GLU A 1 117 ? -18.020 -4.752  8.326   0.18 37.45  ? 1095 GLU A OE1 1 
ATOM   1085 O OE1 B GLU A 1 117 ? -18.273 -5.717  9.516   0.25 34.26  ? 1095 GLU A OE1 1 
ATOM   1086 O OE1 C GLU A 1 117 ? -18.020 -4.752  8.326   0.18 37.45  ? 1095 GLU A OE1 1 
ATOM   1087 O OE2 A GLU A 1 117 ? -17.033 -6.672  7.849   0.18 40.11  ? 1095 GLU A OE2 1 
ATOM   1088 O OE2 B GLU A 1 117 ? -19.132 -5.700  11.537  0.25 39.74  ? 1095 GLU A OE2 1 
ATOM   1089 O OE2 C GLU A 1 117 ? -17.033 -6.672  7.849   0.18 40.11  ? 1095 GLU A OE2 1 
ATOM   1090 N N   . ASP A 1 118 ? -14.941 -3.362  13.246  1.00 21.14  ? 1096 ASP A N   1 
ATOM   1091 C CA  . ASP A 1 118 ? -15.135 -2.405  14.373  1.00 21.45  ? 1096 ASP A CA  1 
ATOM   1092 C C   . ASP A 1 118 ? -13.807 -1.729  14.729  1.00 19.33  ? 1096 ASP A C   1 
ATOM   1093 O O   . ASP A 1 118 ? -13.843 -0.580  15.264  1.00 18.69  ? 1096 ASP A O   1 
ATOM   1094 C CB  . ASP A 1 118 ? -15.796 -3.057  15.592  1.00 23.07  ? 1096 ASP A CB  1 
ATOM   1095 C CG  . ASP A 1 118 ? -17.258 -3.434  15.357  1.00 26.93  ? 1096 ASP A CG  1 
ATOM   1096 O OD1 . ASP A 1 118 ? -17.909 -2.856  14.510  1.00 26.87  ? 1096 ASP A OD1 1 
ATOM   1097 O OD2 . ASP A 1 118 ? -17.664 -4.390  15.943  1.00 34.47  ? 1096 ASP A OD2 1 
ATOM   1098 N N   . PHE A 1 119 ? -12.660 -2.427  14.571  1.00 17.96  ? 1097 PHE A N   1 
ATOM   1099 C CA  . PHE A 1 119 ? -11.322 -1.815  14.757  1.00 18.22  ? 1097 PHE A CA  1 
ATOM   1100 C C   . PHE A 1 119 ? -11.108 -0.698  13.734  1.00 19.56  ? 1097 PHE A C   1 
ATOM   1101 O O   . PHE A 1 119 ? -10.706 0.482   14.152  1.00 20.81  ? 1097 PHE A O   1 
ATOM   1102 C CB  . PHE A 1 119 ? -10.205 -2.875  14.702  1.00 18.91  ? 1097 PHE A CB  1 
ATOM   1103 C CG  . PHE A 1 119 ? -8.859  -2.264  14.958  1.00 18.75  ? 1097 PHE A CG  1 
ATOM   1104 C CD1 . PHE A 1 119 ? -8.326  -2.153  16.227  1.00 17.81  ? 1097 PHE A CD1 1 
ATOM   1105 C CD2 . PHE A 1 119 ? -8.100  -1.822  13.883  1.00 20.24  ? 1097 PHE A CD2 1 
ATOM   1106 C CE1 . PHE A 1 119 ? -7.107  -1.535  16.435  1.00 19.62  ? 1097 PHE A CE1 1 
ATOM   1107 C CE2 . PHE A 1 119 ? -6.864  -1.236  14.086  1.00 19.35  ? 1097 PHE A CE2 1 
ATOM   1108 C CZ  . PHE A 1 119 ? -6.370  -1.102  15.357  1.00 18.82  ? 1097 PHE A CZ  1 
ATOM   1109 N N   . GLU A 1 120 ? -11.421 -0.976  12.460  1.00 18.66  ? 1098 GLU A N   1 
ATOM   1110 C CA  . GLU A 1 120 ? -11.252 0.071   11.426  1.00 19.42  ? 1098 GLU A CA  1 
ATOM   1111 C C   . GLU A 1 120 ? -12.230 1.233   11.723  1.00 20.34  ? 1098 GLU A C   1 
ATOM   1112 O O   . GLU A 1 120 ? -11.845 2.377   11.624  1.00 21.30  ? 1098 GLU A O   1 
ATOM   1113 C CB  . GLU A 1 120 ? -11.552 -0.500  10.049  1.00 22.03  ? 1098 GLU A CB  1 
ATOM   1114 C CG  . GLU A 1 120 ? -11.539 0.555   8.947   1.00 21.70  ? 1098 GLU A CG  1 
ATOM   1115 C CD  . GLU A 1 120 ? -10.241 1.321   8.631   1.00 26.47  ? 1098 GLU A CD  1 
ATOM   1116 O OE1 . GLU A 1 120 ? -9.175  1.011   9.252   1.00 25.58  ? 1098 GLU A OE1 1 
ATOM   1117 O OE2 . GLU A 1 120 ? -10.257 2.220   7.655   1.00 28.64  ? 1098 GLU A OE2 1 
ATOM   1118 N N   . GLN A 1 121 ? -13.467 0.937   12.132  1.00 20.49  ? 1099 GLN A N   1 
ATOM   1119 C CA  . GLN A 1 121 ? -14.481 2.008   12.372  1.00 20.56  ? 1099 GLN A CA  1 
ATOM   1120 C C   . GLN A 1 121 ? -13.944 2.870   13.520  1.00 19.11  ? 1099 GLN A C   1 
ATOM   1121 O O   . GLN A 1 121 ? -14.060 4.120   13.449  1.00 20.87  ? 1099 GLN A O   1 
ATOM   1122 C CB  . GLN A 1 121 ? -15.883 1.445   12.684  1.00 24.11  ? 1099 GLN A CB  1 
ATOM   1123 C CG  . GLN A 1 121 ? -16.931 2.546   12.883  1.00 24.92  ? 1099 GLN A CG  1 
ATOM   1124 C CD  . GLN A 1 121 ? -17.213 3.279   11.592  1.00 31.81  ? 1099 GLN A CD  1 
ATOM   1125 O OE1 . GLN A 1 121 ? -17.004 2.731   10.503  1.00 33.66  ? 1099 GLN A OE1 1 
ATOM   1126 N NE2 . GLN A 1 121 ? -17.596 4.557   11.699  1.00 29.06  ? 1099 GLN A NE2 1 
ATOM   1127 N N   . LEU A 1 122 ? -13.362 2.284   14.583  1.00 19.64  ? 1100 LEU A N   1 
ATOM   1128 C CA  . LEU A 1 122 ? -12.797 3.063   15.695  1.00 19.42  ? 1100 LEU A CA  1 
ATOM   1129 C C   . LEU A 1 122 ? -11.699 4.004   15.168  1.00 23.16  ? 1100 LEU A C   1 
ATOM   1130 O O   . LEU A 1 122 ? -11.706 5.223   15.551  1.00 20.70  ? 1100 LEU A O   1 
ATOM   1131 C CB  . LEU A 1 122 ? -12.301 2.144   16.817  1.00 20.48  ? 1100 LEU A CB  1 
ATOM   1132 C CG  . LEU A 1 122 ? -11.600 2.846   17.964  1.00 20.04  ? 1100 LEU A CG  1 
ATOM   1133 C CD1 . LEU A 1 122 ? -12.510 3.885   18.680  1.00 25.01  ? 1100 LEU A CD1 1 
ATOM   1134 C CD2 . LEU A 1 122 ? -11.051 1.838   18.950  1.00 21.99  ? 1100 LEU A CD2 1 
ATOM   1135 N N   . CYS A 1 123 ? -10.747 3.493   14.353  1.00 19.76  ? 1101 CYS A N   1 
ATOM   1136 C CA  . CYS A 1 123 ? -9.673  4.333   13.792  1.00 21.15  ? 1101 CYS A CA  1 
ATOM   1137 C C   . CYS A 1 123 ? -10.313 5.524   13.031  1.00 22.11  ? 1101 CYS A C   1 
ATOM   1138 O O   . CYS A 1 123 ? -9.843  6.637   13.227  1.00 22.37  ? 1101 CYS A O   1 
ATOM   1139 C CB  . CYS A 1 123 ? -8.729  3.562   12.867  1.00 20.91  ? 1101 CYS A CB  1 
ATOM   1140 S SG  . CYS A 1 123 ? -7.754  2.298   13.684  1.00 21.29  ? 1101 CYS A SG  1 
ATOM   1141 N N   . GLU A 1 124 ? -11.326 5.278   12.201  1.00 22.61  ? 1102 GLU A N   1 
ATOM   1142 C CA  . GLU A 1 124 ? -12.031 6.285   11.368  1.00 23.45  ? 1102 GLU A CA  1 
ATOM   1143 C C   . GLU A 1 124 ? -12.653 7.355   12.300  1.00 26.94  ? 1102 GLU A C   1 
ATOM   1144 O O   . GLU A 1 124 ? -12.464 8.592   12.026  1.00 28.90  ? 1102 GLU A O   1 
ATOM   1145 C CB  . GLU A 1 124 ? -13.015 5.652   10.389  1.00 26.32  ? 1102 GLU A CB  1 
ATOM   1146 C CG  . GLU A 1 124 ? -12.307 4.810   9.288   1.00 34.55  ? 1102 GLU A CG  1 
ATOM   1147 C CD  . GLU A 1 124 ? -13.151 4.271   8.129   1.00 48.02  ? 1102 GLU A CD  1 
ATOM   1148 O OE1 . GLU A 1 124 ? -14.278 4.773   8.011   1.00 45.51  ? 1102 GLU A OE1 1 
ATOM   1149 O OE2 . GLU A 1 124 ? -12.669 3.341   7.302   1.00 38.47  ? 1102 GLU A OE2 1 
ATOM   1150 N N   . GLU A 1 125 ? -13.270 6.961   13.426  1.00 24.60  ? 1103 GLU A N   1 
ATOM   1151 C CA  . GLU A 1 125 ? -13.928 7.909   14.392  1.00 25.23  ? 1103 GLU A CA  1 
ATOM   1152 C C   . GLU A 1 125 ? -12.900 8.725   15.186  1.00 28.99  ? 1103 GLU A C   1 
ATOM   1153 O O   . GLU A 1 125 ? -13.131 9.967   15.317  1.00 31.84  ? 1103 GLU A O   1 
ATOM   1154 C CB  . GLU A 1 125 ? -14.979 7.157   15.237  1.00 22.35  ? 1103 GLU A CB  1 
ATOM   1155 C CG  . GLU A 1 125 ? -16.168 6.802   14.376  1.00 23.27  ? 1103 GLU A CG  1 
ATOM   1156 C CD  . GLU A 1 125 ? -17.384 6.137   15.033  1.00 23.36  ? 1103 GLU A CD  1 
ATOM   1157 O OE1 . GLU A 1 125 ? -17.453 6.142   16.306  1.00 23.07  ? 1103 GLU A OE1 1 
ATOM   1158 O OE2 . GLU A 1 125 ? -18.216 5.616   14.258  1.00 26.30  ? 1103 GLU A OE2 1 
ATOM   1159 N N   . ILE A 1 126 ? -11.769 8.173   15.604  1.00 24.98  ? 1104 ILE A N   1 
ATOM   1160 C CA  . ILE A 1 126 ? -10.690 8.964   16.259  1.00 25.84  ? 1104 ILE A CA  1 
ATOM   1161 C C   . ILE A 1 126 ? -10.166 9.958   15.199  1.00 31.64  ? 1104 ILE A C   1 
ATOM   1162 O O   . ILE A 1 126 ? -10.054 11.138  15.501  1.00 30.62  ? 1104 ILE A O   1 
ATOM   1163 C CB  . ILE A 1 126 ? -9.560  8.071   16.774  1.00 25.57  ? 1104 ILE A CB  1 
ATOM   1164 C CG1 . ILE A 1 126 ? -10.031 7.021   17.785  1.00 25.77  ? 1104 ILE A CG1 1 
ATOM   1165 C CG2 . ILE A 1 126 ? -8.456  8.941   17.340  1.00 27.57  ? 1104 ILE A CG2 1 
ATOM   1166 C CD1 . ILE A 1 126 ? -9.020  5.912   18.058  1.00 25.08  ? 1104 ILE A CD1 1 
ATOM   1167 N N   . GLN A 1 127 ? -9.896  9.508   13.959  1.00 28.78  ? 1105 GLN A N   1 
ATOM   1168 C CA  . GLN A 1 127 ? -9.305  10.405  12.903  1.00 33.40  ? 1105 GLN A CA  1 
ATOM   1169 C C   . GLN A 1 127 ? -10.267 11.610  12.684  1.00 36.88  ? 1105 GLN A C   1 
ATOM   1170 O O   . GLN A 1 127 ? -9.791  12.789  12.669  1.00 35.98  ? 1105 GLN A O   1 
ATOM   1171 C CB  . GLN A 1 127 ? -9.012  9.639   11.598  1.00 34.97  ? 1105 GLN A CB  1 
ATOM   1172 C CG  . GLN A 1 127 ? -8.544  10.515  10.420  1.00 35.44  ? 1105 GLN A CG  1 
ATOM   1173 C CD  . GLN A 1 127 ? -8.440  9.720   9.136   1.00 39.14  ? 1105 GLN A CD  1 
ATOM   1174 O OE1 . GLN A 1 127 ? -9.413  9.122   8.687   1.00 41.35  ? 1105 GLN A OE1 1 
ATOM   1175 N NE2 . GLN A 1 127 ? -7.253  9.687   8.521   1.00 39.92  ? 1105 GLN A NE2 1 
ATOM   1176 N N   A GLU A 1 128 ? -11.563 11.322  12.514  0.15 37.46  ? 1106 GLU A N   1 
ATOM   1177 N N   B GLU A 1 128 ? -11.564 11.333  12.505  0.20 35.72  ? 1106 GLU A N   1 
ATOM   1178 N N   C GLU A 1 128 ? -11.563 11.322  12.514  0.15 37.46  ? 1106 GLU A N   1 
ATOM   1179 C CA  A GLU A 1 128 ? -12.647 12.314  12.253  0.15 39.80  ? 1106 GLU A CA  1 
ATOM   1180 C CA  B GLU A 1 128 ? -12.618 12.354  12.237  0.20 37.43  ? 1106 GLU A CA  1 
ATOM   1181 C CA  C GLU A 1 128 ? -12.647 12.314  12.253  0.15 39.80  ? 1106 GLU A CA  1 
ATOM   1182 C C   A GLU A 1 128 ? -12.732 13.333  13.399  0.15 40.42  ? 1106 GLU A C   1 
ATOM   1183 C C   B GLU A 1 128 ? -12.686 13.359  13.398  0.20 39.09  ? 1106 GLU A C   1 
ATOM   1184 C C   C GLU A 1 128 ? -12.732 13.333  13.399  0.15 40.42  ? 1106 GLU A C   1 
ATOM   1185 O O   A GLU A 1 128 ? -13.120 14.487  13.128  0.15 42.94  ? 1106 GLU A O   1 
ATOM   1186 O O   B GLU A 1 128 ? -13.005 14.537  13.135  0.20 42.38  ? 1106 GLU A O   1 
ATOM   1187 O O   C GLU A 1 128 ? -13.120 14.487  13.128  0.15 42.94  ? 1106 GLU A O   1 
ATOM   1188 C CB  A GLU A 1 128 ? -13.986 11.598  12.066  0.15 41.31  ? 1106 GLU A CB  1 
ATOM   1189 C CB  B GLU A 1 128 ? -13.982 11.698  12.026  0.20 37.15  ? 1106 GLU A CB  1 
ATOM   1190 C CB  C GLU A 1 128 ? -13.986 11.598  12.066  0.15 41.31  ? 1106 GLU A CB  1 
ATOM   1191 C CG  A GLU A 1 128 ? -14.318 11.316  10.612  0.15 44.00  ? 1106 GLU A CG  1 
ATOM   1192 C CG  B GLU A 1 128 ? -15.100 12.700  11.788  0.20 38.60  ? 1106 GLU A CG  1 
ATOM   1193 C CG  C GLU A 1 128 ? -14.318 11.316  10.612  0.15 44.00  ? 1106 GLU A CG  1 
ATOM   1194 C CD  A GLU A 1 128 ? -15.247 10.137  10.364  0.15 46.82  ? 1106 GLU A CD  1 
ATOM   1195 C CD  B GLU A 1 128 ? -14.887 13.596  10.578  0.20 38.92  ? 1106 GLU A CD  1 
ATOM   1196 C CD  C GLU A 1 128 ? -15.247 10.137  10.364  0.15 46.82  ? 1106 GLU A CD  1 
ATOM   1197 O OE1 A GLU A 1 128 ? -15.825 9.605   11.340  0.15 46.19  ? 1106 GLU A OE1 1 
ATOM   1198 O OE1 B GLU A 1 128 ? -15.118 14.810  10.695  0.20 41.33  ? 1106 GLU A OE1 1 
ATOM   1199 O OE1 C GLU A 1 128 ? -15.825 9.605   11.340  0.15 46.19  ? 1106 GLU A OE1 1 
ATOM   1200 O OE2 A GLU A 1 128 ? -15.380 9.747   9.190   0.15 49.90  ? 1106 GLU A OE2 1 
ATOM   1201 O OE2 B GLU A 1 128 ? -14.489 13.078  9.524   0.20 39.83  ? 1106 GLU A OE2 1 
ATOM   1202 O OE2 C GLU A 1 128 ? -15.380 9.747   9.190   0.15 49.90  ? 1106 GLU A OE2 1 
ATOM   1203 N N   . SER A 1 129 ? -12.396 12.922  14.626  1.00 39.72  ? 1107 SER A N   1 
ATOM   1204 C CA  . SER A 1 129 ? -12.427 13.799  15.829  1.00 42.37  ? 1107 SER A CA  1 
ATOM   1205 C C   . SER A 1 129 ? -11.206 14.721  15.916  1.00 48.76  ? 1107 SER A C   1 
ATOM   1206 O O   . SER A 1 129 ? -11.221 15.561  16.807  1.00 50.75  ? 1107 SER A O   1 
ATOM   1207 C CB  . SER A 1 129 ? -12.507 12.991  17.077  1.00 38.51  ? 1107 SER A CB  1 
ATOM   1208 O OG  . SER A 1 129 ? -11.194 12.576  17.483  1.00 38.45  ? 1107 SER A OG  1 
ATOM   1209 N N   . ARG A 1 130 ? -10.151 14.523  15.127  1.00 46.21  ? 1108 ARG A N   1 
ATOM   1210 C CA  . ARG A 1 130 ? -8.906  15.320  15.261  1.00 54.67  ? 1108 ARG A CA  1 
ATOM   1211 C C   . ARG A 1 130 ? -8.928  16.467  14.250  1.00 58.71  ? 1108 ARG A C   1 
ATOM   1212 O O   . ARG A 1 130 ? -9.882  16.641  13.489  1.00 63.57  ? 1108 ARG A O   1 
ATOM   1213 C CB  . ARG A 1 130 ? -7.676  14.420  15.141  1.00 52.58  ? 1108 ARG A CB  1 
ATOM   1214 C CG  . ARG A 1 130 ? -7.679  13.375  16.243  1.00 58.11  ? 1108 ARG A CG  1 
ATOM   1215 C CD  . ARG A 1 130 ? -6.349  12.725  16.513  1.00 56.73  ? 1108 ARG A CD  1 
ATOM   1216 N NE  . ARG A 1 130 ? -6.396  12.017  17.799  1.00 48.67  ? 1108 ARG A NE  1 
ATOM   1217 C CZ  . ARG A 1 130 ? -5.403  11.270  18.240  1.00 47.78  ? 1108 ARG A CZ  1 
ATOM   1218 N NH1 . ARG A 1 130 ? -4.305  11.197  17.502  1.00 56.54  ? 1108 ARG A NH1 1 
ATOM   1219 N NH2 . ARG A 1 130 ? -5.478  10.640  19.403  1.00 43.59  ? 1108 ARG A NH2 1 
ATOM   1220 O OXT . ARG A 1 130 ? -7.962  17.221  14.248  1.00 71.48  ? 1108 ARG A OXT 1 
HETATM 1221 N N1  . RJG B 2 .   ? -11.712 -12.938 13.250  0.60 38.29  ? 1201 RJG A N1  1 
HETATM 1222 C C4  . RJG B 2 .   ? -11.296 -11.897 15.358  0.60 39.64  ? 1201 RJG A C4  1 
HETATM 1223 C C5  . RJG B 2 .   ? -12.430 -11.158 14.595  0.60 41.28  ? 1201 RJG A C5  1 
HETATM 1224 C C6  . RJG B 2 .   ? -13.872 -11.651 14.905  0.60 41.90  ? 1201 RJG A C6  1 
HETATM 1225 C C7  . RJG B 2 .   ? -13.669 -11.500 12.558  0.60 42.26  ? 1201 RJG A C7  1 
HETATM 1226 C C8  . RJG B 2 .   ? -12.242 -11.538 13.104  0.60 40.71  ? 1201 RJG A C8  1 
HETATM 1227 C C10 . RJG B 2 .   ? -9.756  -13.607 11.712  0.60 32.39  ? 1201 RJG A C10 1 
HETATM 1228 C C13 . RJG B 2 .   ? -7.008  -13.651 11.163  0.60 32.30  ? 1201 RJG A C13 1 
HETATM 1229 C C15 . RJG B 2 .   ? -8.895  -12.800 12.465  0.60 33.52  ? 1201 RJG A C15 1 
HETATM 1230 N N   . RJG B 2 .   ? -14.485 -12.096 13.632  0.60 43.02  ? 1201 RJG A N   1 
HETATM 1231 C C   . RJG B 2 .   ? -11.229 -10.639 12.412  0.60 40.69  ? 1201 RJG A C   1 
HETATM 1232 O O   . RJG B 2 .   ? -11.483 -10.007 11.409  0.60 42.48  ? 1201 RJG A O   1 
HETATM 1233 C C1  . RJG B 2 .   ? -9.869  -10.599 13.072  0.60 38.57  ? 1201 RJG A C1  1 
HETATM 1234 C C11 . RJG B 2 .   ? -9.240  -14.431 10.694  0.60 31.78  ? 1201 RJG A C11 1 
HETATM 1235 C C12 . RJG B 2 .   ? -7.860  -14.462 10.425  0.60 31.18  ? 1201 RJG A C12 1 
HETATM 1236 C C14 . RJG B 2 .   ? -7.504  -12.812 12.184  0.60 32.71  ? 1201 RJG A C14 1 
HETATM 1237 C C2  . RJG B 2 .   ? -9.439  -11.971 13.618  0.60 36.64  ? 1201 RJG A C2  1 
HETATM 1238 C C3  . RJG B 2 .   ? -10.621 -12.741 14.276  0.60 37.77  ? 1201 RJG A C3  1 
HETATM 1239 C C9  . RJG B 2 .   ? -11.242 -13.660 12.002  0.60 36.25  ? 1201 RJG A C9  1 
HETATM 1240 S S   . SO4 C 3 .   ? -3.535  -9.367  -29.743 1.00 41.04  ? 1202 SO4 A S   1 
HETATM 1241 O O1  . SO4 C 3 .   ? -3.049  -9.592  -31.067 1.00 45.02  ? 1202 SO4 A O1  1 
HETATM 1242 O O2  . SO4 C 3 .   ? -2.745  -8.317  -29.206 1.00 43.86  ? 1202 SO4 A O2  1 
HETATM 1243 O O3  . SO4 C 3 .   ? -4.932  -9.126  -29.732 1.00 33.30  ? 1202 SO4 A O3  1 
HETATM 1244 O O4  . SO4 C 3 .   ? -3.312  -10.548 -28.960 1.00 60.98  ? 1202 SO4 A O4  1 
HETATM 1245 S S   . SO4 D 3 .   ? 2.102   12.942  2.163   0.50 41.59  ? 1203 SO4 A S   1 
HETATM 1246 O O1  . SO4 D 3 .   ? 1.400   14.189  1.921   0.50 39.57  ? 1203 SO4 A O1  1 
HETATM 1247 O O2  . SO4 D 3 .   ? 2.121   12.162  0.943   0.50 39.82  ? 1203 SO4 A O2  1 
HETATM 1248 O O3  . SO4 D 3 .   ? 1.422   12.191  3.204   0.50 39.69  ? 1203 SO4 A O3  1 
HETATM 1249 O O4  . SO4 D 3 .   ? 3.455   13.223  2.587   0.50 39.95  ? 1203 SO4 A O4  1 
HETATM 1250 C C1  . EDO E 4 .   ? -6.982  -5.566  13.059  1.00 32.60  ? 1204 EDO A C1  1 
HETATM 1251 O O1  . EDO E 4 .   ? -8.193  -6.085  13.599  1.00 27.65  ? 1204 EDO A O1  1 
HETATM 1252 C C2  . EDO E 4 .   ? -6.045  -4.902  14.034  1.00 24.54  ? 1204 EDO A C2  1 
HETATM 1253 O O2  . EDO E 4 .   ? -5.370  -5.798  14.903  1.00 24.72  ? 1204 EDO A O2  1 
HETATM 1254 C C1  . EDO F 4 .   ? 8.593   7.693   2.770   1.00 36.36  ? 1205 EDO A C1  1 
HETATM 1255 O O1  . EDO F 4 .   ? 7.901   8.127   1.594   1.00 35.41  ? 1205 EDO A O1  1 
HETATM 1256 C C2  . EDO F 4 .   ? 9.345   8.737   3.551   1.00 35.67  ? 1205 EDO A C2  1 
HETATM 1257 O O2  . EDO F 4 .   ? 10.434  9.269   2.839   1.00 36.42  ? 1205 EDO A O2  1 
HETATM 1258 C C1  . EDO G 4 .   ? -11.350 -9.907  18.429  0.60 40.10  ? 1206 EDO A C1  1 
HETATM 1259 O O1  . EDO G 4 .   ? -11.996 -9.484  17.226  0.60 44.46  ? 1206 EDO A O1  1 
HETATM 1260 C C2  . EDO G 4 .   ? -12.257 -10.647 19.348  0.60 40.36  ? 1206 EDO A C2  1 
HETATM 1261 O O2  . EDO G 4 .   ? -13.630 -10.301 19.229  0.60 39.65  ? 1206 EDO A O2  1 
HETATM 1262 O O   . HOH H 5 .   ? 7.919   -7.554  -23.969 0.51 32.31  ? 1301 HOH A O   1 
HETATM 1263 O O   . HOH H 5 .   ? 3.688   -10.355 8.482   1.00 79.48  ? 1302 HOH A O   1 
HETATM 1264 O O   . HOH H 5 .   ? -4.424  -0.391  25.233  1.00 41.30  ? 1303 HOH A O   1 
HETATM 1265 O O   . HOH H 5 .   ? -5.465  -14.265 5.127   1.00 38.32  ? 1304 HOH A O   1 
HETATM 1266 O O   . HOH H 5 .   ? -10.128 7.654   24.500  1.00 52.90  ? 1305 HOH A O   1 
HETATM 1267 O O   . HOH H 5 .   ? -0.762  0.315   -25.822 1.00 52.54  ? 1306 HOH A O   1 
HETATM 1268 O O   . HOH H 5 .   ? -7.910  3.119   -2.554  1.00 38.50  ? 1307 HOH A O   1 
HETATM 1269 O O   . HOH H 5 .   ? -0.897  4.365   -20.049 1.00 44.00  ? 1308 HOH A O   1 
HETATM 1270 O O   . HOH H 5 .   ? -11.842 9.142   9.246   1.00 52.97  ? 1309 HOH A O   1 
HETATM 1271 O O   . HOH H 5 .   ? 0.011   7.789   17.286  1.00 48.06  ? 1310 HOH A O   1 
HETATM 1272 O O   . HOH H 5 .   ? -12.737 -9.663  9.251   0.60 31.73  ? 1311 HOH A O   1 
HETATM 1273 O O   . HOH H 5 .   ? -1.481  10.682  -6.760  1.00 33.74  ? 1312 HOH A O   1 
HETATM 1274 O O   . HOH H 5 .   ? 7.202   6.510   -21.455 1.00 60.66  ? 1313 HOH A O   1 
HETATM 1275 O O   . HOH H 5 .   ? 5.097   -0.228  -22.686 1.00 34.57  ? 1314 HOH A O   1 
HETATM 1276 O O   . HOH H 5 .   ? -3.007  -12.151 -31.337 1.00 33.50  ? 1315 HOH A O   1 
HETATM 1277 O O   . HOH H 5 .   ? 11.232  3.177   9.052   1.00 31.08  ? 1316 HOH A O   1 
HETATM 1278 O O   . HOH H 5 .   ? 10.132  10.337  -7.348  1.00 52.50  ? 1317 HOH A O   1 
HETATM 1279 O O   . HOH H 5 .   ? 2.969   5.038   20.297  1.00 65.67  ? 1318 HOH A O   1 
HETATM 1280 O O   . HOH H 5 .   ? 4.094   10.622  -2.338  1.00 27.97  ? 1319 HOH A O   1 
HETATM 1281 O O   . HOH H 5 .   ? 3.977   -13.917 1.453   1.00 36.47  ? 1320 HOH A O   1 
HETATM 1282 O O   . HOH H 5 .   ? -17.113 10.311  13.496  1.00 39.86  ? 1321 HOH A O   1 
HETATM 1283 O O   . HOH H 5 .   ? 13.640  -5.715  -2.902  1.00 50.49  ? 1322 HOH A O   1 
HETATM 1284 O O   . HOH H 5 .   ? -1.576  5.966   -11.096 1.00 27.96  ? 1323 HOH A O   1 
HETATM 1285 O O   . HOH H 5 .   ? 5.057   1.202   -12.042 1.00 29.30  ? 1324 HOH A O   1 
HETATM 1286 O O   . HOH H 5 .   ? -11.699 10.858  19.508  1.00 38.02  ? 1325 HOH A O   1 
HETATM 1287 O O   . HOH H 5 .   ? 8.411   4.734   -5.230  1.00 27.08  ? 1326 HOH A O   1 
HETATM 1288 O O   . HOH H 5 .   ? -5.731  -1.494  20.069  1.00 26.70  ? 1327 HOH A O   1 
HETATM 1289 O O   . HOH H 5 .   ? -5.402  -11.347 -8.889  1.00 48.15  ? 1328 HOH A O   1 
HETATM 1290 O O   . HOH H 5 .   ? -4.167  2.744   -14.047 1.00 42.28  ? 1329 HOH A O   1 
HETATM 1291 O O   . HOH H 5 .   ? -15.513 11.064  15.667  1.00 30.18  ? 1330 HOH A O   1 
HETATM 1292 O O   . HOH H 5 .   ? -2.803  7.531   1.853   1.00 40.04  ? 1331 HOH A O   1 
HETATM 1293 O O   . HOH H 5 .   ? 0.158   11.458  11.735  1.00 60.21  ? 1332 HOH A O   1 
HETATM 1294 O O   . HOH H 5 .   ? 3.597   -8.534  -29.102 1.00 28.01  ? 1333 HOH A O   1 
HETATM 1295 O O   . HOH H 5 .   ? 8.485   -1.307  -16.788 1.00 49.32  ? 1334 HOH A O   1 
HETATM 1296 O O   . HOH H 5 .   ? -20.468 6.702   13.319  1.00 43.01  ? 1335 HOH A O   1 
HETATM 1297 O O   . HOH H 5 .   ? 3.392   -12.264 -20.640 1.00 25.08  ? 1336 HOH A O   1 
HETATM 1298 O O   . HOH H 5 .   ? -1.872  -14.222 -3.652  1.00 31.40  ? 1337 HOH A O   1 
HETATM 1299 O O   . HOH H 5 .   ? 0.805   8.853   -1.095  1.00 23.46  ? 1338 HOH A O   1 
HETATM 1300 O O   . HOH H 5 .   ? -9.753  6.999   6.195   1.00 33.13  ? 1339 HOH A O   1 
HETATM 1301 O O   . HOH H 5 .   ? 7.241   11.890  -10.701 1.00 37.93  ? 1340 HOH A O   1 
HETATM 1302 O O   . HOH H 5 .   ? -12.923 -12.250 9.085   0.60 45.66  ? 1341 HOH A O   1 
HETATM 1303 O O   . HOH H 5 .   ? -9.183  -9.501  -3.329  1.00 27.42  ? 1342 HOH A O   1 
HETATM 1304 O O   . HOH H 5 .   ? -8.472  12.554  19.433  1.00 51.44  ? 1343 HOH A O   1 
HETATM 1305 O O   . HOH H 5 .   ? -3.961  10.962  22.637  1.00 65.40  ? 1344 HOH A O   1 
HETATM 1306 O O   . HOH H 5 .   ? -5.660  5.799   -11.871 1.00 58.17  ? 1345 HOH A O   1 
HETATM 1307 O O   . HOH H 5 .   ? 5.969   9.636   -4.208  1.00 27.12  ? 1346 HOH A O   1 
HETATM 1308 O O   . HOH H 5 .   ? 9.354   -9.931  -3.605  1.00 27.46  ? 1347 HOH A O   1 
HETATM 1309 O O   . HOH H 5 .   ? 4.192   -6.071  12.708  1.00 15.78  ? 1348 HOH A O   1 
HETATM 1310 O O   . HOH H 5 .   ? -4.817  5.399   -4.958  1.00 23.27  ? 1349 HOH A O   1 
HETATM 1311 O O   . HOH H 5 .   ? 5.259   3.552   -8.752  1.00 21.08  ? 1350 HOH A O   1 
HETATM 1312 O O   . HOH H 5 .   ? 5.579   13.838  0.986   1.00 23.80  ? 1351 HOH A O   1 
HETATM 1313 O O   . HOH H 5 .   ? 5.046   13.625  7.831   1.00 50.58  ? 1352 HOH A O   1 
HETATM 1314 O O   . HOH H 5 .   ? 6.914   14.714  -14.000 1.00 56.94  ? 1353 HOH A O   1 
HETATM 1315 O O   . HOH H 5 .   ? -5.518  -9.678  12.686  1.00 21.34  ? 1354 HOH A O   1 
HETATM 1316 O O   . HOH H 5 .   ? -3.141  -0.418  -18.789 1.00 33.80  ? 1355 HOH A O   1 
HETATM 1317 O O   . HOH H 5 .   ? -18.545 -0.836  12.751  1.00 40.44  ? 1356 HOH A O   1 
HETATM 1318 O O   . HOH H 5 .   ? -3.594  -1.753  -21.301 1.00 45.87  ? 1357 HOH A O   1 
HETATM 1319 O O   . HOH H 5 .   ? -10.415 -12.673 2.088   1.00 27.72  ? 1358 HOH A O   1 
HETATM 1320 O O   . HOH H 5 .   ? -1.391  -8.571  10.269  1.00 33.46  ? 1359 HOH A O   1 
HETATM 1321 O O   . HOH H 5 .   ? 12.784  -0.697  -8.478  1.00 55.55  ? 1360 HOH A O   1 
HETATM 1322 O O   . HOH H 5 .   ? 0.309   5.657   18.711  1.00 30.77  ? 1361 HOH A O   1 
HETATM 1323 O O   . HOH H 5 .   ? 11.853  4.931   2.279   1.00 35.09  ? 1362 HOH A O   1 
HETATM 1324 O O   . HOH H 5 .   ? -16.676 7.460   18.616  1.00 27.47  ? 1363 HOH A O   1 
HETATM 1325 O O   . HOH H 5 .   ? 4.218   0.650   -9.370  1.00 22.59  ? 1364 HOH A O   1 
HETATM 1326 O O   . HOH H 5 .   ? -3.538  -11.332 -11.464 1.00 28.98  ? 1365 HOH A O   1 
HETATM 1327 O O   . HOH H 5 .   ? -5.277  11.586  8.981   1.00 62.01  ? 1366 HOH A O   1 
HETATM 1328 O O   . HOH H 5 .   ? -0.031  9.786   2.784   1.00 33.55  ? 1367 HOH A O   1 
HETATM 1329 O O   . HOH H 5 .   ? 6.739   -0.782  -20.408 1.00 43.57  ? 1368 HOH A O   1 
HETATM 1330 O O   . HOH H 5 .   ? 4.696   12.358  9.881   1.00 52.65  ? 1369 HOH A O   1 
HETATM 1331 O O   . HOH H 5 .   ? -16.013 -6.970  16.116  1.00 53.34  ? 1370 HOH A O   1 
HETATM 1332 O O   . HOH H 5 .   ? 12.550  -7.759  -9.971  1.00 52.38  ? 1371 HOH A O   1 
HETATM 1333 O O   . HOH H 5 .   ? 8.632   0.405   -8.083  1.00 33.36  ? 1372 HOH A O   1 
HETATM 1334 O O   . HOH H 5 .   ? 6.121   0.165   -7.469  1.00 23.86  ? 1373 HOH A O   1 
HETATM 1335 O O   . HOH H 5 .   ? -15.219 -0.630  9.140   1.00 43.28  ? 1374 HOH A O   1 
HETATM 1336 O O   . HOH H 5 .   ? 0.736   -0.700  22.496  0.50 42.59  ? 1375 HOH A O   1 
HETATM 1337 O O   . HOH H 5 .   ? -4.697  4.666   -7.601  1.00 26.46  ? 1376 HOH A O   1 
HETATM 1338 O O   . HOH H 5 .   ? 11.686  1.040   4.237   1.00 32.13  ? 1377 HOH A O   1 
HETATM 1339 O O   . HOH H 5 .   ? 10.165  -3.737  0.331   1.00 47.02  ? 1378 HOH A O   1 
HETATM 1340 O O   . HOH H 5 .   ? 11.614  -8.457  -0.289  1.00 44.54  ? 1379 HOH A O   1 
HETATM 1341 O O   . HOH H 5 .   ? -8.841  3.258   0.158   1.00 30.02  ? 1380 HOH A O   1 
HETATM 1342 O O   . HOH H 5 .   ? -2.504  -3.539  -24.691 1.00 43.01  ? 1381 HOH A O   1 
HETATM 1343 O O   . HOH H 5 .   ? -1.371  14.640  1.749   1.00 45.89  ? 1382 HOH A O   1 
HETATM 1344 O O   . HOH H 5 .   ? 7.425   -7.896  -12.840 1.00 33.89  ? 1383 HOH A O   1 
HETATM 1345 O O   . HOH H 5 .   ? 5.707   14.524  -10.059 1.00 30.54  ? 1384 HOH A O   1 
HETATM 1346 O O   . HOH H 5 .   ? 12.492  8.312   -13.471 1.00 45.91  ? 1385 HOH A O   1 
HETATM 1347 O O   . HOH H 5 .   ? 10.551  -12.213 -9.328  1.00 63.24  ? 1386 HOH A O   1 
HETATM 1348 O O   . HOH H 5 .   ? -3.844  -8.048  14.069  1.00 15.68  ? 1387 HOH A O   1 
HETATM 1349 O O   . HOH H 5 .   ? 7.545   8.692   13.600  1.00 42.27  ? 1388 HOH A O   1 
HETATM 1350 O O   . HOH H 5 .   ? -2.363  7.505   -2.251  1.00 30.55  ? 1389 HOH A O   1 
HETATM 1351 O O   . HOH H 5 .   ? 1.103   8.606   -10.256 1.00 20.57  ? 1390 HOH A O   1 
HETATM 1352 O O   . HOH H 5 .   ? -8.282  -0.297  20.369  1.00 27.36  ? 1391 HOH A O   1 
HETATM 1353 O O   . HOH H 5 .   ? 15.917  1.655   -6.454  1.00 67.32  ? 1392 HOH A O   1 
HETATM 1354 O O   . HOH H 5 .   ? 1.699   -11.055 -25.171 1.00 28.95  ? 1393 HOH A O   1 
HETATM 1355 O O   . HOH H 5 .   ? 7.738   -4.677  -20.121 1.00 52.95  ? 1394 HOH A O   1 
HETATM 1356 O O   . HOH H 5 .   ? -7.334  -9.393  -11.122 1.00 64.82  ? 1395 HOH A O   1 
HETATM 1357 O O   . HOH H 5 .   ? 6.038   10.156  2.418   1.00 28.80  ? 1396 HOH A O   1 
HETATM 1358 O O   . HOH H 5 .   ? -5.447  0.115   -8.180  1.00 37.61  ? 1397 HOH A O   1 
HETATM 1359 O O   . HOH H 5 .   ? 8.129   -8.775  -9.762  1.00 26.92  ? 1398 HOH A O   1 
HETATM 1360 O O   . HOH H 5 .   ? 2.845   2.565   -24.754 1.00 42.19  ? 1399 HOH A O   1 
HETATM 1361 O O   . HOH H 5 .   ? -2.866  -6.232  -24.030 1.00 36.16  ? 1400 HOH A O   1 
HETATM 1362 O O   . HOH H 5 .   ? -0.820  11.614  7.397   1.00 45.74  ? 1401 HOH A O   1 
HETATM 1363 O O   . HOH H 5 .   ? -0.313  -14.692 -9.882  1.00 25.64  ? 1402 HOH A O   1 
HETATM 1364 O O   . HOH H 5 .   ? -15.087 -7.714  10.962  1.00 32.75  ? 1403 HOH A O   1 
HETATM 1365 O O   . HOH H 5 .   ? -2.191  -9.350  -18.043 1.00 38.12  ? 1404 HOH A O   1 
HETATM 1366 O O   . HOH H 5 .   ? 11.397  -13.211 -1.897  1.00 54.61  ? 1405 HOH A O   1 
HETATM 1367 O O   . HOH H 5 .   ? -10.872 -5.850  1.731   1.00 37.47  ? 1406 HOH A O   1 
HETATM 1368 O O   . HOH H 5 .   ? 1.127   4.867   10.026  1.00 18.31  ? 1407 HOH A O   1 
HETATM 1369 O O   . HOH H 5 .   ? -5.057  -7.972  18.476  1.00 19.58  ? 1408 HOH A O   1 
HETATM 1370 O O   . HOH H 5 .   ? -8.839  -1.595  -5.783  1.00 46.90  ? 1409 HOH A O   1 
HETATM 1371 O O   . HOH H 5 .   ? 8.706   4.965   14.106  1.00 46.28  ? 1410 HOH A O   1 
HETATM 1372 O O   . HOH H 5 .   ? 7.386   -16.313 -3.116  1.00 34.68  ? 1411 HOH A O   1 
HETATM 1373 O O   . HOH H 5 .   ? 5.176   -16.386 -5.248  1.00 65.71  ? 1412 HOH A O   1 
HETATM 1374 O O   . HOH H 5 .   ? 11.693  -2.858  -6.884  1.00 56.13  ? 1413 HOH A O   1 
HETATM 1375 O O   . HOH H 5 .   ? -8.237  -5.784  18.059  0.60 23.76  ? 1414 HOH A O   1 
HETATM 1376 O O   . HOH H 5 .   ? 10.352  5.823   8.558   1.00 26.28  ? 1415 HOH A O   1 
HETATM 1377 O O   . HOH H 5 .   ? -3.151  -14.736 -7.167  1.00 47.01  ? 1416 HOH A O   1 
HETATM 1378 O O   . HOH H 5 .   ? 1.158   -14.540 3.977   1.00 33.53  ? 1417 HOH A O   1 
HETATM 1379 O O   . HOH H 5 .   ? -14.891 1.572   8.746   1.00 46.19  ? 1418 HOH A O   1 
HETATM 1380 O O   . HOH H 5 .   ? 14.271  0.407   -11.788 1.00 48.05  ? 1419 HOH A O   1 
HETATM 1381 O O   . HOH H 5 .   ? 2.620   14.306  7.029   1.00 54.02  ? 1420 HOH A O   1 
HETATM 1382 O O   . HOH H 5 .   ? 6.641   1.379   -21.118 1.00 58.54  ? 1421 HOH A O   1 
HETATM 1383 O O   . HOH H 5 .   ? 6.643   -0.276  -13.795 1.00 36.91  ? 1422 HOH A O   1 
HETATM 1384 O O   . HOH H 5 .   ? -1.975  8.974   4.292   1.00 33.90  ? 1423 HOH A O   1 
HETATM 1385 O O   . HOH H 5 .   ? -10.102 1.048   -0.260  1.00 42.48  ? 1424 HOH A O   1 
HETATM 1386 O O   . HOH H 5 .   ? -6.977  -9.087  -27.529 1.00 53.10  ? 1425 HOH A O   1 
HETATM 1387 O O   . HOH H 5 .   ? -0.112  5.955   13.123  1.00 24.41  ? 1426 HOH A O   1 
HETATM 1388 O O   . HOH H 5 .   ? -1.333  -14.733 3.454   1.00 48.46  ? 1427 HOH A O   1 
HETATM 1389 O O   . HOH H 5 .   ? -3.459  12.762  15.050  1.00 50.35  ? 1428 HOH A O   1 
HETATM 1390 O O   . HOH H 5 .   ? -10.867 11.053  23.506  1.00 47.65  ? 1429 HOH A O   1 
HETATM 1391 O O   . HOH H 5 .   ? 11.908  3.935   -0.017  1.00 48.54  ? 1430 HOH A O   1 
HETATM 1392 O O   . HOH H 5 .   ? 1.741   -12.916 -0.521  1.00 40.96  ? 1431 HOH A O   1 
HETATM 1393 O O   . HOH H 5 .   ? 0.719   9.469   -12.830 1.00 28.85  ? 1432 HOH A O   1 
HETATM 1394 O O   . HOH H 5 .   ? 1.412   10.723  15.695  1.00 50.25  ? 1433 HOH A O   1 
HETATM 1395 O O   . HOH H 5 .   ? -2.970  -6.169  -31.410 1.00 40.65  ? 1434 HOH A O   1 
HETATM 1396 O O   . HOH H 5 .   ? 4.017   17.520  -14.322 1.00 43.69  ? 1435 HOH A O   1 
HETATM 1397 O O   . HOH H 5 .   ? 12.971  7.505   2.847   1.00 39.04  ? 1436 HOH A O   1 
HETATM 1398 O O   . HOH H 5 .   ? -5.409  9.144   28.679  1.00 56.85  ? 1437 HOH A O   1 
HETATM 1399 O O   . HOH H 5 .   ? -6.417  -0.976  -10.173 1.00 46.86  ? 1438 HOH A O   1 
HETATM 1400 O O   . HOH H 5 .   ? 10.231  -12.986 -14.245 1.00 44.14  ? 1439 HOH A O   1 
HETATM 1401 O O   . HOH H 5 .   ? -10.242 0.343   -4.803  1.00 73.41  ? 1440 HOH A O   1 
HETATM 1402 O O   . HOH H 5 .   ? 1.671   11.525  -17.839 1.00 57.17  ? 1441 HOH A O   1 
HETATM 1403 O O   . HOH H 5 .   ? -8.343  -6.447  -12.839 1.00 59.57  ? 1442 HOH A O   1 
HETATM 1404 O O   . HOH H 5 .   ? 5.803   5.987   18.011  1.00 52.00  ? 1443 HOH A O   1 
HETATM 1405 O O   . HOH H 5 .   ? 0.144   -2.651  -27.929 1.00 37.45  ? 1444 HOH A O   1 
HETATM 1406 O O   . HOH H 5 .   ? 0.009   2.315   27.068  1.00 58.56  ? 1445 HOH A O   1 
HETATM 1407 O O   . HOH H 5 .   ? -2.179  10.058  -3.010  1.00 55.05  ? 1446 HOH A O   1 
HETATM 1408 O O   . HOH H 5 .   ? -9.680  -6.754  -5.001  1.00 52.11  ? 1447 HOH A O   1 
HETATM 1409 O O   . HOH H 5 .   ? -20.426 -2.478  16.415  0.51 38.19  ? 1448 HOH A O   1 
HETATM 1410 O O   . HOH H 5 .   ? -4.944  -17.758 6.509   1.00 52.45  ? 1449 HOH A O   1 
HETATM 1411 O O   . HOH H 5 .   ? -4.933  -6.035  -19.360 1.00 66.74  ? 1450 HOH A O   1 
HETATM 1412 O O   . HOH H 5 .   ? -8.074  1.007   22.998  1.00 44.10  ? 1451 HOH A O   1 
HETATM 1413 O O   . HOH H 5 .   ? -4.209  -12.558 -6.321  1.00 37.14  ? 1452 HOH A O   1 
HETATM 1414 O O   . HOH H 5 .   ? -18.570 3.465   7.687   1.00 69.42  ? 1453 HOH A O   1 
HETATM 1415 O O   . HOH H 5 .   ? -9.186  -7.704  16.333  0.60 31.69  ? 1454 HOH A O   1 
HETATM 1416 O O   . HOH H 5 .   ? 8.809   -3.541  2.468   1.00 52.75  ? 1455 HOH A O   1 
HETATM 1417 O O   . HOH H 5 .   ? 3.740   15.999  5.007   1.00 35.96  ? 1456 HOH A O   1 
HETATM 1418 O O   . HOH H 5 .   ? 12.116  1.938   6.890   1.00 43.76  ? 1457 HOH A O   1 
HETATM 1419 O O   . HOH H 5 .   ? -12.550 -6.109  6.802   1.00 54.02  ? 1458 HOH A O   1 
HETATM 1420 O O   . HOH H 5 .   ? -9.690  4.289   21.763  1.00 53.40  ? 1459 HOH A O   1 
HETATM 1421 O O   . HOH H 5 .   ? -15.553 13.844  15.807  1.00 52.49  ? 1460 HOH A O   1 
HETATM 1422 O O   . HOH H 5 .   ? 8.177   3.588   -7.841  1.00 28.75  ? 1461 HOH A O   1 
HETATM 1423 O O   . HOH H 5 .   ? 6.496   -7.105  10.965  0.51 21.08  ? 1462 HOH A O   1 
HETATM 1424 O O   . HOH H 5 .   ? -4.681  -5.452  -16.817 1.00 49.22  ? 1463 HOH A O   1 
HETATM 1425 O O   . HOH H 5 .   ? 13.920  -4.414  -6.743  1.00 57.13  ? 1464 HOH A O   1 
HETATM 1426 O O   . HOH H 5 .   ? 4.291   -3.952  -27.436 1.00 44.58  ? 1465 HOH A O   1 
HETATM 1427 O O   . HOH H 5 .   ? -0.522  8.082   14.876  1.00 34.16  ? 1466 HOH A O   1 
HETATM 1428 O O   . HOH H 5 .   ? 10.182  -3.069  9.572   0.51 37.07  ? 1467 HOH A O   1 
HETATM 1429 O O   . HOH H 5 .   ? 10.424  6.783   11.285  1.00 31.19  ? 1468 HOH A O   1 
HETATM 1430 O O   . HOH H 5 .   ? -6.426  -12.845 -4.283  1.00 40.41  ? 1469 HOH A O   1 
HETATM 1431 O O   . HOH H 5 .   ? -12.466 -13.163 4.081   1.00 40.14  ? 1470 HOH A O   1 
HETATM 1432 O O   . HOH H 5 .   ? -2.804  -16.934 -6.392  1.00 63.51  ? 1471 HOH A O   1 
HETATM 1433 O O   . HOH H 5 .   ? -11.060 -9.367  -1.127  1.00 33.90  ? 1472 HOH A O   1 
HETATM 1434 O O   . HOH H 5 .   ? -6.022  -14.081 2.143   1.00 46.48  ? 1473 HOH A O   1 
HETATM 1435 O O   . HOH H 5 .   ? -3.973  -8.210  -15.969 1.00 48.79  ? 1474 HOH A O   1 
HETATM 1436 O O   . HOH H 5 .   ? -8.697  -14.808 1.957   1.00 63.12  ? 1475 HOH A O   1 
HETATM 1437 O O   . HOH H 5 .   ? 10.576  -10.330 -10.521 1.00 42.46  ? 1476 HOH A O   1 
HETATM 1438 O O   . HOH H 5 .   ? -5.607  -11.214 -13.021 1.00 52.41  ? 1477 HOH A O   1 
HETATM 1439 O O   . HOH H 5 .   ? 11.480  -1.854  4.139   1.00 57.00  ? 1478 HOH A O   1 
HETATM 1440 O O   . HOH H 5 .   ? -7.460  4.972   -4.447  1.00 32.76  ? 1479 HOH A O   1 
HETATM 1441 O O   . HOH H 5 .   ? 9.498   -14.921 -10.159 1.00 57.99  ? 1480 HOH A O   1 
HETATM 1442 O O   . HOH H 5 .   ? -12.308 -5.539  3.768   1.00 58.71  ? 1481 HOH A O   1 
HETATM 1443 O O   . HOH H 5 .   ? -2.900  -14.229 -10.153 1.00 33.33  ? 1482 HOH A O   1 
HETATM 1444 O O   . HOH H 5 .   ? -9.189  -12.038 -4.411  1.00 39.79  ? 1483 HOH A O   1 
HETATM 1445 O O   . HOH H 5 .   ? -4.561  -13.784 0.142   1.00 58.24  ? 1484 HOH A O   1 
HETATM 1446 O O   . HOH H 5 .   ? 5.476   -15.642 -0.078  1.00 49.68  ? 1485 HOH A O   1 
HETATM 1447 O O   . HOH H 5 .   ? -3.864  7.943   -4.463  1.00 41.14  ? 1486 HOH A O   1 
HETATM 1448 O O   . HOH H 5 .   ? -3.701  2.369   -19.667 1.00 65.68  ? 1487 HOH A O   1 
HETATM 1449 O O   . HOH H 5 .   ? -4.959  -2.083  -17.477 1.00 42.31  ? 1488 HOH A O   1 
HETATM 1450 O O   . HOH H 5 .   ? 4.537   6.923   19.482  1.00 58.84  ? 1489 HOH A O   1 
HETATM 1451 O O   . HOH H 5 .   ? -1.375  2.334   -27.126 1.00 58.10  ? 1490 HOH A O   1 
HETATM 1452 O O   . HOH H 5 .   ? -12.367 -6.954  -0.517  1.00 45.37  ? 1491 HOH A O   1 
HETATM 1453 O O   . HOH H 5 .   ? -0.901  -15.136 -1.137  1.00 52.84  ? 1492 HOH A O   1 
HETATM 1454 O O   . HOH H 5 .   ? -1.150  -8.193  12.980  1.00 21.75  ? 1493 HOH A O   1 
HETATM 1455 O O   . HOH H 5 .   ? -11.754 -13.291 21.492  1.00 76.98  ? 1494 HOH A O   1 
HETATM 1456 O O   . HOH H 5 .   ? -2.809  8.139   -10.178 1.00 31.74  ? 1495 HOH A O   1 
HETATM 1457 O O   . HOH H 5 .   ? -19.910 8.939   12.322  1.00 58.27  ? 1496 HOH A O   1 
HETATM 1458 O O   . HOH H 5 .   ? -4.305  7.575   -8.691  1.00 54.84  ? 1497 HOH A O   1 
HETATM 1459 O O   . HOH H 5 .   ? 10.236  8.927   12.505  1.00 36.29  ? 1498 HOH A O   1 
HETATM 1460 O O   . HOH H 5 .   ? -1.031  10.031  -9.248  1.00 29.87  ? 1499 HOH A O   1 
HETATM 1461 O O   . HOH H 5 .   ? -7.030  2.998   -8.272  1.00 49.17  ? 1500 HOH A O   1 
HETATM 1462 O O   . HOH H 5 .   ? -10.025 -4.487  -5.100  1.00 70.13  ? 1501 HOH A O   1 
HETATM 1463 O O   . HOH H 5 .   ? -13.392 -3.340  7.471   1.00 57.65  ? 1502 HOH A O   1 
HETATM 1464 O O   . HOH H 5 .   ? -3.608  9.340   -6.329  1.00 50.33  ? 1503 HOH A O   1 
HETATM 1465 O O   . HOH H 5 .   ? 11.960  -5.678  0.407   1.00 54.67  ? 1504 HOH A O   1 
HETATM 1466 O O   . HOH H 5 .   ? 9.408   -6.915  -14.316 1.00 48.28  ? 1505 HOH A O   1 
HETATM 1467 O O   . HOH H 5 .   ? -0.787  11.439  -12.799 1.00 66.94  ? 1506 HOH A O   1 
HETATM 1468 O O   . HOH H 5 .   ? 0.345   -13.510 0.987   1.00 45.68  ? 1507 HOH A O   1 
HETATM 1469 O O   . HOH H 5 .   ? -3.397  12.731  -6.811  1.00 47.48  ? 1508 HOH A O   1 
HETATM 1470 O O   . HOH H 5 .   ? -5.885  -13.941 -2.222  1.00 47.17  ? 1509 HOH A O   1 
HETATM 1471 O O   . HOH H 5 .   ? 1.523   -12.377 -22.793 1.00 24.19  ? 1510 HOH A O   1 
HETATM 1472 O O   . HOH H 5 .   ? 11.640  -11.353 -3.694  1.00 45.28  ? 1511 HOH A O   1 
HETATM 1473 O O   . HOH H 5 .   ? -11.456 -12.044 -0.343  1.00 36.60  ? 1512 HOH A O   1 
HETATM 1474 O O   . HOH H 5 .   ? 8.912   0.527   -14.446 1.00 56.89  ? 1513 HOH A O   1 
HETATM 1475 O O   . HOH H 5 .   ? -6.120  1.317   -12.273 1.00 52.78  ? 1514 HOH A O   1 
HETATM 1476 O O   . HOH H 5 .   ? -7.470  3.287   -11.340 1.00 58.88  ? 1515 HOH A O   1 
HETATM 1477 O O   . HOH H 5 .   ? -4.617  13.553  12.972  1.00 55.25  ? 1516 HOH A O   1 
HETATM 1478 O O   . HOH H 5 .   ? 13.316  -4.413  -12.348 1.00 64.19  ? 1517 HOH A O   1 
HETATM 1479 O O   . HOH H 5 .   ? -6.108  -4.446  -15.530 1.00 68.45  ? 1518 HOH A O   1 
HETATM 1480 O O   . HOH H 5 .   ? -1.571  12.380  -10.698 1.00 37.60  ? 1519 HOH A O   1 
HETATM 1481 O O   . HOH H 5 .   ? -10.204 -13.692 -2.601  1.00 44.09  ? 1520 HOH A O   1 
HETATM 1482 O O   . HOH H 5 .   ? -8.278  -15.027 -1.451  1.00 53.45  ? 1521 HOH A O   1 
# 
